data_9EGT
#
_entry.id   9EGT
#
_cell.length_a   1.00
_cell.length_b   1.00
_cell.length_c   1.00
_cell.angle_alpha   90.00
_cell.angle_beta   90.00
_cell.angle_gamma   90.00
#
_symmetry.space_group_name_H-M   'P 1'
#
loop_
_entity.id
_entity.type
_entity.pdbx_description
1 polymer Bestrophin-1
2 non-polymer 'CALCIUM ION'
3 water water
#
_entity_poly.entity_id   1
_entity_poly.type   'polypeptide(L)'
_entity_poly.pdbx_seq_one_letter_code
;TITYTSQVANARLGSFSRLLLCWRGSIYKLLYGEFLIFLLCYYIIRFIYRLALTEEQQLMFEKLTLYCDSYIQLIPISFV
LGFYVTLVVTRWWNQYENLPWPDRLMSLVSGFVEGKDEQGRLLRRTLIRYANLGNVLILRSVSTAVYKRFPSAQHLVQAG
FMTPAEHKQLEKLSLPHNMFWVPWVWFANLSMKAWLGGRIRDPILLQSLLNEMNTLRTQCGHLYAYDWISIPLVYTQVVT
VAVYSFFLTCLVGRQFLNPAKAYPGHELDLVVPVFTFLQFFFYVGWLKVAEQLINPFGEDDDDFETNWIVDRNLQVSLLA
VDEMHQDLPRMEPDMYWNKPEPQPPYTAASAQFRRASFMGSTFNISLNKEEMEFQPNQEDEEDAHAGIIGRFLGLQSSNS
LEVLFQ
;
_entity_poly.pdbx_strand_id   A,B,C,D,E
#
loop_
_chem_comp.id
_chem_comp.type
_chem_comp.name
_chem_comp.formula
CA non-polymer 'CALCIUM ION' 'Ca 2'
#
# COMPACT_ATOMS: atom_id res chain seq x y z
N THR A 1 11.81 6.47 -22.00
CA THR A 1 11.07 7.35 -21.11
C THR A 1 10.67 8.63 -21.83
N ILE A 2 9.38 8.90 -21.89
CA ILE A 2 8.85 10.13 -22.47
C ILE A 2 8.52 11.07 -21.33
N THR A 3 9.22 12.21 -21.27
CA THR A 3 9.05 13.16 -20.18
C THR A 3 8.26 14.35 -20.67
N TYR A 4 7.17 14.67 -19.97
CA TYR A 4 6.36 15.84 -20.26
C TYR A 4 5.98 16.56 -18.97
N THR A 5 6.78 16.41 -17.93
CA THR A 5 6.46 16.97 -16.63
C THR A 5 6.42 18.50 -16.67
N SER A 6 7.35 19.12 -17.40
CA SER A 6 7.38 20.57 -17.47
C SER A 6 6.18 21.14 -18.21
N GLN A 7 5.58 20.35 -19.11
CA GLN A 7 4.42 20.81 -19.86
C GLN A 7 3.14 20.76 -19.06
N VAL A 8 3.13 20.05 -17.93
CA VAL A 8 1.93 19.93 -17.09
C VAL A 8 2.24 20.44 -15.70
N ALA A 9 3.14 21.42 -15.61
CA ALA A 9 3.47 22.00 -14.30
C ALA A 9 2.27 22.75 -13.72
N ASN A 10 1.51 23.44 -14.55
CA ASN A 10 0.35 24.19 -14.12
C ASN A 10 -0.89 23.66 -14.83
N ALA A 11 -2.00 23.61 -14.10
CA ALA A 11 -3.29 23.23 -14.68
C ALA A 11 -3.84 24.44 -15.42
N ARG A 12 -3.65 24.47 -16.73
CA ARG A 12 -4.09 25.57 -17.58
C ARG A 12 -5.25 25.10 -18.46
N LEU A 13 -5.75 26.02 -19.28
CA LEU A 13 -6.87 25.72 -20.17
C LEU A 13 -6.42 24.70 -21.21
N GLY A 14 -6.93 23.48 -21.09
CA GLY A 14 -6.53 22.41 -21.99
C GLY A 14 -5.09 21.99 -21.83
N SER A 15 -4.65 21.77 -20.59
CA SER A 15 -3.27 21.35 -20.36
C SER A 15 -3.00 19.97 -20.94
N PHE A 16 -3.95 19.06 -20.79
CA PHE A 16 -3.81 17.73 -21.37
C PHE A 16 -4.16 17.69 -22.85
N SER A 17 -4.69 18.78 -23.41
CA SER A 17 -5.03 18.81 -24.82
C SER A 17 -3.78 18.82 -25.70
N ARG A 18 -2.75 19.58 -25.28
CA ARG A 18 -1.52 19.66 -26.06
C ARG A 18 -0.76 18.35 -26.08
N LEU A 19 -1.03 17.45 -25.13
CA LEU A 19 -0.39 16.14 -25.10
C LEU A 19 -0.99 15.16 -26.09
N LEU A 20 -2.16 15.47 -26.67
CA LEU A 20 -2.77 14.61 -27.67
C LEU A 20 -2.08 14.71 -29.03
N LEU A 21 -1.20 15.71 -29.23
CA LEU A 21 -0.51 15.90 -30.48
C LEU A 21 0.91 15.34 -30.46
N CYS A 22 1.13 14.27 -29.72
CA CYS A 22 2.44 13.62 -29.62
C CYS A 22 2.41 12.28 -30.35
N TRP A 23 3.59 11.83 -30.75
CA TRP A 23 3.73 10.54 -31.42
C TRP A 23 4.64 9.58 -30.69
N ARG A 24 5.78 10.04 -30.18
CA ARG A 24 6.64 9.17 -29.38
C ARG A 24 6.00 8.90 -28.03
N GLY A 25 5.84 7.62 -27.71
CA GLY A 25 5.18 7.25 -26.48
C GLY A 25 3.69 7.48 -26.47
N SER A 26 3.09 7.70 -27.64
CA SER A 26 1.67 7.97 -27.73
C SER A 26 0.88 6.67 -27.80
N ILE A 27 -0.44 6.80 -27.57
CA ILE A 27 -1.32 5.65 -27.68
C ILE A 27 -1.65 5.31 -29.12
N TYR A 28 -1.58 6.30 -30.03
CA TYR A 28 -1.78 6.02 -31.45
C TYR A 28 -0.68 5.12 -31.98
N LYS A 29 0.56 5.35 -31.56
CA LYS A 29 1.66 4.51 -32.01
C LYS A 29 1.49 3.07 -31.53
N LEU A 30 0.95 2.89 -30.32
CA LEU A 30 0.69 1.56 -29.80
C LEU A 30 -0.60 0.94 -30.32
N LEU A 31 -1.47 1.73 -30.94
CA LEU A 31 -2.79 1.24 -31.32
C LEU A 31 -3.05 1.17 -32.81
N TYR A 32 -2.19 1.75 -33.65
CA TYR A 32 -2.56 1.92 -35.05
C TYR A 32 -2.67 0.59 -35.79
N GLY A 33 -1.76 -0.35 -35.52
CA GLY A 33 -1.84 -1.63 -36.21
C GLY A 33 -3.08 -2.43 -35.85
N GLU A 34 -3.37 -2.52 -34.55
CA GLU A 34 -4.57 -3.23 -34.11
C GLU A 34 -5.84 -2.53 -34.59
N PHE A 35 -5.83 -1.19 -34.61
CA PHE A 35 -7.00 -0.46 -35.07
C PHE A 35 -7.21 -0.66 -36.57
N LEU A 36 -6.13 -0.70 -37.35
CA LEU A 36 -6.27 -0.97 -38.78
C LEU A 36 -6.79 -2.38 -39.03
N ILE A 37 -6.30 -3.37 -38.27
CA ILE A 37 -6.81 -4.72 -38.42
C ILE A 37 -8.29 -4.79 -38.07
N PHE A 38 -8.68 -4.15 -36.95
CA PHE A 38 -10.08 -4.14 -36.54
C PHE A 38 -10.96 -3.42 -37.56
N LEU A 39 -10.48 -2.30 -38.09
CA LEU A 39 -11.22 -1.55 -39.11
C LEU A 39 -11.42 -2.39 -40.36
N LEU A 40 -10.34 -3.06 -40.81
CA LEU A 40 -10.44 -3.90 -42.00
C LEU A 40 -11.42 -5.04 -41.80
N CYS A 41 -11.34 -5.72 -40.65
CA CYS A 41 -12.27 -6.82 -40.39
C CYS A 41 -13.71 -6.33 -40.30
N TYR A 42 -13.94 -5.20 -39.62
CA TYR A 42 -15.28 -4.67 -39.48
C TYR A 42 -15.88 -4.31 -40.83
N TYR A 43 -15.10 -3.65 -41.69
CA TYR A 43 -15.66 -3.26 -42.98
C TYR A 43 -15.75 -4.42 -43.96
N ILE A 44 -14.90 -5.43 -43.84
CA ILE A 44 -15.08 -6.64 -44.64
C ILE A 44 -16.37 -7.34 -44.25
N ILE A 45 -16.65 -7.44 -42.94
CA ILE A 45 -17.91 -8.04 -42.51
C ILE A 45 -19.09 -7.21 -42.96
N ARG A 46 -18.96 -5.88 -42.91
CA ARG A 46 -20.04 -5.00 -43.38
C ARG A 46 -20.30 -5.19 -44.86
N PHE A 47 -19.25 -5.28 -45.67
CA PHE A 47 -19.44 -5.46 -47.11
C PHE A 47 -20.00 -6.84 -47.43
N ILE A 48 -19.64 -7.86 -46.64
CA ILE A 48 -20.24 -9.17 -46.82
C ILE A 48 -21.73 -9.14 -46.50
N TYR A 49 -22.10 -8.45 -45.42
CA TYR A 49 -23.50 -8.41 -45.02
C TYR A 49 -24.35 -7.60 -46.00
N ARG A 50 -23.86 -6.43 -46.41
CA ARG A 50 -24.67 -5.54 -47.24
C ARG A 50 -24.75 -6.01 -48.69
N LEU A 51 -23.75 -6.72 -49.18
CA LEU A 51 -23.70 -7.08 -50.60
C LEU A 51 -23.74 -8.59 -50.84
N ALA A 52 -22.88 -9.35 -50.17
CA ALA A 52 -22.72 -10.76 -50.53
C ALA A 52 -23.87 -11.64 -50.04
N LEU A 53 -24.46 -11.32 -48.89
CA LEU A 53 -25.43 -12.21 -48.28
C LEU A 53 -26.79 -12.15 -48.98
N THR A 54 -27.42 -13.32 -49.10
CA THR A 54 -28.80 -13.41 -49.54
C THR A 54 -29.72 -12.90 -48.42
N GLU A 55 -30.96 -12.55 -48.80
CA GLU A 55 -31.86 -11.88 -47.87
C GLU A 55 -32.14 -12.72 -46.63
N GLU A 56 -32.32 -14.03 -46.79
CA GLU A 56 -32.51 -14.89 -45.62
C GLU A 56 -31.26 -14.92 -44.76
N GLN A 57 -30.08 -14.98 -45.39
CA GLN A 57 -28.84 -14.93 -44.64
C GLN A 57 -28.63 -13.57 -44.01
N GLN A 58 -29.17 -12.51 -44.63
CA GLN A 58 -29.14 -11.19 -44.00
C GLN A 58 -30.01 -11.16 -42.75
N LEU A 59 -31.18 -11.80 -42.81
CA LEU A 59 -32.03 -11.89 -41.62
C LEU A 59 -31.34 -12.68 -40.51
N MET A 60 -30.68 -13.79 -40.89
CA MET A 60 -29.94 -14.57 -39.91
C MET A 60 -28.80 -13.75 -39.30
N PHE A 61 -28.10 -12.98 -40.13
CA PHE A 61 -27.02 -12.14 -39.64
C PHE A 61 -27.55 -11.02 -38.74
N GLU A 62 -28.71 -10.47 -39.05
CA GLU A 62 -29.31 -9.45 -38.19
C GLU A 62 -29.68 -10.03 -36.84
N LYS A 63 -30.26 -11.23 -36.82
CA LYS A 63 -30.57 -11.88 -35.54
C LYS A 63 -29.30 -12.17 -34.76
N LEU A 64 -28.24 -12.63 -35.45
CA LEU A 64 -26.97 -12.90 -34.79
C LEU A 64 -26.37 -11.61 -34.23
N THR A 65 -26.47 -10.51 -34.99
CA THR A 65 -25.94 -9.22 -34.54
C THR A 65 -26.69 -8.74 -33.30
N LEU A 66 -28.02 -8.86 -33.29
CA LEU A 66 -28.78 -8.48 -32.10
C LEU A 66 -28.42 -9.37 -30.91
N TYR A 67 -28.23 -10.67 -31.16
CA TYR A 67 -27.86 -11.58 -30.08
C TYR A 67 -26.49 -11.21 -29.50
N CYS A 68 -25.53 -10.88 -30.35
CA CYS A 68 -24.20 -10.53 -29.87
C CYS A 68 -24.19 -9.17 -29.19
N ASP A 69 -24.98 -8.22 -29.68
CA ASP A 69 -25.01 -6.89 -29.09
C ASP A 69 -25.76 -6.87 -27.76
N SER A 70 -26.73 -7.76 -27.58
CA SER A 70 -27.45 -7.82 -26.31
C SER A 70 -26.65 -8.49 -25.20
N TYR A 71 -25.64 -9.29 -25.54
CA TYR A 71 -24.85 -10.01 -24.55
C TYR A 71 -23.38 -9.58 -24.56
N ILE A 72 -23.09 -8.38 -25.06
CA ILE A 72 -21.72 -7.87 -25.01
C ILE A 72 -21.33 -7.53 -23.58
N GLN A 73 -22.30 -7.19 -22.73
CA GLN A 73 -22.03 -6.82 -21.35
C GLN A 73 -21.71 -8.02 -20.46
N LEU A 74 -21.91 -9.24 -20.94
CA LEU A 74 -21.55 -10.42 -20.16
C LEU A 74 -20.03 -10.55 -19.97
N ILE A 75 -19.25 -9.92 -20.82
CA ILE A 75 -17.79 -9.98 -20.75
C ILE A 75 -17.31 -8.92 -19.77
N PRO A 76 -16.69 -9.30 -18.65
CA PRO A 76 -16.17 -8.31 -17.69
C PRO A 76 -14.79 -7.80 -18.07
N ILE A 77 -14.74 -7.03 -19.17
CA ILE A 77 -13.46 -6.52 -19.65
C ILE A 77 -12.92 -5.47 -18.68
N SER A 78 -13.80 -4.62 -18.14
CA SER A 78 -13.35 -3.58 -17.23
C SER A 78 -12.77 -4.16 -15.94
N PHE A 79 -13.37 -5.23 -15.43
CA PHE A 79 -12.95 -5.83 -14.17
C PHE A 79 -11.52 -6.37 -14.26
N VAL A 80 -11.31 -7.35 -15.15
CA VAL A 80 -9.98 -7.94 -15.29
C VAL A 80 -8.99 -6.92 -15.83
N LEU A 81 -9.43 -6.01 -16.69
CA LEU A 81 -8.53 -4.99 -17.23
C LEU A 81 -8.02 -4.07 -16.12
N GLY A 82 -8.91 -3.64 -15.23
CA GLY A 82 -8.48 -2.79 -14.13
C GLY A 82 -7.57 -3.51 -13.16
N PHE A 83 -7.90 -4.75 -12.80
CA PHE A 83 -7.01 -5.50 -11.92
C PHE A 83 -5.63 -5.66 -12.54
N TYR A 84 -5.59 -6.07 -13.81
CA TYR A 84 -4.32 -6.32 -14.47
C TYR A 84 -3.49 -5.05 -14.59
N VAL A 85 -4.12 -3.94 -14.97
CA VAL A 85 -3.38 -2.70 -15.16
C VAL A 85 -2.90 -2.14 -13.83
N THR A 86 -3.71 -2.26 -12.77
CA THR A 86 -3.25 -1.83 -11.45
C THR A 86 -2.03 -2.63 -11.01
N LEU A 87 -2.08 -3.96 -11.19
CA LEU A 87 -0.93 -4.78 -10.84
C LEU A 87 0.29 -4.43 -11.67
N VAL A 88 0.10 -4.19 -12.96
CA VAL A 88 1.21 -3.85 -13.85
C VAL A 88 1.85 -2.53 -13.43
N VAL A 89 1.04 -1.53 -13.10
CA VAL A 89 1.59 -0.23 -12.71
C VAL A 89 2.31 -0.31 -11.37
N THR A 90 1.74 -1.05 -10.42
CA THR A 90 2.41 -1.23 -9.13
C THR A 90 3.76 -1.90 -9.32
N ARG A 91 3.79 -2.99 -10.10
CA ARG A 91 5.06 -3.68 -10.35
C ARG A 91 6.02 -2.81 -11.15
N TRP A 92 5.51 -1.95 -12.03
CA TRP A 92 6.35 -1.09 -12.84
C TRP A 92 7.07 -0.05 -11.97
N TRP A 93 6.34 0.61 -11.08
CA TRP A 93 7.02 1.57 -10.21
C TRP A 93 7.89 0.87 -9.18
N ASN A 94 7.53 -0.35 -8.76
CA ASN A 94 8.43 -1.10 -7.89
C ASN A 94 9.72 -1.49 -8.61
N GLN A 95 9.62 -1.83 -9.90
CA GLN A 95 10.82 -2.16 -10.67
C GLN A 95 11.69 -0.93 -10.86
N TYR A 96 11.10 0.25 -11.04
CA TYR A 96 11.94 1.44 -11.13
C TYR A 96 12.56 1.78 -9.77
N GLU A 97 11.81 1.60 -8.68
CA GLU A 97 12.33 1.96 -7.36
C GLU A 97 13.50 1.08 -6.94
N ASN A 98 13.68 -0.09 -7.57
CA ASN A 98 14.78 -0.98 -7.25
C ASN A 98 15.91 -0.90 -8.26
N LEU A 99 15.91 0.10 -9.12
CA LEU A 99 17.07 0.36 -9.96
C LEU A 99 18.20 0.91 -9.10
N PRO A 100 19.37 0.28 -9.09
CA PRO A 100 20.43 0.72 -8.17
C PRO A 100 21.08 2.03 -8.61
N TRP A 101 21.26 2.92 -7.64
CA TRP A 101 22.01 4.15 -7.82
C TRP A 101 23.19 4.14 -6.87
N PRO A 102 24.42 4.28 -7.35
CA PRO A 102 25.58 4.13 -6.46
C PRO A 102 26.00 5.42 -5.78
N ASP A 103 25.13 6.42 -5.72
CA ASP A 103 25.53 7.74 -5.26
C ASP A 103 25.91 7.74 -3.77
N ARG A 104 25.10 7.12 -2.92
CA ARG A 104 25.45 7.01 -1.51
C ARG A 104 26.76 6.23 -1.33
N LEU A 105 26.87 5.12 -2.04
CA LEU A 105 28.07 4.29 -1.93
C LEU A 105 29.29 5.01 -2.47
N MET A 106 29.15 5.75 -3.57
CA MET A 106 30.29 6.46 -4.14
C MET A 106 30.70 7.62 -3.25
N SER A 107 29.75 8.26 -2.57
CA SER A 107 30.11 9.27 -1.58
C SER A 107 30.91 8.64 -0.44
N LEU A 108 30.46 7.48 0.04
CA LEU A 108 31.20 6.82 1.12
C LEU A 108 32.57 6.33 0.65
N VAL A 109 32.70 5.94 -0.61
CA VAL A 109 34.00 5.52 -1.12
C VAL A 109 34.93 6.72 -1.25
N SER A 110 34.42 7.84 -1.76
CA SER A 110 35.22 9.05 -1.89
C SER A 110 35.64 9.59 -0.53
N GLY A 111 34.81 9.39 0.49
CA GLY A 111 35.18 9.85 1.82
C GLY A 111 36.07 8.92 2.62
N PHE A 112 35.64 7.67 2.79
CA PHE A 112 36.28 6.77 3.75
C PHE A 112 37.62 6.27 3.26
N VAL A 113 37.72 5.88 1.98
CA VAL A 113 38.93 5.25 1.47
C VAL A 113 39.95 6.35 1.20
N GLU A 114 41.02 6.37 1.99
CA GLU A 114 42.00 7.45 1.96
C GLU A 114 43.15 7.13 1.00
N GLY A 115 43.90 8.17 0.68
CA GLY A 115 45.07 8.02 -0.18
C GLY A 115 44.94 8.75 -1.51
N LYS A 116 45.72 9.82 -1.68
CA LYS A 116 45.76 10.54 -2.94
C LYS A 116 46.80 10.00 -3.90
N ASP A 117 47.51 8.94 -3.53
CA ASP A 117 48.46 8.29 -4.41
C ASP A 117 47.74 7.41 -5.42
N GLU A 118 48.52 6.70 -6.24
CA GLU A 118 47.92 5.86 -7.27
C GLU A 118 47.24 4.64 -6.68
N GLN A 119 47.71 4.15 -5.54
CA GLN A 119 47.12 2.96 -4.95
C GLN A 119 45.73 3.24 -4.40
N GLY A 120 45.55 4.38 -3.72
CA GLY A 120 44.23 4.74 -3.24
C GLY A 120 43.26 5.04 -4.39
N ARG A 121 43.75 5.71 -5.44
CA ARG A 121 42.94 5.91 -6.63
C ARG A 121 42.49 4.58 -7.21
N LEU A 122 43.43 3.65 -7.36
CA LEU A 122 43.09 2.34 -7.91
C LEU A 122 42.08 1.63 -7.04
N LEU A 123 42.26 1.70 -5.72
CA LEU A 123 41.35 1.02 -4.80
C LEU A 123 39.94 1.59 -4.89
N ARG A 124 39.80 2.91 -4.88
CA ARG A 124 38.48 3.53 -4.95
C ARG A 124 37.81 3.24 -6.29
N ARG A 125 38.56 3.36 -7.39
CA ARG A 125 37.98 3.08 -8.70
C ARG A 125 37.57 1.62 -8.81
N THR A 126 38.36 0.70 -8.26
CA THR A 126 38.01 -0.71 -8.31
C THR A 126 36.76 -1.01 -7.48
N LEU A 127 36.63 -0.40 -6.30
CA LEU A 127 35.44 -0.63 -5.50
C LEU A 127 34.17 -0.11 -6.20
N ILE A 128 34.21 1.14 -6.67
CA ILE A 128 33.02 1.68 -7.29
C ILE A 128 32.74 1.02 -8.63
N ARG A 129 33.77 0.51 -9.31
CA ARG A 129 33.53 -0.24 -10.53
C ARG A 129 33.03 -1.65 -10.24
N TYR A 130 33.36 -2.21 -9.08
CA TYR A 130 32.69 -3.44 -8.65
C TYR A 130 31.20 -3.20 -8.48
N ALA A 131 30.83 -2.08 -7.85
CA ALA A 131 29.42 -1.73 -7.71
C ALA A 131 28.75 -1.59 -9.06
N ASN A 132 29.36 -0.82 -9.96
CA ASN A 132 28.79 -0.60 -11.29
C ASN A 132 28.76 -1.89 -12.11
N LEU A 133 29.76 -2.76 -11.92
CA LEU A 133 29.78 -4.03 -12.64
C LEU A 133 28.66 -4.95 -12.18
N GLY A 134 28.39 -5.00 -10.87
CA GLY A 134 27.24 -5.76 -10.40
C GLY A 134 25.94 -5.21 -10.94
N ASN A 135 25.80 -3.88 -10.94
CA ASN A 135 24.58 -3.26 -11.49
C ASN A 135 24.41 -3.60 -12.97
N VAL A 136 25.49 -3.50 -13.75
CA VAL A 136 25.37 -3.77 -15.18
C VAL A 136 25.20 -5.26 -15.44
N LEU A 137 25.70 -6.12 -14.55
CA LEU A 137 25.49 -7.55 -14.71
C LEU A 137 24.05 -7.93 -14.47
N ILE A 138 23.39 -7.27 -13.53
CA ILE A 138 21.96 -7.57 -13.36
C ILE A 138 21.12 -6.90 -14.45
N LEU A 139 21.53 -5.72 -14.93
CA LEU A 139 20.78 -5.08 -16.00
C LEU A 139 20.96 -5.77 -17.34
N ARG A 140 22.08 -6.47 -17.55
CA ARG A 140 22.24 -7.28 -18.75
C ARG A 140 21.25 -8.44 -18.76
N SER A 141 20.87 -8.93 -17.59
CA SER A 141 19.94 -10.04 -17.48
C SER A 141 18.48 -9.59 -17.48
N VAL A 142 18.18 -8.42 -16.92
CA VAL A 142 16.78 -7.98 -16.82
C VAL A 142 16.35 -7.08 -17.97
N SER A 143 17.28 -6.56 -18.76
CA SER A 143 16.96 -5.59 -19.81
C SER A 143 17.45 -6.11 -21.16
N THR A 144 16.58 -6.03 -22.16
CA THR A 144 16.97 -6.42 -23.52
C THR A 144 17.82 -5.36 -24.21
N ALA A 145 17.64 -4.09 -23.85
CA ALA A 145 18.47 -3.04 -24.44
C ALA A 145 19.92 -3.14 -23.96
N VAL A 146 20.10 -3.36 -22.66
CA VAL A 146 21.45 -3.53 -22.13
C VAL A 146 22.09 -4.80 -22.67
N TYR A 147 21.29 -5.85 -22.85
CA TYR A 147 21.81 -7.09 -23.42
C TYR A 147 22.18 -6.92 -24.89
N LYS A 148 21.43 -6.09 -25.62
CA LYS A 148 21.80 -5.80 -27.01
C LYS A 148 23.05 -4.93 -27.06
N ARG A 149 23.26 -4.07 -26.06
CA ARG A 149 24.51 -3.32 -26.01
C ARG A 149 25.68 -4.21 -25.62
N PHE A 150 25.46 -5.15 -24.70
CA PHE A 150 26.50 -6.06 -24.21
C PHE A 150 26.02 -7.49 -24.40
N PRO A 151 26.18 -8.05 -25.60
CA PRO A 151 25.78 -9.46 -25.81
C PRO A 151 26.61 -10.45 -25.02
N SER A 152 27.81 -10.08 -24.57
CA SER A 152 28.67 -10.99 -23.82
C SER A 152 29.45 -10.19 -22.79
N ALA A 153 30.12 -10.91 -21.88
CA ALA A 153 30.98 -10.27 -20.91
C ALA A 153 32.22 -9.66 -21.54
N GLN A 154 32.63 -10.16 -22.72
CA GLN A 154 33.72 -9.52 -23.44
C GLN A 154 33.34 -8.12 -23.89
N HIS A 155 32.07 -7.90 -24.23
CA HIS A 155 31.61 -6.55 -24.52
C HIS A 155 31.67 -5.67 -23.28
N LEU A 156 31.50 -6.25 -22.09
CA LEU A 156 31.71 -5.49 -20.87
C LEU A 156 33.18 -5.19 -20.63
N VAL A 157 34.07 -6.09 -21.08
CA VAL A 157 35.49 -5.79 -21.02
C VAL A 157 35.85 -4.65 -21.96
N GLN A 158 35.29 -4.67 -23.18
CA GLN A 158 35.54 -3.59 -24.14
C GLN A 158 34.92 -2.27 -23.70
N ALA A 159 33.94 -2.30 -22.81
CA ALA A 159 33.28 -1.10 -22.32
C ALA A 159 33.87 -0.57 -21.03
N GLY A 160 34.95 -1.17 -20.54
CA GLY A 160 35.60 -0.70 -19.34
C GLY A 160 34.92 -1.08 -18.04
N PHE A 161 33.83 -1.84 -18.09
CA PHE A 161 33.19 -2.29 -16.87
C PHE A 161 33.94 -3.42 -16.19
N MET A 162 34.62 -4.27 -16.97
CA MET A 162 35.30 -5.44 -16.46
C MET A 162 36.71 -5.47 -17.00
N THR A 163 37.68 -5.75 -16.14
CA THR A 163 39.03 -5.99 -16.60
C THR A 163 39.18 -7.43 -17.07
N PRO A 164 40.16 -7.71 -17.93
CA PRO A 164 40.38 -9.11 -18.33
C PRO A 164 40.68 -10.05 -17.17
N ALA A 165 41.33 -9.56 -16.12
CA ALA A 165 41.53 -10.38 -14.93
C ALA A 165 40.21 -10.72 -14.27
N GLU A 166 39.30 -9.75 -14.17
CA GLU A 166 37.98 -10.02 -13.62
C GLU A 166 37.19 -10.96 -14.52
N HIS A 167 37.34 -10.83 -15.84
CA HIS A 167 36.67 -11.74 -16.76
C HIS A 167 37.16 -13.17 -16.59
N LYS A 168 38.48 -13.34 -16.44
CA LYS A 168 39.03 -14.67 -16.21
C LYS A 168 38.58 -15.23 -14.87
N GLN A 169 38.55 -14.39 -13.84
CA GLN A 169 38.09 -14.84 -12.52
C GLN A 169 36.62 -15.24 -12.56
N LEU A 170 35.80 -14.50 -13.29
CA LEU A 170 34.38 -14.81 -13.40
C LEU A 170 34.15 -16.06 -14.23
N GLU A 171 34.97 -16.30 -15.25
CA GLU A 171 34.87 -17.55 -15.99
C GLU A 171 35.31 -18.73 -15.13
N LYS A 172 36.30 -18.52 -14.27
CA LYS A 172 36.75 -19.58 -13.36
C LYS A 172 35.66 -19.93 -12.35
N LEU A 173 34.93 -18.93 -11.86
CA LEU A 173 33.90 -19.11 -10.85
C LEU A 173 32.54 -19.46 -11.44
N SER A 174 32.51 -20.01 -12.65
CA SER A 174 31.25 -20.22 -13.34
C SER A 174 30.42 -21.32 -12.67
N LEU A 175 29.14 -21.04 -12.52
CA LEU A 175 28.13 -21.96 -12.02
C LEU A 175 26.91 -21.85 -12.92
N PRO A 176 26.01 -22.85 -12.88
CA PRO A 176 24.83 -22.80 -13.76
C PRO A 176 23.78 -21.79 -13.35
N HIS A 177 24.09 -20.87 -12.44
CA HIS A 177 23.20 -19.78 -12.07
C HIS A 177 23.78 -18.47 -12.59
N ASN A 178 23.00 -17.41 -12.43
CA ASN A 178 23.45 -16.07 -12.80
C ASN A 178 24.56 -15.63 -11.86
N MET A 179 25.56 -14.94 -12.42
CA MET A 179 26.76 -14.56 -11.67
C MET A 179 26.80 -13.06 -11.38
N PHE A 180 25.64 -12.43 -11.18
CA PHE A 180 25.62 -11.01 -10.88
C PHE A 180 26.05 -10.72 -9.45
N TRP A 181 25.97 -11.72 -8.56
CA TRP A 181 26.30 -11.55 -7.15
C TRP A 181 27.80 -11.51 -6.88
N VAL A 182 28.62 -11.91 -7.85
CA VAL A 182 30.07 -12.03 -7.61
C VAL A 182 30.71 -10.70 -7.25
N PRO A 183 30.44 -9.58 -7.94
CA PRO A 183 31.09 -8.32 -7.57
C PRO A 183 30.79 -7.86 -6.15
N TRP A 184 29.70 -8.33 -5.53
CA TRP A 184 29.44 -7.97 -4.14
C TRP A 184 30.42 -8.67 -3.21
N VAL A 185 30.70 -9.96 -3.45
CA VAL A 185 31.71 -10.64 -2.66
C VAL A 185 33.08 -10.04 -2.94
N TRP A 186 33.35 -9.65 -4.19
CA TRP A 186 34.59 -8.96 -4.49
C TRP A 186 34.69 -7.66 -3.72
N PHE A 187 33.60 -6.90 -3.65
CA PHE A 187 33.59 -5.63 -2.91
C PHE A 187 33.85 -5.87 -1.43
N ALA A 188 33.21 -6.89 -0.86
CA ALA A 188 33.41 -7.19 0.56
C ALA A 188 34.87 -7.54 0.85
N ASN A 189 35.45 -8.41 0.02
CA ASN A 189 36.83 -8.83 0.26
C ASN A 189 37.82 -7.68 0.03
N LEU A 190 37.59 -6.87 -1.00
CA LEU A 190 38.48 -5.75 -1.26
C LEU A 190 38.37 -4.68 -0.19
N SER A 191 37.17 -4.45 0.34
CA SER A 191 37.00 -3.50 1.44
C SER A 191 37.65 -4.02 2.71
N MET A 192 37.56 -5.33 2.97
CA MET A 192 38.27 -5.90 4.11
C MET A 192 39.78 -5.74 3.96
N LYS A 193 40.30 -5.98 2.76
CA LYS A 193 41.73 -5.78 2.52
C LYS A 193 42.12 -4.32 2.66
N ALA A 194 41.26 -3.40 2.24
CA ALA A 194 41.53 -1.97 2.39
C ALA A 194 41.57 -1.57 3.85
N TRP A 195 40.64 -2.10 4.66
CA TRP A 195 40.66 -1.78 6.08
C TRP A 195 41.87 -2.38 6.77
N LEU A 196 42.26 -3.61 6.40
CA LEU A 196 43.42 -4.23 7.02
C LEU A 196 44.72 -3.56 6.57
N GLY A 197 44.72 -2.95 5.39
CA GLY A 197 45.88 -2.25 4.89
C GLY A 197 46.04 -0.82 5.35
N GLY A 198 45.11 -0.32 6.16
CA GLY A 198 45.17 1.03 6.66
C GLY A 198 44.52 2.07 5.79
N ARG A 199 44.02 1.69 4.61
CA ARG A 199 43.35 2.65 3.74
C ARG A 199 42.02 3.12 4.34
N ILE A 200 41.33 2.24 5.04
CA ILE A 200 40.13 2.60 5.79
C ILE A 200 40.52 2.68 7.26
N ARG A 201 40.30 3.83 7.87
CA ARG A 201 40.86 4.10 9.19
C ARG A 201 40.10 3.37 10.31
N ASP A 202 38.78 3.27 10.19
CA ASP A 202 37.98 2.64 11.23
C ASP A 202 37.02 1.63 10.62
N PRO A 203 36.73 0.54 11.34
CA PRO A 203 35.80 -0.46 10.81
C PRO A 203 34.35 0.01 10.74
N ILE A 204 33.99 1.11 11.39
CA ILE A 204 32.65 1.65 11.24
C ILE A 204 32.44 2.18 9.82
N LEU A 205 33.49 2.76 9.23
CA LEU A 205 33.43 3.16 7.83
C LEU A 205 33.28 1.95 6.92
N LEU A 206 33.96 0.86 7.26
CA LEU A 206 33.81 -0.40 6.53
C LEU A 206 32.37 -0.89 6.62
N GLN A 207 31.76 -0.79 7.81
CA GLN A 207 30.36 -1.18 7.96
C GLN A 207 29.44 -0.32 7.11
N SER A 208 29.69 0.99 7.07
CA SER A 208 28.84 1.86 6.24
C SER A 208 28.98 1.52 4.76
N LEU A 209 30.23 1.30 4.30
CA LEU A 209 30.44 0.93 2.91
C LEU A 209 29.72 -0.36 2.55
N LEU A 210 29.83 -1.37 3.41
CA LEU A 210 29.19 -2.64 3.13
C LEU A 210 27.67 -2.57 3.29
N ASN A 211 27.16 -1.67 4.13
CA ASN A 211 25.72 -1.47 4.21
C ASN A 211 25.17 -0.86 2.93
N GLU A 212 25.86 0.14 2.37
CA GLU A 212 25.43 0.68 1.09
C GLU A 212 25.53 -0.36 -0.01
N MET A 213 26.62 -1.14 -0.01
CA MET A 213 26.76 -2.19 -1.01
C MET A 213 25.67 -3.25 -0.88
N ASN A 214 25.29 -3.59 0.35
CA ASN A 214 24.22 -4.58 0.54
C ASN A 214 22.86 -4.03 0.17
N THR A 215 22.65 -2.72 0.36
CA THR A 215 21.42 -2.11 -0.15
C THR A 215 21.34 -2.21 -1.66
N LEU A 216 22.47 -1.96 -2.34
CA LEU A 216 22.52 -2.15 -3.79
C LEU A 216 22.26 -3.61 -4.14
N ARG A 217 22.79 -4.55 -3.34
CA ARG A 217 22.54 -5.96 -3.59
C ARG A 217 21.07 -6.30 -3.47
N THR A 218 20.39 -5.73 -2.47
CA THR A 218 18.95 -5.97 -2.31
C THR A 218 18.18 -5.41 -3.50
N GLN A 219 18.55 -4.22 -3.96
CA GLN A 219 17.87 -3.66 -5.13
C GLN A 219 18.07 -4.52 -6.37
N CYS A 220 19.29 -4.99 -6.60
CA CYS A 220 19.55 -5.85 -7.75
C CYS A 220 18.85 -7.19 -7.62
N GLY A 221 18.76 -7.72 -6.40
CA GLY A 221 18.01 -8.95 -6.19
C GLY A 221 16.53 -8.77 -6.45
N HIS A 222 15.98 -7.61 -6.11
CA HIS A 222 14.58 -7.32 -6.44
C HIS A 222 14.40 -7.18 -7.95
N LEU A 223 15.37 -6.61 -8.64
CA LEU A 223 15.30 -6.56 -10.10
C LEU A 223 15.31 -7.97 -10.70
N TYR A 224 16.20 -8.82 -10.21
CA TYR A 224 16.22 -10.21 -10.66
C TYR A 224 14.92 -10.93 -10.33
N ALA A 225 14.33 -10.62 -9.17
CA ALA A 225 13.06 -11.22 -8.78
C ALA A 225 11.94 -10.81 -9.72
N TYR A 226 11.89 -9.53 -10.09
CA TYR A 226 10.85 -9.08 -11.00
C TYR A 226 11.05 -9.60 -12.41
N ASP A 227 12.30 -9.79 -12.83
CA ASP A 227 12.54 -10.39 -14.13
C ASP A 227 12.17 -11.87 -14.14
N TRP A 228 12.50 -12.59 -13.07
CA TRP A 228 12.23 -14.02 -13.02
C TRP A 228 10.75 -14.29 -12.77
N ILE A 229 10.23 -13.80 -11.64
CA ILE A 229 8.84 -14.02 -11.25
C ILE A 229 7.99 -13.00 -11.99
N SER A 230 7.45 -13.38 -13.13
CA SER A 230 6.58 -12.52 -13.91
C SER A 230 5.17 -12.54 -13.32
N ILE A 231 4.33 -11.65 -13.83
CA ILE A 231 2.89 -11.81 -13.57
C ILE A 231 2.45 -13.16 -14.10
N PRO A 232 1.66 -13.93 -13.36
CA PRO A 232 1.30 -15.27 -13.84
C PRO A 232 0.68 -15.23 -15.23
N LEU A 233 1.11 -16.16 -16.08
CA LEU A 233 0.68 -16.20 -17.48
C LEU A 233 -0.84 -16.36 -17.59
N VAL A 234 -1.47 -16.93 -16.57
CA VAL A 234 -2.92 -17.10 -16.58
C VAL A 234 -3.62 -15.74 -16.62
N TYR A 235 -3.12 -14.77 -15.85
CA TYR A 235 -3.70 -13.44 -15.86
C TYR A 235 -3.60 -12.80 -17.24
N THR A 236 -2.41 -12.89 -17.86
CA THR A 236 -2.23 -12.32 -19.18
C THR A 236 -3.15 -12.98 -20.20
N GLN A 237 -3.25 -14.30 -20.16
CA GLN A 237 -4.13 -15.01 -21.09
C GLN A 237 -5.58 -14.61 -20.87
N VAL A 238 -6.01 -14.51 -19.61
CA VAL A 238 -7.40 -14.17 -19.33
C VAL A 238 -7.74 -12.77 -19.82
N VAL A 239 -6.86 -11.79 -19.54
CA VAL A 239 -7.16 -10.43 -19.96
C VAL A 239 -7.09 -10.30 -21.49
N THR A 240 -6.15 -11.00 -22.12
CA THR A 240 -6.07 -10.97 -23.59
C THR A 240 -7.31 -11.58 -24.21
N VAL A 241 -7.76 -12.72 -23.70
CA VAL A 241 -8.98 -13.34 -24.21
C VAL A 241 -10.18 -12.43 -23.95
N ALA A 242 -10.20 -11.74 -22.81
CA ALA A 242 -11.31 -10.83 -22.53
C ALA A 242 -11.39 -9.73 -23.57
N VAL A 243 -10.28 -9.02 -23.81
CA VAL A 243 -10.31 -7.93 -24.77
C VAL A 243 -10.58 -8.43 -26.19
N TYR A 244 -9.91 -9.52 -26.58
CA TYR A 244 -10.05 -10.04 -27.93
C TYR A 244 -11.46 -10.55 -28.18
N SER A 245 -12.06 -11.25 -27.21
CA SER A 245 -13.42 -11.73 -27.38
C SER A 245 -14.41 -10.59 -27.36
N PHE A 246 -14.19 -9.58 -26.53
CA PHE A 246 -15.06 -8.41 -26.52
C PHE A 246 -15.12 -7.76 -27.89
N PHE A 247 -13.96 -7.56 -28.51
CA PHE A 247 -13.99 -6.85 -29.79
C PHE A 247 -14.20 -7.76 -31.00
N LEU A 248 -13.97 -9.07 -30.86
CA LEU A 248 -14.46 -10.00 -31.87
C LEU A 248 -15.98 -10.07 -31.85
N THR A 249 -16.59 -9.98 -30.68
CA THR A 249 -18.04 -9.84 -30.60
C THR A 249 -18.49 -8.52 -31.20
N CYS A 250 -17.79 -7.43 -30.90
CA CYS A 250 -18.13 -6.13 -31.47
C CYS A 250 -17.95 -6.10 -32.98
N LEU A 251 -17.13 -6.99 -33.54
CA LEU A 251 -17.02 -7.09 -35.00
C LEU A 251 -18.34 -7.46 -35.66
N VAL A 252 -19.25 -8.11 -34.93
CA VAL A 252 -20.52 -8.57 -35.46
C VAL A 252 -21.69 -7.80 -34.86
N GLY A 253 -21.72 -7.68 -33.53
CA GLY A 253 -22.85 -7.08 -32.85
C GLY A 253 -22.93 -5.57 -32.99
N ARG A 254 -21.82 -4.91 -33.29
CA ARG A 254 -21.80 -3.47 -33.48
C ARG A 254 -21.96 -3.07 -34.94
N GLN A 255 -22.28 -4.01 -35.82
CA GLN A 255 -22.55 -3.68 -37.21
C GLN A 255 -23.85 -2.91 -37.32
N PHE A 256 -23.88 -1.94 -38.24
CA PHE A 256 -25.08 -1.15 -38.49
C PHE A 256 -26.02 -1.95 -39.38
N LEU A 257 -27.17 -2.35 -38.81
CA LEU A 257 -28.13 -3.15 -39.55
C LEU A 257 -28.92 -2.28 -40.52
N ASN A 258 -29.72 -2.94 -41.35
CA ASN A 258 -30.49 -2.26 -42.38
C ASN A 258 -31.59 -1.42 -41.73
N PRO A 259 -31.63 -0.10 -41.94
CA PRO A 259 -32.70 0.72 -41.35
C PRO A 259 -34.07 0.45 -41.94
N ALA A 260 -34.16 -0.19 -43.11
CA ALA A 260 -35.46 -0.54 -43.66
C ALA A 260 -36.18 -1.57 -42.80
N LYS A 261 -35.43 -2.44 -42.13
CA LYS A 261 -36.03 -3.42 -41.23
C LYS A 261 -36.61 -2.79 -39.98
N ALA A 262 -36.20 -1.56 -39.65
CA ALA A 262 -36.70 -0.82 -38.50
C ALA A 262 -36.49 -1.59 -37.20
N TYR A 263 -35.27 -2.07 -37.01
CA TYR A 263 -34.93 -2.75 -35.76
C TYR A 263 -34.81 -1.73 -34.62
N PRO A 264 -35.21 -2.10 -33.40
CA PRO A 264 -35.05 -1.18 -32.26
C PRO A 264 -33.58 -0.99 -31.93
N GLY A 265 -33.14 0.26 -31.92
CA GLY A 265 -31.75 0.59 -31.68
C GLY A 265 -30.90 0.71 -32.94
N HIS A 266 -31.43 0.32 -34.09
CA HIS A 266 -30.72 0.41 -35.36
C HIS A 266 -31.48 1.28 -36.36
N GLU A 267 -32.16 2.32 -35.86
CA GLU A 267 -32.92 3.18 -36.75
C GLU A 267 -32.02 4.01 -37.64
N LEU A 268 -30.95 4.57 -37.08
CA LEU A 268 -30.02 5.42 -37.81
C LEU A 268 -28.83 4.60 -38.27
N ASP A 269 -28.57 4.62 -39.57
CA ASP A 269 -27.47 3.84 -40.17
C ASP A 269 -26.33 4.78 -40.49
N LEU A 270 -25.33 4.80 -39.61
CA LEU A 270 -24.08 5.48 -39.90
C LEU A 270 -23.11 4.50 -40.56
N VAL A 271 -22.00 5.04 -41.06
CA VAL A 271 -20.95 4.22 -41.65
C VAL A 271 -19.85 3.92 -40.64
N VAL A 272 -19.45 4.90 -39.85
CA VAL A 272 -18.36 4.77 -38.90
C VAL A 272 -18.96 4.53 -37.51
N PRO A 273 -18.68 3.39 -36.88
CA PRO A 273 -19.11 3.20 -35.48
C PRO A 273 -18.23 3.99 -34.51
N VAL A 274 -18.56 5.26 -34.31
CA VAL A 274 -17.73 6.13 -33.49
C VAL A 274 -17.60 5.61 -32.06
N PHE A 275 -18.73 5.17 -31.47
CA PHE A 275 -18.68 4.68 -30.10
C PHE A 275 -17.91 3.37 -29.99
N THR A 276 -18.07 2.47 -30.97
CA THR A 276 -17.31 1.22 -30.94
C THR A 276 -15.82 1.49 -31.11
N PHE A 277 -15.45 2.43 -31.98
CA PHE A 277 -14.04 2.78 -32.14
C PHE A 277 -13.48 3.45 -30.91
N LEU A 278 -14.29 4.26 -30.22
CA LEU A 278 -13.85 4.84 -28.95
C LEU A 278 -13.65 3.76 -27.88
N GLN A 279 -14.55 2.78 -27.84
CA GLN A 279 -14.38 1.67 -26.91
C GLN A 279 -13.12 0.88 -27.25
N PHE A 280 -12.86 0.65 -28.53
CA PHE A 280 -11.62 0.01 -28.94
C PHE A 280 -10.43 0.82 -28.47
N PHE A 281 -10.45 2.14 -28.73
CA PHE A 281 -9.42 3.03 -28.24
C PHE A 281 -9.15 2.80 -26.76
N PHE A 282 -10.18 2.98 -25.93
CA PHE A 282 -9.98 2.93 -24.48
C PHE A 282 -9.51 1.55 -24.02
N TYR A 283 -10.25 0.50 -24.38
CA TYR A 283 -9.97 -0.82 -23.82
C TYR A 283 -8.69 -1.42 -24.40
N VAL A 284 -8.54 -1.38 -25.73
CA VAL A 284 -7.33 -1.92 -26.33
C VAL A 284 -6.12 -1.06 -25.97
N GLY A 285 -6.29 0.24 -25.74
CA GLY A 285 -5.18 1.03 -25.25
C GLY A 285 -4.79 0.68 -23.84
N TRP A 286 -5.77 0.39 -22.99
CA TRP A 286 -5.47 -0.15 -21.66
C TRP A 286 -4.68 -1.45 -21.78
N LEU A 287 -5.11 -2.33 -22.68
CA LEU A 287 -4.37 -3.57 -22.90
C LEU A 287 -2.96 -3.30 -23.42
N LYS A 288 -2.80 -2.31 -24.29
CA LYS A 288 -1.50 -2.03 -24.87
C LYS A 288 -0.56 -1.39 -23.85
N VAL A 289 -1.08 -0.57 -22.94
CA VAL A 289 -0.21 -0.04 -21.89
C VAL A 289 0.14 -1.14 -20.91
N ALA A 290 -0.76 -2.12 -20.70
CA ALA A 290 -0.37 -3.31 -19.95
C ALA A 290 0.74 -4.06 -20.66
N GLU A 291 0.67 -4.17 -21.99
CA GLU A 291 1.70 -4.84 -22.77
C GLU A 291 3.02 -4.05 -22.77
N GLN A 292 2.96 -2.74 -22.61
CA GLN A 292 4.14 -1.90 -22.68
C GLN A 292 4.85 -1.79 -21.33
N LEU A 293 4.10 -1.75 -20.23
CA LEU A 293 4.69 -1.63 -18.91
C LEU A 293 4.89 -2.98 -18.22
N ILE A 294 4.54 -4.09 -18.86
CA ILE A 294 4.75 -5.40 -18.25
C ILE A 294 6.23 -5.69 -18.08
N ASN A 295 7.04 -5.30 -19.07
CA ASN A 295 8.49 -5.38 -18.99
C ASN A 295 9.03 -3.99 -19.31
N PRO A 296 9.26 -3.16 -18.30
CA PRO A 296 9.71 -1.79 -18.54
C PRO A 296 11.19 -1.66 -18.86
N PHE A 297 11.88 -2.77 -19.14
CA PHE A 297 13.28 -2.76 -19.49
C PHE A 297 13.53 -3.13 -20.95
N GLY A 298 12.49 -3.10 -21.78
CA GLY A 298 12.65 -3.39 -23.19
C GLY A 298 13.17 -2.20 -23.98
N GLU A 299 12.56 -1.95 -25.13
CA GLU A 299 12.96 -0.84 -25.99
C GLU A 299 11.75 -0.05 -26.48
N ASP A 300 10.71 0.02 -25.66
CA ASP A 300 9.58 0.87 -25.96
C ASP A 300 9.94 2.33 -25.69
N ASP A 301 9.10 3.24 -26.21
CA ASP A 301 9.35 4.66 -26.00
C ASP A 301 9.22 5.04 -24.53
N ASP A 302 8.27 4.45 -23.82
CA ASP A 302 8.06 4.73 -22.40
C ASP A 302 8.83 3.79 -21.49
N ASP A 303 9.63 2.88 -22.03
CA ASP A 303 10.46 2.03 -21.20
C ASP A 303 11.66 2.82 -20.66
N PHE A 304 12.27 2.27 -19.61
CA PHE A 304 13.34 2.98 -18.93
C PHE A 304 14.58 3.10 -19.81
N GLU A 305 15.28 4.23 -19.67
CA GLU A 305 16.52 4.46 -20.41
C GLU A 305 17.69 3.86 -19.62
N THR A 306 17.72 2.52 -19.62
CA THR A 306 18.66 1.81 -18.76
C THR A 306 20.11 1.95 -19.25
N ASN A 307 20.32 2.05 -20.57
CA ASN A 307 21.66 2.31 -21.07
C ASN A 307 22.18 3.67 -20.62
N TRP A 308 21.31 4.69 -20.66
CA TRP A 308 21.69 5.99 -20.15
C TRP A 308 21.99 5.93 -18.66
N ILE A 309 21.20 5.18 -17.90
CA ILE A 309 21.44 5.05 -16.46
C ILE A 309 22.77 4.37 -16.22
N VAL A 310 23.09 3.33 -16.99
CA VAL A 310 24.36 2.64 -16.85
C VAL A 310 25.53 3.59 -17.12
N ASP A 311 25.46 4.32 -18.24
CA ASP A 311 26.53 5.25 -18.58
C ASP A 311 26.67 6.36 -17.55
N ARG A 312 25.55 6.92 -17.10
CA ARG A 312 25.59 7.99 -16.12
C ARG A 312 26.14 7.51 -14.80
N ASN A 313 25.72 6.32 -14.35
CA ASN A 313 26.25 5.79 -13.09
C ASN A 313 27.74 5.57 -13.18
N LEU A 314 28.22 4.96 -14.26
CA LEU A 314 29.65 4.72 -14.41
C LEU A 314 30.42 6.03 -14.41
N GLN A 315 30.00 6.99 -15.23
CA GLN A 315 30.73 8.24 -15.37
C GLN A 315 30.72 9.03 -14.07
N VAL A 316 29.55 9.15 -13.43
CA VAL A 316 29.42 9.92 -12.21
C VAL A 316 30.20 9.28 -11.08
N SER A 317 30.14 7.95 -10.95
CA SER A 317 30.88 7.27 -9.91
C SER A 317 32.39 7.43 -10.10
N LEU A 318 32.88 7.27 -11.33
CA LEU A 318 34.30 7.41 -11.57
C LEU A 318 34.77 8.84 -11.36
N LEU A 319 33.91 9.82 -11.63
CA LEU A 319 34.27 11.21 -11.32
C LEU A 319 34.28 11.45 -9.81
N ALA A 320 33.31 10.87 -9.09
CA ALA A 320 33.16 11.17 -7.68
C ALA A 320 34.27 10.53 -6.84
N VAL A 321 34.67 9.29 -7.18
CA VAL A 321 35.64 8.60 -6.33
C VAL A 321 37.09 8.94 -6.67
N ASP A 322 37.35 9.55 -7.83
CA ASP A 322 38.72 9.79 -8.27
C ASP A 322 39.08 11.27 -8.30
N GLU A 323 38.34 12.07 -9.06
CA GLU A 323 38.67 13.48 -9.18
C GLU A 323 38.18 14.30 -8.01
N MET A 324 37.15 13.84 -7.30
CA MET A 324 36.55 14.58 -6.21
C MET A 324 37.00 14.09 -4.83
N HIS A 325 37.93 13.14 -4.78
CA HIS A 325 38.42 12.67 -3.49
C HIS A 325 39.33 13.72 -2.86
N GLN A 326 38.92 14.24 -1.70
CA GLN A 326 39.65 15.27 -0.98
C GLN A 326 39.95 16.47 -1.88
N ASP A 327 39.03 16.76 -2.79
CA ASP A 327 39.12 17.91 -3.69
C ASP A 327 37.91 18.79 -3.37
N LEU A 328 38.09 19.69 -2.41
CA LEU A 328 36.98 20.49 -1.94
C LEU A 328 37.12 21.93 -2.43
N PRO A 329 36.00 22.62 -2.67
CA PRO A 329 36.05 24.06 -2.90
C PRO A 329 36.51 24.78 -1.63
N ARG A 330 37.14 25.93 -1.83
CA ARG A 330 37.69 26.67 -0.71
C ARG A 330 36.59 27.06 0.26
N MET A 331 36.81 26.77 1.55
CA MET A 331 35.81 27.01 2.57
C MET A 331 35.88 28.48 3.00
N GLU A 332 34.89 29.25 2.60
CA GLU A 332 34.85 30.69 2.82
C GLU A 332 33.51 31.07 3.43
N PRO A 333 33.46 32.18 4.17
CA PRO A 333 32.18 32.63 4.73
C PRO A 333 31.16 32.93 3.64
N ASP A 334 29.91 32.59 3.92
CA ASP A 334 28.83 32.74 2.96
C ASP A 334 28.22 34.13 3.07
N MET A 335 27.08 34.34 2.39
CA MET A 335 26.46 35.66 2.38
C MET A 335 25.87 36.02 3.74
N TYR A 336 25.30 35.04 4.45
CA TYR A 336 24.65 35.29 5.72
C TYR A 336 25.58 35.13 6.91
N TRP A 337 26.89 35.28 6.70
CA TRP A 337 27.86 35.15 7.77
C TRP A 337 27.74 36.35 8.71
N ASN A 338 27.31 36.10 9.94
CA ASN A 338 27.14 37.14 10.96
C ASN A 338 26.22 38.27 10.47
N THR B 1 -0.08 25.74 -1.84
CA THR B 1 -0.79 24.93 -0.86
C THR B 1 -1.91 25.73 -0.22
N ILE B 2 -3.14 25.24 -0.33
CA ILE B 2 -4.30 25.85 0.30
C ILE B 2 -4.61 25.05 1.56
N THR B 3 -4.49 25.69 2.71
CA THR B 3 -4.68 25.02 3.99
C THR B 3 -6.02 25.42 4.58
N TYR B 4 -6.84 24.41 4.89
CA TYR B 4 -8.13 24.62 5.55
C TYR B 4 -8.34 23.61 6.67
N THR B 5 -7.25 23.09 7.23
CA THR B 5 -7.34 22.05 8.24
C THR B 5 -8.04 22.54 9.50
N SER B 6 -7.76 23.78 9.92
CA SER B 6 -8.39 24.30 11.12
C SER B 6 -9.89 24.51 10.95
N GLN B 7 -10.34 24.71 9.72
CA GLN B 7 -11.76 24.92 9.46
C GLN B 7 -12.56 23.62 9.48
N VAL B 8 -11.89 22.48 9.40
CA VAL B 8 -12.57 21.19 9.40
C VAL B 8 -12.08 20.34 10.56
N ALA B 9 -11.71 21.00 11.66
CA ALA B 9 -11.26 20.28 12.84
C ALA B 9 -12.38 19.45 13.44
N ASN B 10 -13.60 19.99 13.45
CA ASN B 10 -14.77 19.32 14.00
C ASN B 10 -15.81 19.14 12.91
N ALA B 11 -16.48 17.99 12.93
CA ALA B 11 -17.59 17.73 12.01
C ALA B 11 -18.82 18.46 12.55
N ARG B 12 -19.11 19.63 12.01
CA ARG B 12 -20.22 20.45 12.43
C ARG B 12 -21.28 20.48 11.34
N LEU B 13 -22.37 21.20 11.61
CA LEU B 13 -23.47 21.30 10.65
C LEU B 13 -22.99 22.05 9.42
N GLY B 14 -22.85 21.32 8.30
CA GLY B 14 -22.36 21.91 7.08
C GLY B 14 -20.91 22.35 7.16
N SER B 15 -20.04 21.48 7.67
CA SER B 15 -18.63 21.81 7.77
C SER B 15 -18.00 21.99 6.40
N PHE B 16 -18.35 21.13 5.44
CA PHE B 16 -17.86 21.25 4.08
C PHE B 16 -18.62 22.29 3.27
N SER B 17 -19.72 22.83 3.81
CA SER B 17 -20.47 23.84 3.08
C SER B 17 -19.72 25.16 3.00
N ARG B 18 -19.04 25.55 4.09
CA ARG B 18 -18.30 26.80 4.11
C ARG B 18 -17.10 26.77 3.17
N LEU B 19 -16.63 25.58 2.79
CA LEU B 19 -15.52 25.46 1.86
C LEU B 19 -15.93 25.68 0.41
N LEU B 20 -17.23 25.68 0.11
CA LEU B 20 -17.70 25.95 -1.24
C LEU B 20 -17.61 27.42 -1.62
N LEU B 21 -17.37 28.31 -0.65
CA LEU B 21 -17.29 29.75 -0.90
C LEU B 21 -15.84 30.23 -1.00
N CYS B 22 -14.95 29.39 -1.52
CA CYS B 22 -13.55 29.73 -1.70
C CYS B 22 -13.23 29.90 -3.17
N TRP B 23 -12.17 30.66 -3.46
CA TRP B 23 -11.73 30.87 -4.82
C TRP B 23 -10.29 30.41 -5.07
N ARG B 24 -9.36 30.68 -4.15
CA ARG B 24 -8.02 30.17 -4.31
C ARG B 24 -7.99 28.66 -4.06
N GLY B 25 -7.46 27.92 -5.03
CA GLY B 25 -7.46 26.48 -4.93
C GLY B 25 -8.81 25.84 -5.11
N SER B 26 -9.79 26.57 -5.62
CA SER B 26 -11.14 26.05 -5.79
C SER B 26 -11.27 25.33 -7.12
N ILE B 27 -12.35 24.56 -7.23
CA ILE B 27 -12.63 23.85 -8.48
C ILE B 27 -13.24 24.79 -9.52
N TYR B 28 -13.90 25.86 -9.09
CA TYR B 28 -14.42 26.84 -10.04
C TYR B 28 -13.29 27.53 -10.79
N LYS B 29 -12.20 27.84 -10.09
CA LYS B 29 -11.05 28.48 -10.73
C LYS B 29 -10.43 27.56 -11.76
N LEU B 30 -10.40 26.26 -11.49
CA LEU B 30 -9.87 25.28 -12.44
C LEU B 30 -10.87 24.91 -13.53
N LEU B 31 -12.15 25.24 -13.37
CA LEU B 31 -13.18 24.76 -14.28
C LEU B 31 -13.85 25.84 -15.11
N TYR B 32 -13.65 27.13 -14.80
CA TYR B 32 -14.50 28.14 -15.40
C TYR B 32 -14.26 28.28 -16.90
N GLY B 33 -13.01 28.21 -17.35
CA GLY B 33 -12.74 28.34 -18.77
C GLY B 33 -13.32 27.19 -19.59
N GLU B 34 -13.10 25.96 -19.14
CA GLU B 34 -13.66 24.81 -19.83
C GLU B 34 -15.18 24.82 -19.78
N PHE B 35 -15.76 25.25 -18.66
CA PHE B 35 -17.21 25.30 -18.55
C PHE B 35 -17.80 26.36 -19.46
N LEU B 36 -17.12 27.50 -19.59
CA LEU B 36 -17.59 28.52 -20.53
C LEU B 36 -17.50 28.04 -21.96
N ILE B 37 -16.42 27.34 -22.32
CA ILE B 37 -16.32 26.80 -23.67
C ILE B 37 -17.42 25.78 -23.93
N PHE B 38 -17.66 24.88 -22.97
CA PHE B 38 -18.70 23.88 -23.12
C PHE B 38 -20.08 24.51 -23.21
N LEU B 39 -20.34 25.52 -22.38
CA LEU B 39 -21.62 26.24 -22.41
C LEU B 39 -21.83 26.91 -23.76
N LEU B 40 -20.80 27.58 -24.27
CA LEU B 40 -20.90 28.26 -25.56
C LEU B 40 -21.17 27.26 -26.67
N CYS B 41 -20.45 26.15 -26.69
CA CYS B 41 -20.66 25.14 -27.74
C CYS B 41 -22.05 24.54 -27.65
N TYR B 42 -22.50 24.22 -26.42
CA TYR B 42 -23.82 23.63 -26.25
C TYR B 42 -24.91 24.57 -26.73
N TYR B 43 -24.82 25.84 -26.38
CA TYR B 43 -25.89 26.76 -26.78
C TYR B 43 -25.79 27.16 -28.25
N ILE B 44 -24.59 27.15 -28.84
CA ILE B 44 -24.48 27.34 -30.28
C ILE B 44 -25.16 26.18 -31.01
N ILE B 45 -24.91 24.94 -30.56
CA ILE B 45 -25.56 23.80 -31.18
C ILE B 45 -27.07 23.87 -30.99
N ARG B 46 -27.51 24.30 -29.80
CA ARG B 46 -28.95 24.45 -29.55
C ARG B 46 -29.59 25.47 -30.47
N PHE B 47 -28.92 26.62 -30.66
CA PHE B 47 -29.47 27.65 -31.53
C PHE B 47 -29.45 27.22 -32.99
N ILE B 48 -28.46 26.42 -33.39
CA ILE B 48 -28.46 25.87 -34.74
C ILE B 48 -29.62 24.91 -34.93
N TYR B 49 -29.87 24.05 -33.93
CA TYR B 49 -30.94 23.07 -34.07
C TYR B 49 -32.32 23.72 -34.05
N ARG B 50 -32.55 24.66 -33.13
CA ARG B 50 -33.88 25.22 -32.96
C ARG B 50 -34.23 26.22 -34.06
N LEU B 51 -33.24 26.89 -34.65
CA LEU B 51 -33.50 27.96 -35.61
C LEU B 51 -32.97 27.66 -37.00
N ALA B 52 -31.70 27.30 -37.13
CA ALA B 52 -31.07 27.23 -38.44
C ALA B 52 -31.51 26.01 -39.25
N LEU B 53 -31.76 24.88 -38.58
CA LEU B 53 -31.99 23.63 -39.29
C LEU B 53 -33.39 23.57 -39.91
N THR B 54 -33.46 23.00 -41.12
CA THR B 54 -34.73 22.67 -41.74
C THR B 54 -35.36 21.48 -41.02
N GLU B 55 -36.67 21.31 -41.21
CA GLU B 55 -37.41 20.32 -40.44
C GLU B 55 -36.88 18.91 -40.64
N GLU B 56 -36.52 18.54 -41.87
CA GLU B 56 -35.93 17.22 -42.10
C GLU B 56 -34.58 17.11 -41.42
N GLN B 57 -33.77 18.17 -41.46
CA GLN B 57 -32.50 18.17 -40.75
C GLN B 57 -32.71 18.17 -39.25
N GLN B 58 -33.81 18.76 -38.77
CA GLN B 58 -34.15 18.66 -37.37
C GLN B 58 -34.49 17.23 -36.97
N LEU B 59 -35.22 16.51 -37.83
CA LEU B 59 -35.51 15.11 -37.57
C LEU B 59 -34.21 14.28 -37.54
N MET B 60 -33.31 14.55 -38.49
CA MET B 60 -32.03 13.87 -38.50
C MET B 60 -31.22 14.17 -37.25
N PHE B 61 -31.23 15.43 -36.80
CA PHE B 61 -30.52 15.81 -35.58
C PHE B 61 -31.15 15.16 -34.35
N GLU B 62 -32.48 15.04 -34.33
CA GLU B 62 -33.14 14.36 -33.21
C GLU B 62 -32.76 12.88 -33.16
N LYS B 63 -32.72 12.22 -34.31
CA LYS B 63 -32.29 10.83 -34.34
C LYS B 63 -30.83 10.71 -33.91
N LEU B 64 -29.97 11.62 -34.36
CA LEU B 64 -28.58 11.61 -33.94
C LEU B 64 -28.44 11.85 -32.44
N THR B 65 -29.25 12.76 -31.89
CA THR B 65 -29.21 13.04 -30.46
C THR B 65 -29.64 11.83 -29.66
N LEU B 66 -30.70 11.14 -30.08
CA LEU B 66 -31.11 9.92 -29.40
C LEU B 66 -30.04 8.84 -29.50
N TYR B 67 -29.41 8.72 -30.67
CA TYR B 67 -28.34 7.74 -30.85
C TYR B 67 -27.16 8.02 -29.93
N CYS B 68 -26.77 9.29 -29.81
CA CYS B 68 -25.65 9.65 -28.95
C CYS B 68 -26.00 9.51 -27.47
N ASP B 69 -27.24 9.83 -27.09
CA ASP B 69 -27.64 9.74 -25.69
C ASP B 69 -27.84 8.31 -25.24
N SER B 70 -28.22 7.41 -26.16
CA SER B 70 -28.38 6.01 -25.81
C SER B 70 -27.05 5.28 -25.63
N TYR B 71 -25.97 5.79 -26.22
CA TYR B 71 -24.67 5.13 -26.17
C TYR B 71 -23.62 5.97 -25.45
N ILE B 72 -24.05 6.90 -24.59
CA ILE B 72 -23.11 7.67 -23.80
C ILE B 72 -22.46 6.79 -22.74
N GLN B 73 -23.14 5.74 -22.30
CA GLN B 73 -22.61 4.85 -21.27
C GLN B 73 -21.54 3.90 -21.78
N LEU B 74 -21.34 3.83 -23.10
CA LEU B 74 -20.27 2.98 -23.64
C LEU B 74 -18.89 3.51 -23.28
N ILE B 75 -18.78 4.79 -22.94
CA ILE B 75 -17.50 5.41 -22.61
C ILE B 75 -17.22 5.16 -21.13
N PRO B 76 -16.17 4.43 -20.77
CA PRO B 76 -15.86 4.19 -19.35
C PRO B 76 -15.04 5.33 -18.75
N ILE B 77 -15.68 6.49 -18.60
CA ILE B 77 -14.99 7.65 -18.07
C ILE B 77 -14.66 7.45 -16.59
N SER B 78 -15.58 6.84 -15.84
CA SER B 78 -15.36 6.64 -14.41
C SER B 78 -14.20 5.69 -14.16
N PHE B 79 -14.08 4.64 -14.99
CA PHE B 79 -13.05 3.62 -14.78
C PHE B 79 -11.65 4.21 -14.94
N VAL B 80 -11.34 4.74 -16.12
CA VAL B 80 -10.02 5.30 -16.36
C VAL B 80 -9.80 6.53 -15.50
N LEU B 81 -10.84 7.32 -15.24
CA LEU B 81 -10.70 8.50 -14.41
C LEU B 81 -10.30 8.13 -12.98
N GLY B 82 -10.95 7.10 -12.42
CA GLY B 82 -10.60 6.67 -11.08
C GLY B 82 -9.20 6.10 -11.00
N PHE B 83 -8.83 5.26 -11.97
CA PHE B 83 -7.47 4.72 -11.97
C PHE B 83 -6.44 5.84 -12.05
N TYR B 84 -6.64 6.77 -12.98
CA TYR B 84 -5.67 7.85 -13.18
C TYR B 84 -5.57 8.74 -11.96
N VAL B 85 -6.71 9.10 -11.35
CA VAL B 85 -6.68 9.99 -10.21
C VAL B 85 -6.07 9.30 -8.99
N THR B 86 -6.35 8.01 -8.80
CA THR B 86 -5.72 7.29 -7.70
C THR B 86 -4.22 7.25 -7.87
N LEU B 87 -3.74 6.97 -9.09
CA LEU B 87 -2.30 6.96 -9.33
C LEU B 87 -1.69 8.34 -9.11
N VAL B 88 -2.39 9.39 -9.57
CA VAL B 88 -1.89 10.76 -9.42
C VAL B 88 -1.78 11.13 -7.94
N VAL B 89 -2.78 10.79 -7.14
CA VAL B 89 -2.76 11.14 -5.73
C VAL B 89 -1.67 10.36 -4.99
N THR B 90 -1.52 9.07 -5.31
CA THR B 90 -0.46 8.28 -4.68
C THR B 90 0.91 8.87 -5.01
N ARG B 91 1.15 9.19 -6.28
CA ARG B 91 2.42 9.79 -6.68
C ARG B 91 2.59 11.18 -6.07
N TRP B 92 1.50 11.91 -5.88
CA TRP B 92 1.58 13.26 -5.31
C TRP B 92 2.03 13.22 -3.86
N TRP B 93 1.42 12.33 -3.06
CA TRP B 93 1.85 12.25 -1.67
C TRP B 93 3.24 11.60 -1.56
N ASN B 94 3.60 10.71 -2.48
CA ASN B 94 4.95 10.19 -2.48
C ASN B 94 5.97 11.27 -2.85
N GLN B 95 5.61 12.18 -3.75
CA GLN B 95 6.50 13.29 -4.09
C GLN B 95 6.66 14.24 -2.92
N TYR B 96 5.59 14.46 -2.15
CA TYR B 96 5.75 15.31 -0.97
C TYR B 96 6.57 14.61 0.10
N GLU B 97 6.38 13.31 0.28
CA GLU B 97 7.09 12.57 1.32
C GLU B 97 8.60 12.52 1.07
N ASN B 98 9.04 12.75 -0.17
CA ASN B 98 10.46 12.74 -0.50
C ASN B 98 11.04 14.14 -0.62
N LEU B 99 10.33 15.16 -0.17
CA LEU B 99 10.93 16.49 -0.06
C LEU B 99 11.91 16.48 1.10
N PRO B 100 13.17 16.85 0.87
CA PRO B 100 14.17 16.74 1.93
C PRO B 100 14.02 17.81 2.99
N TRP B 101 14.11 17.38 4.25
CA TRP B 101 14.13 18.27 5.40
C TRP B 101 15.46 18.05 6.13
N PRO B 102 16.27 19.08 6.32
CA PRO B 102 17.61 18.87 6.90
C PRO B 102 17.63 18.90 8.42
N ASP B 103 16.48 18.75 9.08
CA ASP B 103 16.41 18.98 10.51
C ASP B 103 17.21 17.95 11.31
N ARG B 104 17.07 16.67 10.97
CA ARG B 104 17.87 15.64 11.64
C ARG B 104 19.37 15.87 11.39
N LEU B 105 19.72 16.17 10.14
CA LEU B 105 21.12 16.39 9.79
C LEU B 105 21.65 17.64 10.46
N MET B 106 20.86 18.71 10.53
CA MET B 106 21.33 19.94 11.15
C MET B 106 21.47 19.78 12.66
N SER B 107 20.61 18.96 13.28
CA SER B 107 20.81 18.64 14.68
C SER B 107 22.12 17.89 14.89
N LEU B 108 22.40 16.92 14.01
CA LEU B 108 23.66 16.18 14.14
C LEU B 108 24.86 17.06 13.86
N VAL B 109 24.74 18.04 12.96
CA VAL B 109 25.84 18.95 12.70
C VAL B 109 26.07 19.88 13.88
N SER B 110 24.98 20.40 14.47
CA SER B 110 25.09 21.27 15.63
C SER B 110 25.66 20.52 16.83
N GLY B 111 25.40 19.22 16.94
CA GLY B 111 25.93 18.46 18.04
C GLY B 111 27.34 17.94 17.85
N PHE B 112 27.57 17.20 16.76
CA PHE B 112 28.81 16.44 16.62
C PHE B 112 30.00 17.33 16.29
N VAL B 113 29.83 18.30 15.39
CA VAL B 113 30.95 19.11 14.91
C VAL B 113 31.25 20.17 15.97
N GLU B 114 32.40 20.04 16.63
CA GLU B 114 32.75 20.86 17.77
C GLU B 114 33.54 22.10 17.35
N GLY B 115 33.62 23.05 18.26
CA GLY B 115 34.38 24.26 18.03
C GLY B 115 33.53 25.52 17.99
N LYS B 116 33.66 26.37 19.01
CA LYS B 116 32.97 27.64 19.04
C LYS B 116 33.77 28.76 18.40
N ASP B 117 34.94 28.46 17.85
CA ASP B 117 35.73 29.44 17.12
C ASP B 117 35.18 29.65 15.72
N GLU B 118 35.86 30.48 14.94
CA GLU B 118 35.39 30.79 13.59
C GLU B 118 35.53 29.59 12.66
N GLN B 119 36.51 28.72 12.90
CA GLN B 119 36.72 27.59 12.02
C GLN B 119 35.61 26.55 12.17
N GLY B 120 35.20 26.26 13.40
CA GLY B 120 34.08 25.35 13.61
C GLY B 120 32.77 25.92 13.07
N ARG B 121 32.54 27.22 13.28
CA ARG B 121 31.38 27.89 12.69
C ARG B 121 31.38 27.72 11.18
N LEU B 122 32.53 28.01 10.55
CA LEU B 122 32.63 27.89 9.10
C LEU B 122 32.37 26.46 8.65
N LEU B 123 32.92 25.49 9.37
CA LEU B 123 32.75 24.09 9.00
C LEU B 123 31.29 23.66 9.09
N ARG B 124 30.61 24.01 10.18
CA ARG B 124 29.21 23.62 10.33
C ARG B 124 28.33 24.31 9.30
N ARG B 125 28.54 25.60 9.07
CA ARG B 125 27.75 26.31 8.07
C ARG B 125 27.99 25.75 6.68
N THR B 126 29.24 25.40 6.36
CA THR B 126 29.54 24.83 5.06
C THR B 126 28.88 23.47 4.87
N LEU B 127 28.89 22.62 5.91
CA LEU B 127 28.25 21.32 5.79
C LEU B 127 26.74 21.44 5.60
N ILE B 128 26.08 22.24 6.44
CA ILE B 128 24.64 22.35 6.31
C ILE B 128 24.25 23.11 5.05
N ARG B 129 25.12 24.00 4.56
CA ARG B 129 24.84 24.65 3.29
C ARG B 129 25.12 23.73 2.11
N TYR B 130 26.02 22.76 2.25
CA TYR B 130 26.11 21.70 1.25
C TYR B 130 24.81 20.93 1.16
N ALA B 131 24.24 20.58 2.31
CA ALA B 131 22.95 19.90 2.32
C ALA B 131 21.87 20.74 1.63
N ASN B 132 21.77 22.01 2.02
CA ASN B 132 20.76 22.88 1.44
C ASN B 132 21.02 23.15 -0.04
N LEU B 133 22.28 23.19 -0.45
CA LEU B 133 22.63 23.40 -1.85
C LEU B 133 22.22 22.20 -2.69
N GLY B 134 22.45 20.99 -2.19
CA GLY B 134 21.96 19.82 -2.90
C GLY B 134 20.45 19.80 -3.02
N ASN B 135 19.75 20.14 -1.92
CA ASN B 135 18.30 20.21 -1.96
C ASN B 135 17.81 21.23 -2.99
N VAL B 136 18.41 22.42 -3.00
CA VAL B 136 17.96 23.46 -3.92
C VAL B 136 18.37 23.12 -5.35
N LEU B 137 19.47 22.37 -5.53
CA LEU B 137 19.85 21.96 -6.87
C LEU B 137 18.87 20.94 -7.45
N ILE B 138 18.33 20.06 -6.61
CA ILE B 138 17.33 19.14 -7.14
C ILE B 138 15.97 19.83 -7.30
N LEU B 139 15.66 20.80 -6.42
CA LEU B 139 14.40 21.52 -6.56
C LEU B 139 14.40 22.49 -7.73
N ARG B 140 15.58 22.98 -8.14
CA ARG B 140 15.68 23.78 -9.35
C ARG B 140 15.33 22.97 -10.59
N SER B 141 15.61 21.67 -10.54
CA SER B 141 15.33 20.78 -11.67
C SER B 141 13.91 20.22 -11.66
N VAL B 142 13.34 19.98 -10.48
CA VAL B 142 12.01 19.36 -10.41
C VAL B 142 10.88 20.38 -10.29
N SER B 143 11.18 21.65 -9.99
CA SER B 143 10.15 22.65 -9.74
C SER B 143 10.35 23.83 -10.68
N THR B 144 9.24 24.27 -11.30
CA THR B 144 9.30 25.44 -12.17
C THR B 144 9.33 26.74 -11.38
N ALA B 145 8.76 26.76 -10.19
CA ALA B 145 8.80 27.97 -9.37
C ALA B 145 10.22 28.24 -8.87
N VAL B 146 10.91 27.19 -8.40
CA VAL B 146 12.29 27.35 -7.95
C VAL B 146 13.19 27.70 -9.13
N TYR B 147 12.91 27.14 -10.31
CA TYR B 147 13.69 27.47 -11.48
C TYR B 147 13.45 28.91 -11.94
N LYS B 148 12.23 29.41 -11.77
CA LYS B 148 11.96 30.81 -12.07
C LYS B 148 12.61 31.74 -11.05
N ARG B 149 12.75 31.28 -9.80
CA ARG B 149 13.50 32.07 -8.83
C ARG B 149 14.99 32.03 -9.10
N PHE B 150 15.51 30.88 -9.54
CA PHE B 150 16.93 30.70 -9.81
C PHE B 150 17.09 30.17 -11.23
N PRO B 151 17.07 31.06 -12.22
CA PRO B 151 17.27 30.60 -13.61
C PRO B 151 18.65 30.03 -13.88
N SER B 152 19.65 30.36 -13.06
CA SER B 152 21.01 29.87 -13.25
C SER B 152 21.67 29.66 -11.90
N ALA B 153 22.83 29.00 -11.92
CA ALA B 153 23.61 28.82 -10.70
C ALA B 153 24.17 30.12 -10.18
N GLN B 154 24.35 31.12 -11.04
CA GLN B 154 24.76 32.43 -10.57
C GLN B 154 23.68 33.07 -9.70
N HIS B 155 22.42 32.79 -9.98
CA HIS B 155 21.35 33.23 -9.08
C HIS B 155 21.42 32.53 -7.74
N LEU B 156 21.92 31.29 -7.72
CA LEU B 156 22.16 30.62 -6.45
C LEU B 156 23.36 31.22 -5.73
N VAL B 157 24.34 31.74 -6.48
CA VAL B 157 25.44 32.46 -5.84
C VAL B 157 24.93 33.77 -5.22
N GLN B 158 24.07 34.49 -5.94
CA GLN B 158 23.50 35.73 -5.42
C GLN B 158 22.56 35.49 -4.25
N ALA B 159 22.04 34.27 -4.10
CA ALA B 159 21.12 33.93 -3.03
C ALA B 159 21.82 33.33 -1.81
N GLY B 160 23.15 33.25 -1.82
CA GLY B 160 23.88 32.73 -0.70
C GLY B 160 23.91 31.22 -0.59
N PHE B 161 23.30 30.50 -1.54
CA PHE B 161 23.35 29.04 -1.51
C PHE B 161 24.70 28.50 -1.95
N MET B 162 25.36 29.20 -2.86
CA MET B 162 26.62 28.74 -3.44
C MET B 162 27.64 29.86 -3.37
N THR B 163 28.85 29.52 -2.97
CA THR B 163 29.95 30.47 -3.04
C THR B 163 30.53 30.47 -4.45
N PRO B 164 31.20 31.56 -4.85
CA PRO B 164 31.85 31.57 -6.17
C PRO B 164 32.88 30.46 -6.34
N ALA B 165 33.57 30.08 -5.26
CA ALA B 165 34.49 28.94 -5.35
C ALA B 165 33.73 27.66 -5.67
N GLU B 166 32.58 27.44 -5.03
CA GLU B 166 31.76 26.27 -5.33
C GLU B 166 31.21 26.34 -6.75
N HIS B 167 30.85 27.53 -7.21
CA HIS B 167 30.37 27.67 -8.58
C HIS B 167 31.46 27.33 -9.59
N LYS B 168 32.69 27.79 -9.33
CA LYS B 168 33.81 27.45 -10.22
C LYS B 168 34.10 25.95 -10.18
N GLN B 169 34.05 25.36 -8.99
CA GLN B 169 34.29 23.92 -8.87
C GLN B 169 33.22 23.12 -9.60
N LEU B 170 31.97 23.56 -9.51
CA LEU B 170 30.87 22.87 -10.18
C LEU B 170 30.95 23.05 -11.69
N GLU B 171 31.40 24.20 -12.16
CA GLU B 171 31.62 24.39 -13.60
C GLU B 171 32.78 23.52 -14.08
N LYS B 172 33.80 23.34 -13.25
CA LYS B 172 34.93 22.48 -13.61
C LYS B 172 34.50 21.02 -13.70
N LEU B 173 33.61 20.58 -12.81
CA LEU B 173 33.15 19.20 -12.75
C LEU B 173 31.96 18.94 -13.67
N SER B 174 31.78 19.73 -14.71
CA SER B 174 30.58 19.64 -15.54
C SER B 174 30.58 18.35 -16.35
N LEU B 175 29.43 17.69 -16.37
CA LEU B 175 29.15 16.51 -17.16
C LEU B 175 27.78 16.69 -17.80
N PRO B 176 27.46 15.93 -18.84
CA PRO B 176 26.17 16.10 -19.52
C PRO B 176 24.97 15.57 -18.73
N HIS B 177 25.14 15.26 -17.46
CA HIS B 177 24.04 14.87 -16.58
C HIS B 177 23.79 15.98 -15.55
N ASN B 178 22.72 15.81 -14.79
CA ASN B 178 22.42 16.75 -13.71
C ASN B 178 23.47 16.65 -12.61
N MET B 179 23.83 17.79 -12.04
CA MET B 179 24.92 17.88 -11.07
C MET B 179 24.41 18.12 -9.65
N PHE B 180 23.23 17.61 -9.33
CA PHE B 180 22.70 17.80 -7.98
C PHE B 180 23.40 16.91 -6.95
N TRP B 181 24.05 15.83 -7.40
CA TRP B 181 24.72 14.89 -6.51
C TRP B 181 26.06 15.40 -5.99
N VAL B 182 26.60 16.47 -6.58
CA VAL B 182 27.95 16.92 -6.20
C VAL B 182 28.04 17.36 -4.74
N PRO B 183 27.10 18.13 -4.18
CA PRO B 183 27.24 18.53 -2.78
C PRO B 183 27.24 17.36 -1.80
N TRP B 184 26.73 16.19 -2.18
CA TRP B 184 26.82 15.04 -1.29
C TRP B 184 28.24 14.51 -1.20
N VAL B 185 28.95 14.45 -2.33
CA VAL B 185 30.35 14.08 -2.30
C VAL B 185 31.16 15.15 -1.57
N TRP B 186 30.81 16.42 -1.77
CA TRP B 186 31.45 17.49 -1.00
C TRP B 186 31.23 17.31 0.49
N PHE B 187 30.01 16.97 0.90
CA PHE B 187 29.70 16.74 2.30
C PHE B 187 30.51 15.58 2.86
N ALA B 188 30.60 14.48 2.11
CA ALA B 188 31.36 13.34 2.58
C ALA B 188 32.83 13.68 2.76
N ASN B 189 33.43 14.37 1.79
CA ASN B 189 34.84 14.70 1.89
C ASN B 189 35.10 15.72 3.00
N LEU B 190 34.22 16.70 3.16
CA LEU B 190 34.41 17.70 4.20
C LEU B 190 34.21 17.09 5.59
N SER B 191 33.27 16.15 5.72
CA SER B 191 33.08 15.48 7.00
C SER B 191 34.27 14.58 7.33
N MET B 192 34.84 13.93 6.31
CA MET B 192 36.05 13.15 6.54
C MET B 192 37.20 14.04 6.98
N LYS B 193 37.35 15.21 6.35
CA LYS B 193 38.39 16.14 6.76
C LYS B 193 38.14 16.67 8.17
N ALA B 194 36.87 16.89 8.53
CA ALA B 194 36.54 17.35 9.88
C ALA B 194 36.89 16.28 10.92
N TRP B 195 36.60 15.02 10.62
CA TRP B 195 36.95 13.95 11.56
C TRP B 195 38.46 13.78 11.67
N LEU B 196 39.18 13.89 10.55
CA LEU B 196 40.62 13.75 10.61
C LEU B 196 41.28 14.94 11.28
N GLY B 197 40.63 16.11 11.26
CA GLY B 197 41.14 17.30 11.90
C GLY B 197 40.82 17.44 13.36
N GLY B 198 40.09 16.48 13.94
CA GLY B 198 39.72 16.53 15.34
C GLY B 198 38.43 17.25 15.65
N ARG B 199 37.79 17.86 14.65
CA ARG B 199 36.52 18.55 14.89
C ARG B 199 35.41 17.57 15.22
N ILE B 200 35.43 16.38 14.63
CA ILE B 200 34.52 15.30 14.99
C ILE B 200 35.30 14.32 15.84
N ARG B 201 34.80 14.06 17.06
CA ARG B 201 35.60 13.34 18.05
C ARG B 201 35.63 11.83 17.76
N ASP B 202 34.54 11.26 17.29
CA ASP B 202 34.48 9.83 17.04
C ASP B 202 33.91 9.55 15.66
N PRO B 203 34.36 8.48 15.00
CA PRO B 203 33.83 8.16 13.66
C PRO B 203 32.39 7.67 13.67
N ILE B 204 31.83 7.31 14.83
CA ILE B 204 30.41 6.95 14.87
C ILE B 204 29.55 8.18 14.60
N LEU B 205 29.99 9.35 15.08
CA LEU B 205 29.30 10.60 14.75
C LEU B 205 29.41 10.90 13.26
N LEU B 206 30.57 10.60 12.67
CA LEU B 206 30.73 10.73 11.23
C LEU B 206 29.76 9.82 10.48
N GLN B 207 29.59 8.59 10.97
CA GLN B 207 28.64 7.67 10.36
C GLN B 207 27.22 8.20 10.46
N SER B 208 26.84 8.75 11.61
CA SER B 208 25.49 9.30 11.75
C SER B 208 25.27 10.48 10.81
N LEU B 209 26.25 11.38 10.71
CA LEU B 209 26.14 12.51 9.81
C LEU B 209 25.96 12.04 8.37
N LEU B 210 26.79 11.09 7.94
CA LEU B 210 26.69 10.62 6.57
C LEU B 210 25.45 9.77 6.32
N ASN B 211 24.90 9.13 7.36
CA ASN B 211 23.63 8.44 7.20
C ASN B 211 22.49 9.41 6.97
N GLU B 212 22.45 10.50 7.74
CA GLU B 212 21.43 11.52 7.49
C GLU B 212 21.61 12.16 6.11
N MET B 213 22.85 12.43 5.72
CA MET B 213 23.11 12.99 4.40
C MET B 213 22.68 12.03 3.29
N ASN B 214 22.91 10.73 3.48
CA ASN B 214 22.51 9.76 2.47
C ASN B 214 20.99 9.57 2.43
N THR B 215 20.31 9.73 3.56
CA THR B 215 18.85 9.74 3.54
C THR B 215 18.34 10.93 2.73
N LEU B 216 18.95 12.09 2.90
CA LEU B 216 18.60 13.24 2.07
C LEU B 216 18.89 12.96 0.60
N ARG B 217 20.00 12.27 0.32
CA ARG B 217 20.33 11.91 -1.05
C ARG B 217 19.27 10.99 -1.66
N THR B 218 18.78 10.03 -0.88
CA THR B 218 17.74 9.14 -1.37
C THR B 218 16.45 9.91 -1.65
N GLN B 219 16.09 10.84 -0.76
CA GLN B 219 14.89 11.65 -0.99
C GLN B 219 15.04 12.49 -2.26
N CYS B 220 16.20 13.12 -2.46
CA CYS B 220 16.39 13.92 -3.66
C CYS B 220 16.43 13.06 -4.91
N GLY B 221 16.97 11.85 -4.82
CA GLY B 221 16.95 10.93 -5.94
C GLY B 221 15.53 10.50 -6.29
N HIS B 222 14.69 10.31 -5.27
CA HIS B 222 13.29 10.01 -5.53
C HIS B 222 12.57 11.19 -6.17
N LEU B 223 12.91 12.42 -5.76
CA LEU B 223 12.35 13.60 -6.43
C LEU B 223 12.77 13.64 -7.89
N TYR B 224 14.05 13.39 -8.17
CA TYR B 224 14.52 13.35 -9.56
C TYR B 224 13.84 12.23 -10.33
N ALA B 225 13.59 11.09 -9.68
CA ALA B 225 12.92 9.98 -10.32
C ALA B 225 11.48 10.34 -10.69
N TYR B 226 10.77 11.01 -9.79
CA TYR B 226 9.40 11.41 -10.10
C TYR B 226 9.33 12.50 -11.16
N ASP B 227 10.32 13.38 -11.19
CA ASP B 227 10.37 14.38 -12.26
C ASP B 227 10.68 13.75 -13.61
N TRP B 228 11.63 12.81 -13.64
CA TRP B 228 12.03 12.18 -14.88
C TRP B 228 10.98 11.19 -15.36
N ILE B 229 10.70 10.17 -14.55
CA ILE B 229 9.76 9.12 -14.91
C ILE B 229 8.35 9.64 -14.59
N SER B 230 7.69 10.19 -15.60
CA SER B 230 6.33 10.67 -15.44
C SER B 230 5.35 9.51 -15.54
N ILE B 231 4.09 9.81 -15.24
CA ILE B 231 3.04 8.85 -15.60
C ILE B 231 3.08 8.66 -17.11
N PRO B 232 2.98 7.43 -17.62
CA PRO B 232 3.10 7.24 -19.07
C PRO B 232 2.10 8.09 -19.83
N LEU B 233 2.59 8.71 -20.92
CA LEU B 233 1.78 9.63 -21.70
C LEU B 233 0.54 8.94 -22.28
N VAL B 234 0.59 7.63 -22.44
CA VAL B 234 -0.56 6.89 -22.96
C VAL B 234 -1.75 7.00 -22.00
N TYR B 235 -1.49 6.92 -20.70
CA TYR B 235 -2.55 7.07 -19.71
C TYR B 235 -3.20 8.45 -19.80
N THR B 236 -2.37 9.49 -19.87
CA THR B 236 -2.89 10.85 -19.95
C THR B 236 -3.71 11.03 -21.22
N GLN B 237 -3.21 10.53 -22.35
CA GLN B 237 -3.96 10.67 -23.60
C GLN B 237 -5.28 9.91 -23.53
N VAL B 238 -5.27 8.70 -22.95
CA VAL B 238 -6.49 7.91 -22.89
C VAL B 238 -7.54 8.58 -22.01
N VAL B 239 -7.13 9.09 -20.83
CA VAL B 239 -8.11 9.71 -19.96
C VAL B 239 -8.61 11.04 -20.53
N THR B 240 -7.72 11.80 -21.20
CA THR B 240 -8.15 13.04 -21.83
C THR B 240 -9.13 12.77 -22.95
N VAL B 241 -8.86 11.77 -23.79
CA VAL B 241 -9.78 11.42 -24.86
C VAL B 241 -11.10 10.92 -24.28
N ALA B 242 -11.03 10.18 -23.16
CA ALA B 242 -12.26 9.70 -22.53
C ALA B 242 -13.16 10.86 -22.10
N VAL B 243 -12.60 11.81 -21.34
CA VAL B 243 -13.41 12.93 -20.86
C VAL B 243 -13.88 13.79 -22.03
N TYR B 244 -12.97 14.10 -22.97
CA TYR B 244 -13.32 14.98 -24.08
C TYR B 244 -14.37 14.36 -24.98
N SER B 245 -14.25 13.05 -25.27
CA SER B 245 -15.24 12.38 -26.10
C SER B 245 -16.57 12.26 -25.37
N PHE B 246 -16.53 12.01 -24.06
CA PHE B 246 -17.77 11.93 -23.29
C PHE B 246 -18.54 13.23 -23.40
N PHE B 247 -17.87 14.36 -23.23
CA PHE B 247 -18.62 15.61 -23.23
C PHE B 247 -18.79 16.22 -24.62
N LEU B 248 -18.00 15.81 -25.61
CA LEU B 248 -18.34 16.12 -26.99
C LEU B 248 -19.58 15.36 -27.43
N THR B 249 -19.75 14.12 -26.95
CA THR B 249 -21.00 13.40 -27.16
C THR B 249 -22.15 14.10 -26.43
N CYS B 250 -21.92 14.52 -25.19
CA CYS B 250 -22.95 15.23 -24.44
C CYS B 250 -23.31 16.58 -25.08
N LEU B 251 -22.43 17.14 -25.89
CA LEU B 251 -22.77 18.37 -26.63
C LEU B 251 -23.93 18.15 -27.59
N VAL B 252 -24.18 16.92 -28.03
CA VAL B 252 -25.23 16.61 -28.98
C VAL B 252 -26.34 15.79 -28.34
N GLY B 253 -25.98 14.72 -27.63
CA GLY B 253 -26.96 13.81 -27.07
C GLY B 253 -27.73 14.36 -25.88
N ARG B 254 -27.18 15.35 -25.19
CA ARG B 254 -27.85 15.96 -24.05
C ARG B 254 -28.64 17.20 -24.44
N GLN B 255 -28.78 17.48 -25.72
CA GLN B 255 -29.61 18.59 -26.17
C GLN B 255 -31.08 18.30 -25.88
N PHE B 256 -31.81 19.34 -25.51
CA PHE B 256 -33.24 19.22 -25.26
C PHE B 256 -33.98 19.24 -26.58
N LEU B 257 -34.59 18.11 -26.95
CA LEU B 257 -35.29 18.01 -28.22
C LEU B 257 -36.66 18.69 -28.13
N ASN B 258 -37.32 18.78 -29.27
CA ASN B 258 -38.60 19.47 -29.36
C ASN B 258 -39.68 18.67 -28.63
N PRO B 259 -40.34 19.24 -27.62
CA PRO B 259 -41.39 18.50 -26.92
C PRO B 259 -42.63 18.24 -27.76
N ALA B 260 -42.80 18.95 -28.88
CA ALA B 260 -43.93 18.68 -29.75
C ALA B 260 -43.81 17.31 -30.41
N LYS B 261 -42.59 16.84 -30.65
CA LYS B 261 -42.38 15.52 -31.21
C LYS B 261 -42.73 14.40 -30.23
N ALA B 262 -42.80 14.72 -28.93
CA ALA B 262 -43.17 13.77 -27.89
C ALA B 262 -42.24 12.55 -27.88
N TYR B 263 -40.93 12.83 -27.89
CA TYR B 263 -39.95 11.75 -27.80
C TYR B 263 -39.91 11.20 -26.38
N PRO B 264 -39.70 9.89 -26.22
CA PRO B 264 -39.58 9.32 -24.86
C PRO B 264 -38.31 9.81 -24.18
N GLY B 265 -38.47 10.40 -23.00
CA GLY B 265 -37.37 10.98 -22.26
C GLY B 265 -37.12 12.45 -22.53
N HIS B 266 -37.77 13.03 -23.54
CA HIS B 266 -37.63 14.44 -23.87
C HIS B 266 -38.97 15.16 -23.80
N GLU B 267 -39.83 14.76 -22.86
CA GLU B 267 -41.14 15.38 -22.74
C GLU B 267 -41.03 16.81 -22.22
N LEU B 268 -40.18 17.03 -21.22
CA LEU B 268 -40.01 18.34 -20.60
C LEU B 268 -38.80 19.04 -21.23
N ASP B 269 -39.02 20.24 -21.74
CA ASP B 269 -37.96 21.00 -22.41
C ASP B 269 -37.49 22.11 -21.48
N LEU B 270 -36.38 21.88 -20.80
CA LEU B 270 -35.71 22.92 -20.05
C LEU B 270 -34.70 23.63 -20.94
N VAL B 271 -34.16 24.73 -20.44
CA VAL B 271 -33.12 25.46 -21.15
C VAL B 271 -31.73 25.06 -20.66
N VAL B 272 -31.57 24.93 -19.35
CA VAL B 272 -30.28 24.61 -18.75
C VAL B 272 -30.22 23.12 -18.45
N PRO B 273 -29.29 22.38 -19.04
CA PRO B 273 -29.10 20.97 -18.66
C PRO B 273 -28.39 20.84 -17.32
N VAL B 274 -29.15 20.91 -16.22
CA VAL B 274 -28.56 20.91 -14.90
C VAL B 274 -27.75 19.63 -14.65
N PHE B 275 -28.32 18.48 -15.03
CA PHE B 275 -27.61 17.22 -14.78
C PHE B 275 -26.37 17.09 -15.65
N THR B 276 -26.44 17.53 -16.90
CA THR B 276 -25.26 17.49 -17.77
C THR B 276 -24.17 18.43 -17.25
N PHE B 277 -24.55 19.61 -16.75
CA PHE B 277 -23.58 20.52 -16.19
C PHE B 277 -22.99 20.00 -14.89
N LEU B 278 -23.78 19.29 -14.09
CA LEU B 278 -23.25 18.64 -12.90
C LEU B 278 -22.27 17.53 -13.27
N GLN B 279 -22.59 16.75 -14.30
CA GLN B 279 -21.66 15.73 -14.77
C GLN B 279 -20.36 16.35 -15.28
N PHE B 280 -20.47 17.47 -16.01
CA PHE B 280 -19.28 18.19 -16.43
C PHE B 280 -18.48 18.64 -15.22
N PHE B 281 -19.15 19.24 -14.25
CA PHE B 281 -18.51 19.62 -12.99
C PHE B 281 -17.71 18.46 -12.43
N PHE B 282 -18.37 17.34 -12.14
CA PHE B 282 -17.70 16.24 -11.45
C PHE B 282 -16.57 15.65 -12.29
N TYR B 283 -16.85 15.27 -13.54
CA TYR B 283 -15.86 14.53 -14.32
C TYR B 283 -14.73 15.43 -14.78
N VAL B 284 -15.05 16.61 -15.33
CA VAL B 284 -13.99 17.51 -15.77
C VAL B 284 -13.23 18.06 -14.58
N GLY B 285 -13.86 18.19 -13.40
CA GLY B 285 -13.11 18.58 -12.21
C GLY B 285 -12.16 17.50 -11.75
N TRP B 286 -12.58 16.23 -11.86
CA TRP B 286 -11.67 15.12 -11.61
C TRP B 286 -10.48 15.18 -12.57
N LEU B 287 -10.75 15.45 -13.84
CA LEU B 287 -9.67 15.59 -14.81
C LEU B 287 -8.77 16.78 -14.47
N LYS B 288 -9.36 17.88 -14.01
CA LYS B 288 -8.56 19.08 -13.71
C LYS B 288 -7.71 18.88 -12.46
N VAL B 289 -8.21 18.14 -11.46
CA VAL B 289 -7.36 17.86 -10.32
C VAL B 289 -6.26 16.88 -10.70
N ALA B 290 -6.53 15.98 -11.66
CA ALA B 290 -5.45 15.18 -12.21
C ALA B 290 -4.42 16.06 -12.90
N GLU B 291 -4.87 17.07 -13.63
CA GLU B 291 -3.97 18.00 -14.30
C GLU B 291 -3.21 18.89 -13.32
N GLN B 292 -3.78 19.13 -12.14
CA GLN B 292 -3.15 20.02 -11.16
C GLN B 292 -2.17 19.28 -10.26
N LEU B 293 -2.45 18.04 -9.90
CA LEU B 293 -1.58 17.27 -9.04
C LEU B 293 -0.61 16.38 -9.80
N ILE B 294 -0.63 16.40 -11.13
CA ILE B 294 0.30 15.58 -11.90
C ILE B 294 1.73 16.07 -11.70
N ASN B 295 1.92 17.38 -11.63
CA ASN B 295 3.20 17.99 -11.30
C ASN B 295 2.95 18.95 -10.14
N PRO B 296 3.13 18.48 -8.90
CA PRO B 296 2.84 19.32 -7.74
C PRO B 296 3.92 20.34 -7.42
N PHE B 297 4.88 20.55 -8.31
CA PHE B 297 5.95 21.52 -8.11
C PHE B 297 5.84 22.70 -9.05
N GLY B 298 4.68 22.91 -9.67
CA GLY B 298 4.47 24.05 -10.54
C GLY B 298 4.14 25.32 -9.77
N GLU B 299 3.14 26.06 -10.25
CA GLU B 299 2.72 27.29 -9.61
C GLU B 299 1.21 27.36 -9.48
N ASP B 300 0.56 26.21 -9.29
CA ASP B 300 -0.86 26.18 -8.98
C ASP B 300 -1.10 26.58 -7.53
N ASP B 301 -2.35 26.89 -7.22
CA ASP B 301 -2.69 27.28 -5.86
C ASP B 301 -2.47 26.13 -4.89
N ASP B 302 -2.79 24.90 -5.29
CA ASP B 302 -2.62 23.73 -4.43
C ASP B 302 -1.27 23.05 -4.62
N ASP B 303 -0.38 23.61 -5.44
CA ASP B 303 0.96 23.06 -5.56
C ASP B 303 1.80 23.43 -4.35
N PHE B 304 2.90 22.70 -4.16
CA PHE B 304 3.71 22.88 -2.97
C PHE B 304 4.41 24.23 -2.96
N GLU B 305 4.56 24.81 -1.78
CA GLU B 305 5.26 26.07 -1.61
C GLU B 305 6.77 25.80 -1.46
N THR B 306 7.36 25.39 -2.58
CA THR B 306 8.75 24.92 -2.55
C THR B 306 9.73 26.05 -2.30
N ASN B 307 9.45 27.26 -2.78
CA ASN B 307 10.30 28.40 -2.46
C ASN B 307 10.30 28.70 -0.97
N TRP B 308 9.12 28.64 -0.34
CA TRP B 308 9.04 28.81 1.10
C TRP B 308 9.80 27.71 1.83
N ILE B 309 9.71 26.47 1.34
CA ILE B 309 10.45 25.38 1.97
C ILE B 309 11.94 25.60 1.84
N VAL B 310 12.40 26.06 0.68
CA VAL B 310 13.82 26.35 0.47
C VAL B 310 14.29 27.41 1.45
N ASP B 311 13.56 28.53 1.53
CA ASP B 311 13.95 29.62 2.41
C ASP B 311 13.93 29.18 3.88
N ARG B 312 12.88 28.45 4.28
CA ARG B 312 12.78 28.01 5.66
C ARG B 312 13.90 27.03 6.01
N ASN B 313 14.20 26.09 5.11
CA ASN B 313 15.28 25.14 5.38
C ASN B 313 16.60 25.85 5.52
N LEU B 314 16.91 26.79 4.61
CA LEU B 314 18.17 27.52 4.71
C LEU B 314 18.25 28.30 6.01
N GLN B 315 17.21 29.07 6.33
CA GLN B 315 17.24 29.93 7.51
C GLN B 315 17.33 29.10 8.79
N VAL B 316 16.50 28.05 8.89
CA VAL B 316 16.45 27.23 10.09
C VAL B 316 17.76 26.46 10.27
N SER B 317 18.32 25.93 9.18
CA SER B 317 19.58 25.21 9.28
C SER B 317 20.72 26.14 9.71
N LEU B 318 20.80 27.33 9.11
CA LEU B 318 21.86 28.25 9.49
C LEU B 318 21.70 28.76 10.91
N LEU B 319 20.46 28.88 11.40
CA LEU B 319 20.27 29.22 12.80
C LEU B 319 20.67 28.06 13.72
N ALA B 320 20.35 26.83 13.32
CA ALA B 320 20.56 25.68 14.20
C ALA B 320 22.03 25.33 14.33
N VAL B 321 22.79 25.42 13.22
CA VAL B 321 24.19 24.98 13.28
C VAL B 321 25.15 26.05 13.77
N ASP B 322 24.73 27.31 13.81
CA ASP B 322 25.63 28.41 14.14
C ASP B 322 25.29 29.07 15.47
N GLU B 323 24.07 29.59 15.61
CA GLU B 323 23.71 30.29 16.84
C GLU B 323 23.32 29.34 17.97
N MET B 324 22.88 28.13 17.64
CA MET B 324 22.42 27.18 18.62
C MET B 324 23.46 26.11 18.97
N HIS B 325 24.67 26.20 18.43
CA HIS B 325 25.71 25.24 18.75
C HIS B 325 26.22 25.49 20.16
N GLN B 326 26.04 24.51 21.04
CA GLN B 326 26.44 24.59 22.44
C GLN B 326 25.89 25.84 23.11
N ASP B 327 24.69 26.24 22.71
CA ASP B 327 23.98 27.38 23.27
C ASP B 327 22.69 26.82 23.86
N LEU B 328 22.76 26.39 25.12
CA LEU B 328 21.64 25.72 25.75
C LEU B 328 20.97 26.64 26.77
N PRO B 329 19.66 26.51 26.96
CA PRO B 329 19.01 27.17 28.09
C PRO B 329 19.50 26.58 29.40
N ARG B 330 19.47 27.41 30.45
CA ARG B 330 19.99 26.98 31.73
C ARG B 330 19.21 25.77 32.25
N MET B 331 19.94 24.74 32.66
CA MET B 331 19.33 23.49 33.08
C MET B 331 18.90 23.64 34.55
N GLU B 332 17.60 23.73 34.77
CA GLU B 332 17.02 23.97 36.08
C GLU B 332 15.94 22.96 36.36
N PRO B 333 15.66 22.67 37.63
CA PRO B 333 14.57 21.74 37.96
C PRO B 333 13.23 22.24 37.44
N ASP B 334 12.42 21.30 36.97
CA ASP B 334 11.13 21.61 36.37
C ASP B 334 10.04 21.66 37.45
N MET B 335 8.79 21.74 37.03
CA MET B 335 7.68 21.86 37.98
C MET B 335 7.49 20.57 38.78
N TYR B 336 7.66 19.42 38.14
CA TYR B 336 7.42 18.14 38.78
C TYR B 336 8.67 17.57 39.44
N TRP B 337 9.63 18.41 39.79
CA TRP B 337 10.86 17.95 40.43
C TRP B 337 10.54 17.51 41.85
N ASN B 338 10.69 16.21 42.11
CA ASN B 338 10.43 15.62 43.42
C ASN B 338 9.02 15.93 43.93
N THR C 1 -11.76 9.45 20.93
CA THR C 1 -11.69 8.06 20.53
C THR C 1 -12.76 7.25 21.23
N ILE C 2 -13.62 6.60 20.45
CA ILE C 2 -14.64 5.71 20.96
C ILE C 2 -14.14 4.28 20.80
N THR C 3 -13.95 3.59 21.91
CA THR C 3 -13.39 2.24 21.89
C THR C 3 -14.50 1.24 22.17
N TYR C 4 -14.66 0.28 21.26
CA TYR C 4 -15.61 -0.82 21.43
C TYR C 4 -14.98 -2.15 21.04
N THR C 5 -13.65 -2.25 21.14
CA THR C 5 -12.96 -3.44 20.70
C THR C 5 -13.34 -4.66 21.53
N SER C 6 -13.51 -4.48 22.85
CA SER C 6 -13.86 -5.61 23.70
C SER C 6 -15.26 -6.12 23.42
N GLN C 7 -16.14 -5.27 22.90
CA GLN C 7 -17.51 -5.67 22.60
C GLN C 7 -17.62 -6.48 21.30
N VAL C 8 -16.58 -6.45 20.47
CA VAL C 8 -16.60 -7.17 19.19
C VAL C 8 -15.44 -8.15 19.15
N ALA C 9 -15.05 -8.67 20.32
CA ALA C 9 -13.97 -9.65 20.37
C ALA C 9 -14.36 -10.94 19.66
N ASN C 10 -15.62 -11.36 19.82
CA ASN C 10 -16.12 -12.58 19.23
C ASN C 10 -17.28 -12.24 18.30
N ALA C 11 -17.35 -12.94 17.16
CA ALA C 11 -18.47 -12.80 16.24
C ALA C 11 -19.63 -13.61 16.79
N ARG C 12 -20.56 -12.93 17.46
CA ARG C 12 -21.72 -13.55 18.08
C ARG C 12 -22.98 -13.16 17.32
N LEU C 13 -24.12 -13.69 17.78
CA LEU C 13 -25.40 -13.40 17.14
C LEU C 13 -25.72 -11.92 17.31
N GLY C 14 -25.66 -11.17 16.22
CA GLY C 14 -25.91 -9.74 16.27
C GLY C 14 -24.85 -8.98 17.05
N SER C 15 -23.57 -9.25 16.76
CA SER C 15 -22.50 -8.55 17.45
C SER C 15 -22.49 -7.07 17.11
N PHE C 16 -22.73 -6.72 15.85
CA PHE C 16 -22.82 -5.33 15.44
C PHE C 16 -24.17 -4.71 15.75
N SER C 17 -25.15 -5.51 16.18
CA SER C 17 -26.46 -4.96 16.51
C SER C 17 -26.42 -4.11 17.78
N ARG C 18 -25.66 -4.57 18.78
CA ARG C 18 -25.58 -3.83 20.04
C ARG C 18 -24.86 -2.50 19.88
N LEU C 19 -24.08 -2.33 18.80
CA LEU C 19 -23.40 -1.07 18.55
C LEU C 19 -24.31 -0.01 17.96
N LEU C 20 -25.51 -0.39 17.49
CA LEU C 20 -26.47 0.57 16.97
C LEU C 20 -27.15 1.39 18.06
N LEU C 21 -27.01 0.99 19.32
CA LEU C 21 -27.64 1.69 20.44
C LEU C 21 -26.66 2.61 21.17
N CYS C 22 -25.72 3.20 20.44
CA CYS C 22 -24.75 4.12 21.00
C CYS C 22 -25.04 5.53 20.53
N TRP C 23 -24.57 6.50 21.30
CA TRP C 23 -24.73 7.91 20.96
C TRP C 23 -23.41 8.65 20.81
N ARG C 24 -22.45 8.43 21.70
CA ARG C 24 -21.14 9.05 21.54
C ARG C 24 -20.39 8.40 20.39
N GLY C 25 -19.94 9.21 19.43
CA GLY C 25 -19.29 8.68 18.26
C GLY C 25 -20.21 7.98 17.29
N SER C 26 -21.53 8.15 17.43
CA SER C 26 -22.49 7.49 16.58
C SER C 26 -22.72 8.29 15.30
N ILE C 27 -23.33 7.62 14.31
CA ILE C 27 -23.68 8.29 13.07
C ILE C 27 -24.94 9.14 13.21
N TYR C 28 -25.81 8.81 14.17
CA TYR C 28 -26.97 9.65 14.42
C TYR C 28 -26.56 11.02 14.94
N LYS C 29 -25.56 11.06 15.81
CA LYS C 29 -25.08 12.34 16.34
C LYS C 29 -24.49 13.20 15.23
N LEU C 30 -23.82 12.58 14.26
CA LEU C 30 -23.27 13.30 13.12
C LEU C 30 -24.30 13.60 12.05
N LEU C 31 -25.46 12.97 12.08
CA LEU C 31 -26.42 13.08 10.99
C LEU C 31 -27.73 13.77 11.34
N TYR C 32 -28.02 14.00 12.63
CA TYR C 32 -29.37 14.41 12.99
C TYR C 32 -29.72 15.80 12.47
N GLY C 33 -28.78 16.75 12.52
CA GLY C 33 -29.07 18.08 12.03
C GLY C 33 -29.35 18.11 10.53
N GLU C 34 -28.47 17.46 9.75
CA GLU C 34 -28.68 17.40 8.31
C GLU C 34 -29.94 16.64 7.96
N PHE C 35 -30.24 15.57 8.71
CA PHE C 35 -31.45 14.80 8.44
C PHE C 35 -32.70 15.60 8.76
N LEU C 36 -32.67 16.39 9.83
CA LEU C 36 -33.81 17.26 10.14
C LEU C 36 -34.00 18.32 9.08
N ILE C 37 -32.92 18.91 8.60
CA ILE C 37 -33.04 19.90 7.53
C ILE C 37 -33.61 19.27 6.27
N PHE C 38 -33.10 18.08 5.90
CA PHE C 38 -33.60 17.40 4.71
C PHE C 38 -35.06 17.01 4.86
N LEU C 39 -35.45 16.51 6.05
CA LEU C 39 -36.83 16.15 6.32
C LEU C 39 -37.75 17.36 6.20
N LEU C 40 -37.33 18.49 6.80
CA LEU C 40 -38.13 19.71 6.73
C LEU C 40 -38.30 20.18 5.30
N CYS C 41 -37.21 20.20 4.53
CA CYS C 41 -37.30 20.65 3.14
C CYS C 41 -38.18 19.70 2.31
N TYR C 42 -38.03 18.39 2.50
CA TYR C 42 -38.81 17.43 1.75
C TYR C 42 -40.30 17.59 2.05
N TYR C 43 -40.66 17.74 3.31
CA TYR C 43 -42.08 17.85 3.64
C TYR C 43 -42.66 19.22 3.31
N ILE C 44 -41.84 20.28 3.33
CA ILE C 44 -42.30 21.57 2.84
C ILE C 44 -42.60 21.49 1.35
N ILE C 45 -41.72 20.85 0.58
CA ILE C 45 -41.98 20.69 -0.85
C ILE C 45 -43.22 19.83 -1.08
N ARG C 46 -43.38 18.78 -0.27
CA ARG C 46 -44.56 17.92 -0.39
C ARG C 46 -45.84 18.70 -0.10
N PHE C 47 -45.85 19.53 0.94
CA PHE C 47 -47.04 20.30 1.27
C PHE C 47 -47.32 21.37 0.23
N ILE C 48 -46.27 21.93 -0.39
CA ILE C 48 -46.46 22.87 -1.49
C ILE C 48 -47.10 22.16 -2.68
N TYR C 49 -46.62 20.96 -3.01
CA TYR C 49 -47.13 20.25 -4.17
C TYR C 49 -48.56 19.77 -3.96
N ARG C 50 -48.85 19.20 -2.80
CA ARG C 50 -50.17 18.61 -2.56
C ARG C 50 -51.25 19.65 -2.32
N LEU C 51 -50.90 20.81 -1.78
CA LEU C 51 -51.90 21.81 -1.39
C LEU C 51 -51.79 23.11 -2.16
N ALA C 52 -50.60 23.71 -2.21
CA ALA C 52 -50.47 25.07 -2.73
C ALA C 52 -50.57 25.14 -4.25
N LEU C 53 -50.09 24.12 -4.96
CA LEU C 53 -49.97 24.21 -6.41
C LEU C 53 -51.32 24.03 -7.10
N THR C 54 -51.54 24.81 -8.15
CA THR C 54 -52.67 24.60 -9.05
C THR C 54 -52.45 23.34 -9.88
N GLU C 55 -53.54 22.81 -10.45
CA GLU C 55 -53.49 21.52 -11.11
C GLU C 55 -52.48 21.49 -12.26
N GLU C 56 -52.44 22.57 -13.06
CA GLU C 56 -51.45 22.62 -14.14
C GLU C 56 -50.03 22.67 -13.57
N GLN C 57 -49.84 23.43 -12.49
CA GLN C 57 -48.54 23.46 -11.84
C GLN C 57 -48.21 22.13 -11.19
N GLN C 58 -49.23 21.39 -10.74
CA GLN C 58 -49.02 20.04 -10.26
C GLN C 58 -48.56 19.11 -11.36
N LEU C 59 -49.15 19.24 -12.56
CA LEU C 59 -48.68 18.46 -13.70
C LEU C 59 -47.25 18.79 -14.06
N MET C 60 -46.92 20.09 -14.05
CA MET C 60 -45.54 20.51 -14.32
C MET C 60 -44.59 19.95 -13.27
N PHE C 61 -44.99 19.97 -12.00
CA PHE C 61 -44.15 19.44 -10.93
C PHE C 61 -44.00 17.92 -11.06
N GLU C 62 -45.05 17.23 -11.48
CA GLU C 62 -44.94 15.79 -11.70
C GLU C 62 -43.97 15.46 -12.83
N LYS C 63 -44.04 16.22 -13.92
CA LYS C 63 -43.08 16.02 -15.01
C LYS C 63 -41.66 16.32 -14.55
N LEU C 64 -41.49 17.39 -13.76
CA LEU C 64 -40.17 17.72 -13.22
C LEU C 64 -39.66 16.62 -12.28
N THR C 65 -40.55 16.07 -11.46
CA THR C 65 -40.17 15.00 -10.54
C THR C 65 -39.74 13.75 -11.30
N LEU C 66 -40.47 13.39 -12.35
CA LEU C 66 -40.08 12.25 -13.17
C LEU C 66 -38.74 12.51 -13.86
N TYR C 67 -38.54 13.74 -14.35
CA TYR C 67 -37.29 14.09 -14.99
C TYR C 67 -36.11 13.98 -14.03
N CYS C 68 -36.29 14.47 -12.79
CA CYS C 68 -35.22 14.41 -11.81
C CYS C 68 -34.97 12.99 -11.32
N ASP C 69 -36.03 12.18 -11.19
CA ASP C 69 -35.86 10.82 -10.71
C ASP C 69 -35.27 9.91 -11.76
N SER C 70 -35.50 10.20 -13.05
CA SER C 70 -34.92 9.39 -14.11
C SER C 70 -33.43 9.66 -14.31
N TYR C 71 -32.94 10.83 -13.89
CA TYR C 71 -31.54 11.20 -14.09
C TYR C 71 -30.79 11.38 -12.78
N ILE C 72 -31.26 10.75 -11.71
CA ILE C 72 -30.54 10.79 -10.44
C ILE C 72 -29.27 9.96 -10.53
N GLN C 73 -29.24 8.95 -11.39
CA GLN C 73 -28.08 8.08 -11.52
C GLN C 73 -26.94 8.72 -12.30
N LEU C 74 -27.17 9.88 -12.93
CA LEU C 74 -26.08 10.57 -13.62
C LEU C 74 -25.03 11.11 -12.66
N ILE C 75 -25.38 11.27 -11.39
CA ILE C 75 -24.46 11.81 -10.39
C ILE C 75 -23.64 10.65 -9.83
N PRO C 76 -22.32 10.63 -10.03
CA PRO C 76 -21.48 9.54 -9.49
C PRO C 76 -21.09 9.80 -8.04
N ILE C 77 -22.09 9.72 -7.15
CA ILE C 77 -21.83 9.99 -5.74
C ILE C 77 -20.98 8.87 -5.13
N SER C 78 -21.25 7.63 -5.52
CA SER C 78 -20.50 6.49 -4.97
C SER C 78 -19.03 6.55 -5.37
N PHE C 79 -18.76 6.96 -6.62
CA PHE C 79 -17.39 6.98 -7.13
C PHE C 79 -16.51 7.95 -6.35
N VAL C 80 -16.87 9.24 -6.37
CA VAL C 80 -16.08 10.24 -5.68
C VAL C 80 -16.14 10.02 -4.18
N LEU C 81 -17.27 9.55 -3.66
CA LEU C 81 -17.38 9.31 -2.22
C LEU C 81 -16.42 8.21 -1.77
N GLY C 82 -16.34 7.12 -2.54
CA GLY C 82 -15.41 6.05 -2.19
C GLY C 82 -13.97 6.48 -2.29
N PHE C 83 -13.62 7.20 -3.36
CA PHE C 83 -12.24 7.68 -3.47
C PHE C 83 -11.89 8.59 -2.30
N TYR C 84 -12.76 9.54 -2.00
CA TYR C 84 -12.48 10.51 -0.94
C TYR C 84 -12.38 9.84 0.42
N VAL C 85 -13.29 8.90 0.72
CA VAL C 85 -13.27 8.26 2.02
C VAL C 85 -12.06 7.33 2.16
N THR C 86 -11.68 6.64 1.08
CA THR C 86 -10.47 5.82 1.13
C THR C 86 -9.25 6.67 1.40
N LEU C 87 -9.13 7.81 0.71
CA LEU C 87 -7.99 8.70 0.96
C LEU C 87 -8.01 9.24 2.39
N VAL C 88 -9.20 9.61 2.88
CA VAL C 88 -9.31 10.15 4.24
C VAL C 88 -8.89 9.10 5.27
N VAL C 89 -9.33 7.86 5.10
CA VAL C 89 -9.00 6.82 6.07
C VAL C 89 -7.51 6.49 6.02
N THR C 90 -6.93 6.42 4.82
CA THR C 90 -5.49 6.18 4.72
C THR C 90 -4.70 7.28 5.41
N ARG C 91 -5.05 8.54 5.14
CA ARG C 91 -4.37 9.66 5.78
C ARG C 91 -4.63 9.68 7.29
N TRP C 92 -5.80 9.23 7.72
CA TRP C 92 -6.12 9.22 9.15
C TRP C 92 -5.25 8.23 9.91
N TRP C 93 -5.12 7.01 9.39
CA TRP C 93 -4.25 6.06 10.07
C TRP C 93 -2.79 6.42 9.92
N ASN C 94 -2.40 7.08 8.82
CA ASN C 94 -1.04 7.57 8.72
C ASN C 94 -0.77 8.68 9.73
N GLN C 95 -1.76 9.54 9.98
CA GLN C 95 -1.60 10.59 10.97
C GLN C 95 -1.49 10.00 12.38
N TYR C 96 -2.23 8.93 12.65
CA TYR C 96 -2.08 8.30 13.97
C TYR C 96 -0.73 7.60 14.08
N GLU C 97 -0.27 6.96 13.01
CA GLU C 97 0.99 6.22 13.06
C GLU C 97 2.19 7.12 13.27
N ASN C 98 2.06 8.42 13.01
CA ASN C 98 3.14 9.37 13.19
C ASN C 98 2.99 10.19 14.47
N LEU C 99 2.10 9.80 15.36
CA LEU C 99 2.07 10.40 16.69
C LEU C 99 3.28 9.93 17.48
N PRO C 100 4.10 10.84 17.99
CA PRO C 100 5.34 10.41 18.65
C PRO C 100 5.10 9.80 20.02
N TRP C 101 5.77 8.68 20.27
CA TRP C 101 5.79 8.03 21.57
C TRP C 101 7.23 7.99 22.05
N PRO C 102 7.54 8.54 23.21
CA PRO C 102 8.94 8.63 23.65
C PRO C 102 9.45 7.42 24.39
N ASP C 103 8.77 6.28 24.28
CA ASP C 103 9.07 5.14 25.13
C ASP C 103 10.45 4.55 24.83
N ARG C 104 10.78 4.36 23.55
CA ARG C 104 12.12 3.88 23.20
C ARG C 104 13.18 4.87 23.66
N LEU C 105 12.94 6.16 23.40
CA LEU C 105 13.91 7.18 23.78
C LEU C 105 14.04 7.28 25.29
N MET C 106 12.94 7.18 26.02
CA MET C 106 13.01 7.28 27.47
C MET C 106 13.69 6.06 28.08
N SER C 107 13.52 4.88 27.47
CA SER C 107 14.29 3.72 27.90
C SER C 107 15.78 3.94 27.68
N LEU C 108 16.15 4.50 26.53
CA LEU C 108 17.56 4.77 26.27
C LEU C 108 18.11 5.86 27.20
N VAL C 109 17.29 6.83 27.57
CA VAL C 109 17.73 7.87 28.50
C VAL C 109 17.91 7.29 29.89
N SER C 110 16.96 6.46 30.34
CA SER C 110 17.08 5.82 31.65
C SER C 110 18.27 4.88 31.72
N GLY C 111 18.63 4.26 30.60
CA GLY C 111 19.78 3.37 30.60
C GLY C 111 21.12 4.05 30.42
N PHE C 112 21.28 4.82 29.34
CA PHE C 112 22.60 5.30 28.94
C PHE C 112 23.11 6.42 29.86
N VAL C 113 22.25 7.37 30.20
CA VAL C 113 22.69 8.55 30.95
C VAL C 113 22.84 8.15 32.42
N GLU C 114 24.08 8.12 32.90
CA GLU C 114 24.39 7.62 34.23
C GLU C 114 24.37 8.73 35.27
N GLY C 115 24.33 8.32 36.53
CA GLY C 115 24.38 9.24 37.64
C GLY C 115 23.11 9.25 38.47
N LYS C 116 23.19 8.75 39.70
CA LYS C 116 22.07 8.79 40.62
C LYS C 116 22.05 10.05 41.47
N ASP C 117 22.98 10.97 41.25
CA ASP C 117 22.99 12.24 41.94
C ASP C 117 21.96 13.19 41.32
N GLU C 118 21.93 14.42 41.82
CA GLU C 118 20.95 15.39 41.33
C GLU C 118 21.29 15.86 39.92
N GLN C 119 22.56 15.86 39.55
CA GLN C 119 22.93 16.33 38.22
C GLN C 119 22.50 15.36 37.14
N GLY C 120 22.67 14.05 37.37
CA GLY C 120 22.19 13.07 36.41
C GLY C 120 20.68 13.05 36.32
N ARG C 121 20.00 13.18 37.46
CA ARG C 121 18.55 13.31 37.45
C ARG C 121 18.12 14.50 36.61
N LEU C 122 18.74 15.65 36.84
CA LEU C 122 18.40 16.86 36.10
C LEU C 122 18.66 16.65 34.61
N LEU C 123 19.78 16.03 34.26
CA LEU C 123 20.11 15.81 32.85
C LEU C 123 19.09 14.91 32.16
N ARG C 124 18.74 13.79 32.80
CA ARG C 124 17.77 12.88 32.20
C ARG C 124 16.40 13.51 32.07
N ARG C 125 15.95 14.20 33.11
CA ARG C 125 14.65 14.86 33.05
C ARG C 125 14.64 15.95 31.98
N THR C 126 15.74 16.69 31.84
CA THR C 126 15.80 17.74 30.82
C THR C 126 15.78 17.14 29.42
N LEU C 127 16.49 16.03 29.19
CA LEU C 127 16.47 15.42 27.87
C LEU C 127 15.09 14.90 27.51
N ILE C 128 14.47 14.14 28.42
CA ILE C 128 13.16 13.58 28.07
C ILE C 128 12.09 14.67 28.04
N ARG C 129 12.28 15.77 28.78
CA ARG C 129 11.34 16.87 28.67
C ARG C 129 11.58 17.69 27.41
N TYR C 130 12.81 17.71 26.87
CA TYR C 130 13.02 18.24 25.53
C TYR C 130 12.23 17.45 24.51
N ALA C 131 12.27 16.13 24.61
CA ALA C 131 11.49 15.29 23.71
C ALA C 131 9.99 15.59 23.84
N ASN C 132 9.49 15.61 25.07
CA ASN C 132 8.06 15.89 25.27
C ASN C 132 7.69 17.30 24.87
N LEU C 133 8.60 18.26 25.04
CA LEU C 133 8.33 19.64 24.65
C LEU C 133 8.24 19.76 23.13
N GLY C 134 9.11 19.08 22.40
CA GLY C 134 8.98 19.06 20.95
C GLY C 134 7.68 18.42 20.50
N ASN C 135 7.30 17.31 21.13
CA ASN C 135 6.04 16.66 20.81
C ASN C 135 4.85 17.58 21.08
N VAL C 136 4.84 18.25 22.23
CA VAL C 136 3.71 19.11 22.55
C VAL C 136 3.74 20.38 21.70
N LEU C 137 4.91 20.82 21.25
CA LEU C 137 4.97 21.97 20.37
C LEU C 137 4.40 21.66 19.00
N ILE C 138 4.61 20.43 18.51
CA ILE C 138 3.98 20.11 17.23
C ILE C 138 2.49 19.80 17.41
N LEU C 139 2.10 19.24 18.55
CA LEU C 139 0.68 18.97 18.78
C LEU C 139 -0.11 20.24 19.06
N ARG C 140 0.52 21.28 19.58
CA ARG C 140 -0.14 22.57 19.72
C ARG C 140 -0.47 23.17 18.35
N SER C 141 0.32 22.86 17.34
CA SER C 141 0.11 23.37 16.00
C SER C 141 -0.83 22.51 15.17
N VAL C 142 -0.83 21.19 15.38
CA VAL C 142 -1.66 20.31 14.55
C VAL C 142 -3.01 19.98 15.19
N SER C 143 -3.21 20.27 16.47
CA SER C 143 -4.41 19.89 17.19
C SER C 143 -5.07 21.12 17.79
N THR C 144 -6.39 21.25 17.60
CA THR C 144 -7.13 22.35 18.19
C THR C 144 -7.41 22.13 19.67
N ALA C 145 -7.51 20.87 20.11
CA ALA C 145 -7.71 20.59 21.53
C ALA C 145 -6.48 20.95 22.35
N VAL C 146 -5.30 20.57 21.85
CA VAL C 146 -4.06 20.91 22.54
C VAL C 146 -3.85 22.41 22.52
N TYR C 147 -4.21 23.07 21.42
CA TYR C 147 -4.09 24.52 21.34
C TYR C 147 -5.07 25.22 22.28
N LYS C 148 -6.26 24.65 22.48
CA LYS C 148 -7.18 25.20 23.46
C LYS C 148 -6.70 24.97 24.88
N ARG C 149 -5.97 23.88 25.12
CA ARG C 149 -5.37 23.67 26.43
C ARG C 149 -4.18 24.61 26.65
N PHE C 150 -3.40 24.85 25.60
CA PHE C 150 -2.21 25.70 25.67
C PHE C 150 -2.31 26.78 24.60
N PRO C 151 -3.04 27.87 24.88
CA PRO C 151 -3.13 28.96 23.89
C PRO C 151 -1.82 29.67 23.63
N SER C 152 -0.84 29.57 24.53
CA SER C 152 0.44 30.23 24.38
C SER C 152 1.53 29.37 25.01
N ALA C 153 2.78 29.75 24.72
CA ALA C 153 3.91 29.05 25.33
C ALA C 153 4.01 29.30 26.83
N GLN C 154 3.43 30.41 27.31
CA GLN C 154 3.37 30.63 28.76
C GLN C 154 2.48 29.59 29.43
N HIS C 155 1.43 29.13 28.74
CA HIS C 155 0.64 28.02 29.27
C HIS C 155 1.45 26.73 29.32
N LEU C 156 2.42 26.57 28.40
CA LEU C 156 3.33 25.44 28.50
C LEU C 156 4.31 25.60 29.64
N VAL C 157 4.66 26.85 29.98
CA VAL C 157 5.48 27.08 31.17
C VAL C 157 4.70 26.74 32.42
N GLN C 158 3.43 27.13 32.48
CA GLN C 158 2.59 26.82 33.64
C GLN C 158 2.28 25.33 33.75
N ALA C 159 2.42 24.59 32.66
CA ALA C 159 2.15 23.16 32.64
C ALA C 159 3.39 22.31 32.87
N GLY C 160 4.54 22.94 33.13
CA GLY C 160 5.76 22.20 33.40
C GLY C 160 6.46 21.65 32.18
N PHE C 161 5.95 21.92 30.97
CA PHE C 161 6.63 21.45 29.77
C PHE C 161 7.84 22.31 29.44
N MET C 162 7.80 23.59 29.78
CA MET C 162 8.86 24.52 29.43
C MET C 162 9.27 25.31 30.66
N THR C 163 10.57 25.46 30.87
CA THR C 163 11.06 26.33 31.91
C THR C 163 11.08 27.77 31.41
N PRO C 164 11.04 28.75 32.31
CA PRO C 164 11.15 30.16 31.86
C PRO C 164 12.44 30.44 31.11
N ALA C 165 13.54 29.77 31.45
CA ALA C 165 14.76 29.92 30.67
C ALA C 165 14.58 29.42 29.25
N GLU C 166 13.92 28.29 29.08
CA GLU C 166 13.63 27.78 27.74
C GLU C 166 12.69 28.69 27.00
N HIS C 167 11.71 29.27 27.70
CA HIS C 167 10.79 30.21 27.06
C HIS C 167 11.53 31.45 26.57
N LYS C 168 12.44 31.98 27.39
CA LYS C 168 13.24 33.13 26.96
C LYS C 168 14.15 32.77 25.80
N GLN C 169 14.76 31.59 25.82
CA GLN C 169 15.61 31.16 24.73
C GLN C 169 14.82 31.00 23.44
N LEU C 170 13.60 30.46 23.54
CA LEU C 170 12.76 30.26 22.36
C LEU C 170 12.25 31.59 21.82
N GLU C 171 11.98 32.56 22.70
CA GLU C 171 11.61 33.90 22.23
C GLU C 171 12.79 34.58 21.57
N LYS C 172 14.01 34.34 22.07
CA LYS C 172 15.20 34.90 21.44
C LYS C 172 15.45 34.32 20.06
N LEU C 173 15.18 33.02 19.88
CA LEU C 173 15.41 32.33 18.63
C LEU C 173 14.23 32.43 17.67
N SER C 174 13.38 33.45 17.82
CA SER C 174 12.15 33.52 17.04
C SER C 174 12.43 33.78 15.57
N LEU C 175 11.74 33.04 14.72
CA LEU C 175 11.75 33.17 13.27
C LEU C 175 10.32 33.11 12.79
N PRO C 176 10.03 33.57 11.58
CA PRO C 176 8.65 33.55 11.07
C PRO C 176 8.13 32.18 10.71
N HIS C 177 8.83 31.11 11.07
CA HIS C 177 8.35 29.75 10.88
C HIS C 177 8.01 29.13 12.23
N ASN C 178 7.44 27.93 12.18
CA ASN C 178 7.13 27.20 13.41
C ASN C 178 8.41 26.76 14.10
N MET C 179 8.42 26.84 15.42
CA MET C 179 9.61 26.59 16.22
C MET C 179 9.55 25.26 16.97
N PHE C 180 8.88 24.25 16.38
CA PHE C 180 8.79 22.96 17.04
C PHE C 180 10.10 22.18 16.95
N TRP C 181 10.96 22.52 15.99
CA TRP C 181 12.23 21.83 15.77
C TRP C 181 13.30 22.19 16.79
N VAL C 182 13.11 23.27 17.56
CA VAL C 182 14.17 23.74 18.45
C VAL C 182 14.54 22.73 19.53
N PRO C 183 13.59 22.06 20.21
CA PRO C 183 14.00 21.10 21.24
C PRO C 183 14.83 19.94 20.71
N TRP C 184 14.77 19.64 19.41
CA TRP C 184 15.64 18.59 18.87
C TRP C 184 17.10 19.04 18.83
N VAL C 185 17.34 20.28 18.42
CA VAL C 185 18.70 20.82 18.48
C VAL C 185 19.16 20.94 19.93
N TRP C 186 18.24 21.32 20.83
CA TRP C 186 18.58 21.35 22.25
C TRP C 186 18.97 19.96 22.75
N PHE C 187 18.22 18.93 22.33
CA PHE C 187 18.52 17.56 22.73
C PHE C 187 19.88 17.13 22.21
N ALA C 188 20.18 17.46 20.95
CA ALA C 188 21.48 17.07 20.38
C ALA C 188 22.62 17.72 21.14
N ASN C 189 22.50 19.03 21.41
CA ASN C 189 23.58 19.73 22.10
C ASN C 189 23.73 19.25 23.54
N LEU C 190 22.61 19.02 24.23
CA LEU C 190 22.68 18.56 25.61
C LEU C 190 23.23 17.14 25.70
N SER C 191 22.89 16.28 24.73
CA SER C 191 23.44 14.94 24.71
C SER C 191 24.93 14.95 24.40
N MET C 192 25.37 15.85 23.51
CA MET C 192 26.79 16.01 23.26
C MET C 192 27.52 16.48 24.51
N LYS C 193 26.93 17.44 25.24
CA LYS C 193 27.54 17.89 26.49
C LYS C 193 27.56 16.78 27.54
N ALA C 194 26.53 15.94 27.57
CA ALA C 194 26.49 14.82 28.51
C ALA C 194 27.58 13.80 28.17
N TRP C 195 27.79 13.51 26.89
CA TRP C 195 28.85 12.58 26.52
C TRP C 195 30.23 13.15 26.80
N LEU C 196 30.42 14.46 26.55
CA LEU C 196 31.71 15.06 26.82
C LEU C 196 31.97 15.19 28.32
N GLY C 197 30.91 15.26 29.12
CA GLY C 197 31.05 15.35 30.56
C GLY C 197 31.19 14.04 31.29
N GLY C 198 31.18 12.92 30.57
CA GLY C 198 31.32 11.61 31.16
C GLY C 198 30.01 10.96 31.60
N ARG C 199 28.88 11.66 31.48
CA ARG C 199 27.61 11.08 31.86
C ARG C 199 27.19 9.96 30.92
N ILE C 200 27.53 10.08 29.64
CA ILE C 200 27.35 9.01 28.66
C ILE C 200 28.71 8.38 28.42
N ARG C 201 28.81 7.06 28.65
CA ARG C 201 30.11 6.42 28.69
C ARG C 201 30.70 6.20 27.30
N ASP C 202 29.86 5.89 26.31
CA ASP C 202 30.34 5.61 24.97
C ASP C 202 29.53 6.38 23.95
N PRO C 203 30.16 6.81 22.84
CA PRO C 203 29.41 7.54 21.81
C PRO C 203 28.42 6.71 21.03
N ILE C 204 28.48 5.37 21.13
CA ILE C 204 27.47 4.54 20.49
C ILE C 204 26.11 4.73 21.20
N LEU C 205 26.14 4.92 22.52
CA LEU C 205 24.92 5.25 23.25
C LEU C 205 24.38 6.61 22.84
N LEU C 206 25.28 7.56 22.60
CA LEU C 206 24.90 8.87 22.07
C LEU C 206 24.23 8.72 20.72
N GLN C 207 24.78 7.86 19.85
CA GLN C 207 24.18 7.62 18.55
C GLN C 207 22.79 7.02 18.68
N SER C 208 22.61 6.06 19.59
CA SER C 208 21.29 5.47 19.79
C SER C 208 20.28 6.50 20.29
N LEU C 209 20.69 7.34 21.25
CA LEU C 209 19.81 8.38 21.76
C LEU C 209 19.39 9.33 20.65
N LEU C 210 20.35 9.78 19.84
CA LEU C 210 20.02 10.71 18.77
C LEU C 210 19.26 10.05 17.64
N ASN C 211 19.42 8.74 17.43
CA ASN C 211 18.60 8.04 16.45
C ASN C 211 17.14 7.98 16.89
N GLU C 212 16.89 7.68 18.17
CA GLU C 212 15.52 7.71 18.66
C GLU C 212 14.94 9.12 18.59
N MET C 213 15.74 10.13 18.95
CA MET C 213 15.28 11.51 18.87
C MET C 213 14.96 11.91 17.44
N ASN C 214 15.78 11.46 16.48
CA ASN C 214 15.53 11.80 15.08
C ASN C 214 14.32 11.05 14.52
N THR C 215 14.06 9.84 15.01
CA THR C 215 12.81 9.16 14.65
C THR C 215 11.61 9.94 15.14
N LEU C 216 11.68 10.46 16.37
CA LEU C 216 10.62 11.34 16.86
C LEU C 216 10.50 12.59 16.01
N ARG C 217 11.64 13.13 15.57
CA ARG C 217 11.61 14.31 14.70
C ARG C 217 10.92 14.00 13.38
N THR C 218 11.19 12.83 12.80
CA THR C 218 10.52 12.46 11.57
C THR C 218 9.02 12.30 11.76
N GLN C 219 8.61 11.70 12.88
CA GLN C 219 7.18 11.57 13.15
C GLN C 219 6.52 12.93 13.31
N CYS C 220 7.15 13.85 14.03
CA CYS C 220 6.59 15.19 14.20
C CYS C 220 6.58 15.96 12.90
N GLY C 221 7.59 15.76 12.05
CA GLY C 221 7.59 16.39 10.75
C GLY C 221 6.47 15.86 9.86
N HIS C 222 6.17 14.56 9.96
CA HIS C 222 5.03 14.01 9.23
C HIS C 222 3.72 14.57 9.76
N LEU C 223 3.62 14.77 11.07
CA LEU C 223 2.42 15.42 11.62
C LEU C 223 2.26 16.83 11.08
N TYR C 224 3.36 17.60 11.06
CA TYR C 224 3.32 18.94 10.49
C TYR C 224 2.98 18.91 9.01
N ALA C 225 3.48 17.90 8.29
CA ALA C 225 3.17 17.75 6.87
C ALA C 225 1.69 17.48 6.64
N TYR C 226 1.09 16.61 7.46
CA TYR C 226 -0.32 16.32 7.30
C TYR C 226 -1.20 17.50 7.71
N ASP C 227 -0.75 18.28 8.70
CA ASP C 227 -1.51 19.48 9.06
C ASP C 227 -1.42 20.54 7.96
N TRP C 228 -0.23 20.73 7.40
CA TRP C 228 -0.03 21.76 6.38
C TRP C 228 -0.63 21.34 5.04
N ILE C 229 -0.16 20.22 4.50
CA ILE C 229 -0.63 19.73 3.20
C ILE C 229 -1.92 18.96 3.44
N SER C 230 -3.05 19.64 3.26
CA SER C 230 -4.35 19.01 3.41
C SER C 230 -4.71 18.25 2.13
N ILE C 231 -5.80 17.49 2.21
CA ILE C 231 -6.38 16.99 0.96
C ILE C 231 -6.76 18.18 0.10
N PRO C 232 -6.48 18.18 -1.20
CA PRO C 232 -6.77 19.36 -2.02
C PRO C 232 -8.23 19.78 -1.90
N LEU C 233 -8.45 21.08 -1.76
CA LEU C 233 -9.78 21.64 -1.56
C LEU C 233 -10.71 21.29 -2.70
N VAL C 234 -10.17 21.05 -3.90
CA VAL C 234 -10.98 20.68 -5.05
C VAL C 234 -11.71 19.37 -4.80
N TYR C 235 -11.02 18.39 -4.19
CA TYR C 235 -11.66 17.12 -3.87
C TYR C 235 -12.82 17.31 -2.91
N THR C 236 -12.60 18.09 -1.86
CA THR C 236 -13.65 18.33 -0.88
C THR C 236 -14.84 19.03 -1.52
N GLN C 237 -14.58 20.05 -2.34
CA GLN C 237 -15.67 20.75 -3.00
C GLN C 237 -16.43 19.83 -3.95
N VAL C 238 -15.72 18.99 -4.70
CA VAL C 238 -16.39 18.10 -5.64
C VAL C 238 -17.26 17.10 -4.91
N VAL C 239 -16.74 16.47 -3.84
CA VAL C 239 -17.56 15.47 -3.14
C VAL C 239 -18.74 16.13 -2.42
N THR C 240 -18.53 17.33 -1.86
CA THR C 240 -19.63 18.04 -1.22
C THR C 240 -20.72 18.39 -2.22
N VAL C 241 -20.32 18.91 -3.38
CA VAL C 241 -21.31 19.23 -4.41
C VAL C 241 -22.00 17.96 -4.90
N ALA C 242 -21.27 16.84 -4.98
CA ALA C 242 -21.88 15.60 -5.40
C ALA C 242 -22.99 15.18 -4.44
N VAL C 243 -22.68 15.11 -3.15
CA VAL C 243 -23.69 14.68 -2.18
C VAL C 243 -24.85 15.68 -2.11
N TYR C 244 -24.52 16.98 -2.06
CA TYR C 244 -25.55 18.00 -1.91
C TYR C 244 -26.46 18.05 -3.14
N SER C 245 -25.90 17.93 -4.34
CA SER C 245 -26.72 17.93 -5.54
C SER C 245 -27.54 16.65 -5.64
N PHE C 246 -26.96 15.51 -5.24
CA PHE C 246 -27.72 14.27 -5.25
C PHE C 246 -28.98 14.38 -4.40
N PHE C 247 -28.83 14.93 -3.18
CA PHE C 247 -30.01 14.96 -2.31
C PHE C 247 -30.87 16.20 -2.50
N LEU C 248 -30.34 17.27 -3.10
CA LEU C 248 -31.22 18.33 -3.58
C LEU C 248 -32.08 17.86 -4.74
N THR C 249 -31.53 17.00 -5.60
CA THR C 249 -32.35 16.35 -6.62
C THR C 249 -33.37 15.42 -5.99
N CYS C 250 -32.96 14.64 -4.99
CA CYS C 250 -33.89 13.75 -4.29
C CYS C 250 -34.98 14.52 -3.55
N LEU C 251 -34.74 15.79 -3.22
CA LEU C 251 -35.79 16.61 -2.63
C LEU C 251 -37.00 16.76 -3.54
N VAL C 252 -36.82 16.62 -4.85
CA VAL C 252 -37.89 16.81 -5.83
C VAL C 252 -38.26 15.50 -6.50
N GLY C 253 -37.25 14.76 -6.99
CA GLY C 253 -37.51 13.54 -7.75
C GLY C 253 -38.00 12.37 -6.91
N ARG C 254 -37.73 12.37 -5.61
CA ARG C 254 -38.17 11.30 -4.73
C ARG C 254 -39.50 11.63 -4.05
N GLN C 255 -40.17 12.71 -4.46
CA GLN C 255 -41.49 13.02 -3.93
C GLN C 255 -42.51 11.99 -4.41
N PHE C 256 -43.45 11.65 -3.54
CA PHE C 256 -44.52 10.72 -3.88
C PHE C 256 -45.59 11.46 -4.68
N LEU C 257 -45.72 11.12 -5.95
CA LEU C 257 -46.68 11.79 -6.81
C LEU C 257 -48.10 11.27 -6.54
N ASN C 258 -49.07 11.92 -7.16
CA ASN C 258 -50.48 11.59 -6.94
C ASN C 258 -50.80 10.23 -7.54
N PRO C 259 -51.26 9.26 -6.75
CA PRO C 259 -51.60 7.95 -7.32
C PRO C 259 -52.80 7.97 -8.25
N ALA C 260 -53.63 9.02 -8.20
CA ALA C 260 -54.75 9.11 -9.13
C ALA C 260 -54.28 9.28 -10.57
N LYS C 261 -53.12 9.91 -10.76
CA LYS C 261 -52.55 10.06 -12.10
C LYS C 261 -52.04 8.75 -12.67
N ALA C 262 -51.82 7.75 -11.81
CA ALA C 262 -51.37 6.41 -12.23
C ALA C 262 -50.07 6.48 -13.01
N TYR C 263 -49.09 7.19 -12.46
CA TYR C 263 -47.78 7.26 -13.08
C TYR C 263 -47.04 5.94 -12.88
N PRO C 264 -46.24 5.50 -13.85
CA PRO C 264 -45.45 4.27 -13.68
C PRO C 264 -44.37 4.48 -12.63
N GLY C 265 -44.38 3.62 -11.60
CA GLY C 265 -43.46 3.72 -10.50
C GLY C 265 -43.96 4.52 -9.32
N HIS C 266 -45.09 5.20 -9.46
CA HIS C 266 -45.69 5.99 -8.39
C HIS C 266 -47.11 5.51 -8.07
N GLU C 267 -47.34 4.20 -8.20
CA GLU C 267 -48.67 3.67 -7.94
C GLU C 267 -49.01 3.74 -6.46
N LEU C 268 -48.07 3.39 -5.59
CA LEU C 268 -48.30 3.38 -4.14
C LEU C 268 -47.78 4.69 -3.55
N ASP C 269 -48.65 5.39 -2.83
CA ASP C 269 -48.31 6.68 -2.23
C ASP C 269 -48.09 6.48 -0.73
N LEU C 270 -46.83 6.39 -0.33
CA LEU C 270 -46.47 6.42 1.07
C LEU C 270 -46.22 7.85 1.50
N VAL C 271 -46.08 8.05 2.81
CA VAL C 271 -45.75 9.36 3.36
C VAL C 271 -44.26 9.50 3.60
N VAL C 272 -43.62 8.45 4.14
CA VAL C 272 -42.21 8.48 4.49
C VAL C 272 -41.42 7.81 3.37
N PRO C 273 -40.51 8.51 2.69
CA PRO C 273 -39.62 7.83 1.73
C PRO C 273 -38.53 7.05 2.42
N VAL C 274 -38.84 5.80 2.80
CA VAL C 274 -37.89 5.00 3.58
C VAL C 274 -36.60 4.78 2.81
N PHE C 275 -36.70 4.46 1.52
CA PHE C 275 -35.49 4.21 0.74
C PHE C 275 -34.67 5.47 0.53
N THR C 276 -35.33 6.61 0.31
CA THR C 276 -34.60 7.87 0.17
C THR C 276 -33.92 8.25 1.47
N PHE C 277 -34.59 8.04 2.60
CA PHE C 277 -33.98 8.34 3.90
C PHE C 277 -32.82 7.38 4.20
N LEU C 278 -32.92 6.12 3.78
CA LEU C 278 -31.81 5.20 3.92
C LEU C 278 -30.62 5.62 3.06
N GLN C 279 -30.90 6.08 1.83
CA GLN C 279 -29.83 6.59 0.98
C GLN C 279 -29.17 7.82 1.59
N PHE C 280 -29.99 8.72 2.17
CA PHE C 280 -29.44 9.87 2.88
C PHE C 280 -28.56 9.40 4.03
N PHE C 281 -29.07 8.46 4.83
CA PHE C 281 -28.27 7.86 5.90
C PHE C 281 -26.92 7.42 5.39
N PHE C 282 -26.89 6.51 4.40
CA PHE C 282 -25.63 5.92 3.96
C PHE C 282 -24.70 6.97 3.35
N TYR C 283 -25.18 7.74 2.37
CA TYR C 283 -24.29 8.63 1.62
C TYR C 283 -23.88 9.84 2.46
N VAL C 284 -24.83 10.50 3.12
CA VAL C 284 -24.48 11.65 3.95
C VAL C 284 -23.68 11.21 5.16
N GLY C 285 -23.88 9.98 5.67
CA GLY C 285 -23.04 9.49 6.73
C GLY C 285 -21.61 9.23 6.27
N TRP C 286 -21.46 8.71 5.05
CA TRP C 286 -20.13 8.61 4.45
C TRP C 286 -19.47 9.98 4.36
N LEU C 287 -20.23 10.98 3.91
CA LEU C 287 -19.70 12.34 3.85
C LEU C 287 -19.35 12.87 5.24
N LYS C 288 -20.16 12.55 6.24
CA LYS C 288 -19.91 13.05 7.60
C LYS C 288 -18.71 12.37 8.23
N VAL C 289 -18.47 11.09 7.95
CA VAL C 289 -17.26 10.47 8.46
C VAL C 289 -16.04 11.00 7.72
N ALA C 290 -16.20 11.38 6.45
CA ALA C 290 -15.13 12.10 5.78
C ALA C 290 -14.86 13.44 6.46
N GLU C 291 -15.92 14.13 6.86
CA GLU C 291 -15.78 15.41 7.57
C GLU C 291 -15.20 15.24 8.96
N GLN C 292 -15.40 14.08 9.58
CA GLN C 292 -14.94 13.86 10.95
C GLN C 292 -13.50 13.36 10.99
N LEU C 293 -13.09 12.53 10.03
CA LEU C 293 -11.73 12.00 10.01
C LEU C 293 -10.78 12.82 9.14
N ILE C 294 -11.25 13.91 8.53
CA ILE C 294 -10.36 14.73 7.71
C ILE C 294 -9.30 15.41 8.57
N ASN C 295 -9.69 15.85 9.77
CA ASN C 295 -8.76 16.38 10.76
C ASN C 295 -9.01 15.61 12.05
N PRO C 296 -8.25 14.53 12.28
CA PRO C 296 -8.47 13.70 13.47
C PRO C 296 -7.90 14.27 14.75
N PHE C 297 -7.48 15.54 14.75
CA PHE C 297 -6.93 16.19 15.93
C PHE C 297 -7.85 17.27 16.48
N GLY C 298 -9.11 17.29 16.07
CA GLY C 298 -10.06 18.25 16.57
C GLY C 298 -10.63 17.86 17.91
N GLU C 299 -11.95 17.99 18.07
CA GLU C 299 -12.63 17.67 19.31
C GLU C 299 -13.89 16.84 19.05
N ASP C 300 -13.86 16.02 18.01
CA ASP C 300 -14.95 15.09 17.76
C ASP C 300 -14.84 13.91 18.72
N ASP C 301 -15.93 13.14 18.82
CA ASP C 301 -15.93 11.98 19.70
C ASP C 301 -14.94 10.93 19.24
N ASP C 302 -14.80 10.73 17.93
CA ASP C 302 -13.88 9.75 17.38
C ASP C 302 -12.51 10.33 17.06
N ASP C 303 -12.27 11.60 17.36
CA ASP C 303 -10.95 12.17 17.18
C ASP C 303 -10.01 11.70 18.28
N PHE C 304 -8.71 11.84 18.02
CA PHE C 304 -7.70 11.32 18.93
C PHE C 304 -7.71 12.07 20.25
N GLU C 305 -7.43 11.34 21.34
CA GLU C 305 -7.33 11.95 22.66
C GLU C 305 -5.91 12.45 22.87
N THR C 306 -5.59 13.53 22.16
CA THR C 306 -4.22 14.03 22.13
C THR C 306 -3.79 14.65 23.44
N ASN C 307 -4.72 15.28 24.18
CA ASN C 307 -4.37 15.78 25.50
C ASN C 307 -4.03 14.65 26.45
N TRP C 308 -4.78 13.55 26.39
CA TRP C 308 -4.45 12.38 27.20
C TRP C 308 -3.10 11.81 26.80
N ILE C 309 -2.80 11.78 25.51
CA ILE C 309 -1.51 11.28 25.05
C ILE C 309 -0.38 12.17 25.55
N VAL C 310 -0.58 13.49 25.52
CA VAL C 310 0.43 14.42 26.01
C VAL C 310 0.69 14.18 27.51
N ASP C 311 -0.39 14.11 28.30
CA ASP C 311 -0.23 13.91 29.73
C ASP C 311 0.42 12.57 30.04
N ARG C 312 -0.01 11.51 29.35
CA ARG C 312 0.54 10.18 29.59
C ARG C 312 2.01 10.13 29.20
N ASN C 313 2.38 10.72 28.06
CA ASN C 313 3.77 10.72 27.66
C ASN C 313 4.64 11.47 28.67
N LEU C 314 4.19 12.64 29.11
CA LEU C 314 4.97 13.40 30.08
C LEU C 314 5.13 12.62 31.39
N GLN C 315 4.03 12.10 31.92
CA GLN C 315 4.08 11.40 33.21
C GLN C 315 4.92 10.14 33.12
N VAL C 316 4.71 9.34 32.07
CA VAL C 316 5.42 8.07 31.93
C VAL C 316 6.90 8.31 31.69
N SER C 317 7.25 9.31 30.87
CA SER C 317 8.65 9.62 30.63
C SER C 317 9.35 10.09 31.90
N LEU C 318 8.71 10.99 32.65
CA LEU C 318 9.32 11.48 33.87
C LEU C 318 9.44 10.40 34.93
N LEU C 319 8.51 9.44 34.94
CA LEU C 319 8.66 8.30 35.85
C LEU C 319 9.80 7.39 35.39
N ALA C 320 9.93 7.17 34.08
CA ALA C 320 10.88 6.20 33.58
C ALA C 320 12.32 6.69 33.71
N VAL C 321 12.56 7.98 33.46
CA VAL C 321 13.94 8.47 33.46
C VAL C 321 14.44 8.86 34.84
N ASP C 322 13.56 9.02 35.82
CA ASP C 322 13.96 9.53 37.13
C ASP C 322 13.82 8.47 38.23
N GLU C 323 12.62 7.93 38.43
CA GLU C 323 12.42 6.97 39.50
C GLU C 323 12.87 5.57 39.13
N MET C 324 12.91 5.25 37.84
CA MET C 324 13.26 3.92 37.38
C MET C 324 14.70 3.80 36.90
N HIS C 325 15.51 4.86 37.03
CA HIS C 325 16.91 4.79 36.62
C HIS C 325 17.70 3.97 37.63
N GLN C 326 18.25 2.84 37.15
CA GLN C 326 19.02 1.91 37.98
C GLN C 326 18.23 1.49 39.22
N ASP C 327 16.92 1.37 39.07
CA ASP C 327 16.01 0.92 40.11
C ASP C 327 15.36 -0.37 39.60
N LEU C 328 16.03 -1.48 39.84
CA LEU C 328 15.56 -2.75 39.28
C LEU C 328 14.96 -3.62 40.37
N PRO C 329 13.96 -4.45 40.02
CA PRO C 329 13.50 -5.48 40.95
C PRO C 329 14.61 -6.50 41.19
N ARG C 330 14.57 -7.11 42.37
CA ARG C 330 15.61 -8.06 42.74
C ARG C 330 15.64 -9.23 41.76
N MET C 331 16.84 -9.53 41.26
CA MET C 331 17.00 -10.57 40.26
C MET C 331 17.06 -11.93 40.95
N GLU C 332 16.00 -12.71 40.81
CA GLU C 332 15.84 -13.98 41.49
C GLU C 332 15.46 -15.05 40.48
N PRO C 333 15.77 -16.32 40.77
CA PRO C 333 15.36 -17.40 39.86
C PRO C 333 13.85 -17.46 39.70
N ASP C 334 13.41 -17.76 38.48
CA ASP C 334 12.00 -17.78 38.14
C ASP C 334 11.43 -19.18 38.42
N MET C 335 10.19 -19.41 37.97
CA MET C 335 9.52 -20.68 38.24
C MET C 335 10.17 -21.83 37.47
N TYR C 336 10.60 -21.58 36.25
CA TYR C 336 11.17 -22.62 35.39
C TYR C 336 12.68 -22.74 35.53
N TRP C 337 13.24 -22.31 36.66
CA TRP C 337 14.67 -22.39 36.87
C TRP C 337 15.07 -23.84 37.08
N ASN C 338 15.84 -24.39 36.14
CA ASN C 338 16.31 -25.77 36.18
C ASN C 338 15.15 -26.76 36.33
N THR D 1 -7.06 -19.89 14.82
CA THR D 1 -6.54 -19.95 13.47
C THR D 1 -6.86 -21.30 12.84
N ILE D 2 -7.56 -21.25 11.70
CA ILE D 2 -7.87 -22.46 10.93
C ILE D 2 -6.90 -22.52 9.77
N THR D 3 -6.05 -23.55 9.75
CA THR D 3 -5.02 -23.68 8.73
C THR D 3 -5.43 -24.75 7.72
N TYR D 4 -5.45 -24.38 6.45
CA TYR D 4 -5.72 -25.30 5.37
C TYR D 4 -4.75 -25.10 4.21
N THR D 5 -3.57 -24.57 4.51
CA THR D 5 -2.60 -24.24 3.46
C THR D 5 -2.13 -25.48 2.72
N SER D 6 -1.91 -26.59 3.44
CA SER D 6 -1.44 -27.80 2.80
C SER D 6 -2.49 -28.40 1.87
N GLN D 7 -3.77 -28.14 2.14
CA GLN D 7 -4.85 -28.67 1.30
C GLN D 7 -5.01 -27.91 0.00
N VAL D 8 -4.44 -26.71 -0.11
CA VAL D 8 -4.56 -25.90 -1.31
C VAL D 8 -3.17 -25.61 -1.88
N ALA D 9 -2.24 -26.54 -1.67
CA ALA D 9 -0.89 -26.36 -2.20
C ALA D 9 -0.90 -26.38 -3.74
N ASN D 10 -1.72 -27.23 -4.33
CA ASN D 10 -1.82 -27.36 -5.77
C ASN D 10 -3.25 -27.05 -6.22
N ALA D 11 -3.37 -26.37 -7.35
CA ALA D 11 -4.68 -26.10 -7.94
C ALA D 11 -5.13 -27.36 -8.66
N ARG D 12 -5.98 -28.14 -8.01
CA ARG D 12 -6.48 -29.40 -8.55
C ARG D 12 -7.96 -29.27 -8.88
N LEU D 13 -8.54 -30.35 -9.40
CA LEU D 13 -9.94 -30.36 -9.77
C LEU D 13 -10.80 -30.20 -8.53
N GLY D 14 -11.43 -29.03 -8.38
CA GLY D 14 -12.24 -28.75 -7.21
C GLY D 14 -11.42 -28.65 -5.93
N SER D 15 -10.33 -27.89 -5.97
CA SER D 15 -9.50 -27.72 -4.79
C SER D 15 -10.24 -26.98 -3.68
N PHE D 16 -11.00 -25.95 -4.04
CA PHE D 16 -11.81 -25.23 -3.07
C PHE D 16 -13.12 -25.94 -2.73
N SER D 17 -13.45 -27.02 -3.46
CA SER D 17 -14.69 -27.74 -3.18
C SER D 17 -14.59 -28.51 -1.86
N ARG D 18 -13.43 -29.11 -1.59
CA ARG D 18 -13.26 -29.87 -0.35
C ARG D 18 -13.29 -28.99 0.88
N LEU D 19 -13.06 -27.68 0.73
CA LEU D 19 -13.11 -26.75 1.84
C LEU D 19 -14.52 -26.38 2.24
N LEU D 20 -15.53 -26.69 1.40
CA LEU D 20 -16.91 -26.42 1.73
C LEU D 20 -17.47 -27.40 2.76
N LEU D 21 -16.77 -28.49 3.05
CA LEU D 21 -17.22 -29.50 4.00
C LEU D 21 -16.57 -29.34 5.36
N CYS D 22 -16.27 -28.11 5.76
CA CYS D 22 -15.66 -27.82 7.05
C CYS D 22 -16.67 -27.14 7.97
N TRP D 23 -16.44 -27.25 9.26
CA TRP D 23 -17.29 -26.62 10.25
C TRP D 23 -16.56 -25.62 11.14
N ARG D 24 -15.36 -25.96 11.61
CA ARG D 24 -14.58 -25.02 12.40
C ARG D 24 -14.05 -23.91 11.49
N GLY D 25 -14.34 -22.67 11.85
CA GLY D 25 -13.95 -21.55 11.02
C GLY D 25 -14.74 -21.41 9.75
N SER D 26 -15.87 -22.10 9.63
CA SER D 26 -16.67 -22.06 8.42
C SER D 26 -17.63 -20.88 8.45
N ILE D 27 -18.19 -20.57 7.27
CA ILE D 27 -19.18 -19.51 7.18
C ILE D 27 -20.55 -19.97 7.64
N TYR D 28 -20.82 -21.28 7.58
CA TYR D 28 -22.08 -21.79 8.12
C TYR D 28 -22.15 -21.60 9.63
N LYS D 29 -21.04 -21.81 10.32
CA LYS D 29 -21.02 -21.62 11.77
C LYS D 29 -21.26 -20.17 12.14
N LEU D 30 -20.75 -19.24 11.33
CA LEU D 30 -20.98 -17.81 11.56
C LEU D 30 -22.33 -17.33 11.05
N LEU D 31 -23.02 -18.11 10.23
CA LEU D 31 -24.23 -17.65 9.57
C LEU D 31 -25.51 -18.35 10.00
N TYR D 32 -25.42 -19.47 10.72
CA TYR D 32 -26.61 -20.30 10.90
C TYR D 32 -27.68 -19.60 11.74
N GLY D 33 -27.28 -18.90 12.80
CA GLY D 33 -28.27 -18.23 13.64
C GLY D 33 -29.00 -17.12 12.90
N GLU D 34 -28.25 -16.26 12.21
CA GLU D 34 -28.87 -15.20 11.43
C GLU D 34 -29.72 -15.76 10.30
N PHE D 35 -29.27 -16.84 9.66
CA PHE D 35 -30.04 -17.43 8.58
C PHE D 35 -31.33 -18.05 9.10
N LEU D 36 -31.28 -18.67 10.28
CA LEU D 36 -32.51 -19.22 10.86
C LEU D 36 -33.48 -18.10 11.23
N ILE D 37 -32.98 -16.99 11.78
CA ILE D 37 -33.87 -15.88 12.10
C ILE D 37 -34.48 -15.30 10.82
N PHE D 38 -33.67 -15.13 9.78
CA PHE D 38 -34.18 -14.60 8.51
C PHE D 38 -35.20 -15.55 7.88
N LEU D 39 -34.92 -16.86 7.93
CA LEU D 39 -35.84 -17.85 7.39
C LEU D 39 -37.17 -17.82 8.14
N LEU D 40 -37.11 -17.77 9.47
CA LEU D 40 -38.33 -17.72 10.27
C LEU D 40 -39.14 -16.49 9.97
N CYS D 41 -38.49 -15.31 9.90
CA CYS D 41 -39.21 -14.09 9.60
C CYS D 41 -39.83 -14.12 8.21
N TYR D 42 -39.06 -14.60 7.22
CA TYR D 42 -39.56 -14.66 5.85
C TYR D 42 -40.78 -15.56 5.75
N TYR D 43 -40.73 -16.74 6.38
CA TYR D 43 -41.86 -17.65 6.26
C TYR D 43 -43.04 -17.24 7.13
N ILE D 44 -42.80 -16.53 8.24
CA ILE D 44 -43.91 -15.96 8.99
C ILE D 44 -44.62 -14.90 8.16
N ILE D 45 -43.87 -14.04 7.48
CA ILE D 45 -44.48 -13.04 6.61
C ILE D 45 -45.22 -13.71 5.46
N ARG D 46 -44.64 -14.78 4.91
CA ARG D 46 -45.31 -15.51 3.83
C ARG D 46 -46.63 -16.12 4.29
N PHE D 47 -46.64 -16.73 5.48
CA PHE D 47 -47.87 -17.33 5.99
C PHE D 47 -48.91 -16.27 6.34
N ILE D 48 -48.46 -15.09 6.79
CA ILE D 48 -49.40 -14.01 7.03
C ILE D 48 -50.02 -13.54 5.71
N TYR D 49 -49.21 -13.41 4.67
CA TYR D 49 -49.71 -12.92 3.39
C TYR D 49 -50.65 -13.92 2.73
N ARG D 50 -50.26 -15.20 2.72
CA ARG D 50 -51.03 -16.20 1.98
C ARG D 50 -52.31 -16.61 2.71
N LEU D 51 -52.34 -16.52 4.04
CA LEU D 51 -53.47 -17.02 4.80
C LEU D 51 -54.20 -15.92 5.58
N ALA D 52 -53.47 -15.13 6.38
CA ALA D 52 -54.12 -14.22 7.32
C ALA D 52 -54.74 -13.01 6.64
N LEU D 53 -54.13 -12.50 5.57
CA LEU D 53 -54.55 -11.23 5.00
C LEU D 53 -55.83 -11.37 4.18
N THR D 54 -56.69 -10.36 4.30
CA THR D 54 -57.85 -10.22 3.43
C THR D 54 -57.40 -9.83 2.03
N GLU D 55 -58.27 -10.05 1.04
CA GLU D 55 -57.89 -9.88 -0.36
C GLU D 55 -57.42 -8.46 -0.65
N GLU D 56 -58.10 -7.45 -0.11
CA GLU D 56 -57.65 -6.07 -0.31
C GLU D 56 -56.30 -5.84 0.35
N GLN D 57 -56.11 -6.40 1.55
CA GLN D 57 -54.80 -6.30 2.21
C GLN D 57 -53.75 -7.09 1.45
N GLN D 58 -54.14 -8.17 0.78
CA GLN D 58 -53.22 -8.90 -0.09
C GLN D 58 -52.80 -8.05 -1.28
N LEU D 59 -53.73 -7.31 -1.86
CA LEU D 59 -53.39 -6.39 -2.95
C LEU D 59 -52.45 -5.30 -2.47
N MET D 60 -52.71 -4.75 -1.28
CA MET D 60 -51.83 -3.74 -0.70
C MET D 60 -50.44 -4.31 -0.45
N PHE D 61 -50.37 -5.55 0.06
CA PHE D 61 -49.09 -6.18 0.31
C PHE D 61 -48.36 -6.47 -0.99
N GLU D 62 -49.07 -6.84 -2.04
CA GLU D 62 -48.45 -7.06 -3.34
C GLU D 62 -47.85 -5.76 -3.89
N LYS D 63 -48.60 -4.66 -3.78
CA LYS D 63 -48.07 -3.37 -4.21
C LYS D 63 -46.85 -2.98 -3.38
N LEU D 64 -46.90 -3.21 -2.07
CA LEU D 64 -45.76 -2.91 -1.20
C LEU D 64 -44.55 -3.78 -1.56
N THR D 65 -44.79 -5.06 -1.88
CA THR D 65 -43.71 -5.96 -2.27
C THR D 65 -43.06 -5.51 -3.57
N LEU D 66 -43.87 -5.12 -4.55
CA LEU D 66 -43.31 -4.60 -5.79
C LEU D 66 -42.53 -3.31 -5.56
N TYR D 67 -43.06 -2.43 -4.69
CA TYR D 67 -42.36 -1.19 -4.38
C TYR D 67 -41.02 -1.45 -3.73
N CYS D 68 -40.97 -2.41 -2.79
CA CYS D 68 -39.71 -2.72 -2.11
C CYS D 68 -38.73 -3.44 -3.03
N ASP D 69 -39.23 -4.30 -3.92
CA ASP D 69 -38.35 -5.04 -4.80
C ASP D 69 -37.80 -4.16 -5.92
N SER D 70 -38.54 -3.13 -6.33
CA SER D 70 -38.07 -2.22 -7.36
C SER D 70 -37.00 -1.27 -6.85
N TYR D 71 -36.94 -1.02 -5.54
CA TYR D 71 -36.00 -0.06 -4.96
C TYR D 71 -35.00 -0.73 -4.01
N ILE D 72 -34.78 -2.04 -4.17
CA ILE D 72 -33.78 -2.72 -3.36
C ILE D 72 -32.37 -2.29 -3.79
N GLN D 73 -32.20 -1.88 -5.04
CA GLN D 73 -30.90 -1.48 -5.55
C GLN D 73 -30.47 -0.10 -5.08
N LEU D 74 -31.36 0.67 -4.45
CA LEU D 74 -30.98 1.97 -3.92
C LEU D 74 -30.02 1.85 -2.75
N ILE D 75 -29.96 0.70 -2.09
CA ILE D 75 -29.08 0.47 -0.95
C ILE D 75 -27.71 0.05 -1.47
N PRO D 76 -26.66 0.85 -1.23
CA PRO D 76 -25.30 0.46 -1.70
C PRO D 76 -24.62 -0.46 -0.71
N ILE D 77 -25.13 -1.69 -0.61
CA ILE D 77 -24.56 -2.65 0.34
C ILE D 77 -23.17 -3.08 -0.11
N SER D 78 -22.98 -3.27 -1.43
CA SER D 78 -21.69 -3.71 -1.94
C SER D 78 -20.61 -2.66 -1.70
N PHE D 79 -20.95 -1.39 -1.87
CA PHE D 79 -19.98 -0.31 -1.75
C PHE D 79 -19.40 -0.21 -0.34
N VAL D 80 -20.27 0.03 0.65
CA VAL D 80 -19.81 0.15 2.02
C VAL D 80 -19.27 -1.19 2.53
N LEU D 81 -19.85 -2.30 2.08
CA LEU D 81 -19.37 -3.61 2.52
C LEU D 81 -17.94 -3.85 2.03
N GLY D 82 -17.65 -3.52 0.78
CA GLY D 82 -16.30 -3.69 0.27
C GLY D 82 -15.31 -2.79 0.95
N PHE D 83 -15.67 -1.52 1.15
CA PHE D 83 -14.76 -0.62 1.85
C PHE D 83 -14.46 -1.12 3.26
N TYR D 84 -15.51 -1.51 3.99
CA TYR D 84 -15.34 -1.95 5.37
C TYR D 84 -14.51 -3.21 5.45
N VAL D 85 -14.77 -4.18 4.57
CA VAL D 85 -14.05 -5.45 4.63
C VAL D 85 -12.60 -5.26 4.21
N THR D 86 -12.34 -4.40 3.22
CA THR D 86 -10.96 -4.13 2.86
C THR D 86 -10.19 -3.50 4.02
N LEU D 87 -10.82 -2.52 4.68
CA LEU D 87 -10.17 -1.91 5.85
C LEU D 87 -9.94 -2.92 6.96
N VAL D 88 -10.94 -3.79 7.20
CA VAL D 88 -10.82 -4.79 8.27
C VAL D 88 -9.68 -5.75 7.97
N VAL D 89 -9.56 -6.21 6.72
CA VAL D 89 -8.51 -7.16 6.38
C VAL D 89 -7.14 -6.52 6.45
N THR D 90 -7.02 -5.27 5.98
CA THR D 90 -5.74 -4.57 6.09
C THR D 90 -5.32 -4.42 7.54
N ARG D 91 -6.25 -3.97 8.40
CA ARG D 91 -5.94 -3.84 9.81
C ARG D 91 -5.66 -5.18 10.47
N TRP D 92 -6.31 -6.25 9.99
CA TRP D 92 -6.12 -7.57 10.56
C TRP D 92 -4.71 -8.09 10.30
N TRP D 93 -4.25 -7.97 9.05
CA TRP D 93 -2.89 -8.41 8.78
C TRP D 93 -1.86 -7.47 9.39
N ASN D 94 -2.17 -6.18 9.53
CA ASN D 94 -1.27 -5.30 10.24
C ASN D 94 -1.20 -5.65 11.72
N GLN D 95 -2.32 -6.07 12.32
CA GLN D 95 -2.30 -6.48 13.72
C GLN D 95 -1.50 -7.76 13.90
N TYR D 96 -1.57 -8.68 12.93
CA TYR D 96 -0.73 -9.88 13.05
C TYR D 96 0.74 -9.55 12.85
N GLU D 97 1.05 -8.64 11.91
CA GLU D 97 2.44 -8.30 11.63
C GLU D 97 3.13 -7.62 12.80
N ASN D 98 2.37 -7.07 13.74
CA ASN D 98 2.94 -6.41 14.90
C ASN D 98 2.88 -7.28 16.16
N LEU D 99 2.59 -8.56 16.02
CA LEU D 99 2.74 -9.47 17.13
C LEU D 99 4.22 -9.69 17.40
N PRO D 100 4.70 -9.45 18.63
CA PRO D 100 6.14 -9.52 18.88
C PRO D 100 6.65 -10.95 18.94
N TRP D 101 7.78 -11.17 18.27
CA TRP D 101 8.50 -12.43 18.33
C TRP D 101 9.89 -12.15 18.88
N PRO D 102 10.30 -12.79 19.97
CA PRO D 102 11.57 -12.44 20.61
C PRO D 102 12.77 -13.19 20.05
N ASP D 103 12.65 -13.76 18.86
CA ASP D 103 13.68 -14.67 18.36
C ASP D 103 14.99 -13.94 18.07
N ARG D 104 14.93 -12.79 17.39
CA ARG D 104 16.14 -12.01 17.16
C ARG D 104 16.76 -11.57 18.49
N LEU D 105 15.92 -11.07 19.40
CA LEU D 105 16.42 -10.61 20.69
C LEU D 105 16.98 -11.76 21.51
N MET D 106 16.34 -12.93 21.49
CA MET D 106 16.84 -14.06 22.25
C MET D 106 18.13 -14.61 21.67
N SER D 107 18.30 -14.53 20.35
CA SER D 107 19.58 -14.88 19.76
C SER D 107 20.67 -13.92 20.23
N LEU D 108 20.36 -12.62 20.25
CA LEU D 108 21.35 -11.65 20.72
C LEU D 108 21.64 -11.81 22.21
N VAL D 109 20.65 -12.21 23.01
CA VAL D 109 20.89 -12.45 24.43
C VAL D 109 21.75 -13.68 24.63
N SER D 110 21.46 -14.75 23.89
CA SER D 110 22.25 -15.98 23.99
C SER D 110 23.69 -15.75 23.52
N GLY D 111 23.89 -14.85 22.56
CA GLY D 111 25.24 -14.58 22.10
C GLY D 111 26.02 -13.58 22.94
N PHE D 112 25.46 -12.38 23.13
CA PHE D 112 26.24 -11.27 23.69
C PHE D 112 26.48 -11.42 25.18
N VAL D 113 25.47 -11.83 25.93
CA VAL D 113 25.58 -11.87 27.39
C VAL D 113 26.35 -13.13 27.77
N GLU D 114 27.56 -12.94 28.29
CA GLU D 114 28.48 -14.04 28.55
C GLU D 114 28.34 -14.55 29.98
N GLY D 115 28.89 -15.74 30.21
CA GLY D 115 28.90 -16.35 31.52
C GLY D 115 28.10 -17.63 31.59
N LYS D 116 28.79 -18.75 31.76
CA LYS D 116 28.13 -20.05 31.93
C LYS D 116 27.85 -20.37 33.39
N ASP D 117 28.17 -19.45 34.31
CA ASP D 117 27.86 -19.63 35.71
C ASP D 117 26.39 -19.31 35.98
N GLU D 118 25.99 -19.37 37.25
CA GLU D 118 24.59 -19.13 37.59
C GLU D 118 24.21 -17.67 37.41
N GLN D 119 25.16 -16.75 37.56
CA GLN D 119 24.84 -15.34 37.44
C GLN D 119 24.52 -14.96 36.00
N GLY D 120 25.32 -15.46 35.04
CA GLY D 120 25.02 -15.21 33.65
C GLY D 120 23.72 -15.86 33.20
N ARG D 121 23.46 -17.08 33.67
CA ARG D 121 22.18 -17.74 33.42
C ARG D 121 21.04 -16.89 33.92
N LEU D 122 21.15 -16.42 35.16
CA LEU D 122 20.09 -15.59 35.75
C LEU D 122 19.90 -14.32 34.95
N LEU D 123 21.00 -13.69 34.54
CA LEU D 123 20.92 -12.44 33.79
C LEU D 123 20.22 -12.63 32.45
N ARG D 124 20.60 -13.67 31.71
CA ARG D 124 19.99 -13.93 30.40
C ARG D 124 18.52 -14.28 30.54
N ARG D 125 18.19 -15.15 31.50
CA ARG D 125 16.80 -15.51 31.70
C ARG D 125 15.96 -14.31 32.12
N THR D 126 16.52 -13.44 32.97
CA THR D 126 15.79 -12.24 33.39
C THR D 126 15.56 -11.29 32.24
N LEU D 127 16.55 -11.10 31.37
CA LEU D 127 16.38 -10.21 30.23
C LEU D 127 15.31 -10.74 29.27
N ILE D 128 15.42 -12.01 28.88
CA ILE D 128 14.45 -12.53 27.93
C ILE D 128 13.07 -12.68 28.56
N ARG D 129 13.00 -12.87 29.88
CA ARG D 129 11.71 -12.88 30.54
C ARG D 129 11.14 -11.48 30.71
N TYR D 130 11.99 -10.45 30.77
CA TYR D 130 11.49 -9.08 30.66
C TYR D 130 10.82 -8.86 29.32
N ALA D 131 11.47 -9.34 28.25
CA ALA D 131 10.87 -9.22 26.91
C ALA D 131 9.52 -9.96 26.86
N ASN D 132 9.49 -11.20 27.33
CA ASN D 132 8.26 -11.98 27.29
C ASN D 132 7.19 -11.38 28.21
N LEU D 133 7.60 -10.79 29.34
CA LEU D 133 6.66 -10.17 30.25
C LEU D 133 6.02 -8.94 29.63
N GLY D 134 6.81 -8.12 28.93
CA GLY D 134 6.23 -7.01 28.21
C GLY D 134 5.26 -7.45 27.14
N ASN D 135 5.64 -8.50 26.39
CA ASN D 135 4.74 -9.02 25.36
C ASN D 135 3.44 -9.53 25.97
N VAL D 136 3.52 -10.28 27.08
CA VAL D 136 2.31 -10.83 27.68
C VAL D 136 1.50 -9.73 28.35
N LEU D 137 2.16 -8.66 28.82
CA LEU D 137 1.42 -7.55 29.41
C LEU D 137 0.62 -6.80 28.36
N ILE D 138 1.17 -6.67 27.14
CA ILE D 138 0.35 -6.02 26.11
C ILE D 138 -0.71 -6.98 25.56
N LEU D 139 -0.42 -8.28 25.51
CA LEU D 139 -1.42 -9.23 25.03
C LEU D 139 -2.54 -9.44 26.04
N ARG D 140 -2.28 -9.25 27.33
CA ARG D 140 -3.35 -9.28 28.32
C ARG D 140 -4.33 -8.14 28.11
N SER D 141 -3.87 -7.02 27.57
CA SER D 141 -4.71 -5.86 27.33
C SER D 141 -5.41 -5.90 25.98
N VAL D 142 -4.76 -6.48 24.95
CA VAL D 142 -5.36 -6.47 23.62
C VAL D 142 -6.14 -7.74 23.29
N SER D 143 -6.00 -8.79 24.08
CA SER D 143 -6.62 -10.08 23.79
C SER D 143 -7.50 -10.52 24.95
N THR D 144 -8.73 -10.94 24.63
CA THR D 144 -9.63 -11.46 25.66
C THR D 144 -9.28 -12.87 26.08
N ALA D 145 -8.68 -13.67 25.19
CA ALA D 145 -8.27 -15.02 25.56
C ALA D 145 -7.11 -14.98 26.56
N VAL D 146 -6.12 -14.14 26.31
CA VAL D 146 -5.00 -14.00 27.23
C VAL D 146 -5.47 -13.41 28.55
N TYR D 147 -6.42 -12.49 28.50
CA TYR D 147 -6.97 -11.92 29.73
C TYR D 147 -7.78 -12.95 30.52
N LYS D 148 -8.47 -13.85 29.83
CA LYS D 148 -9.17 -14.93 30.52
C LYS D 148 -8.18 -15.94 31.10
N ARG D 149 -7.03 -16.12 30.47
CA ARG D 149 -6.00 -16.97 31.06
C ARG D 149 -5.34 -16.29 32.25
N PHE D 150 -5.12 -14.98 32.17
CA PHE D 150 -4.47 -14.20 33.22
C PHE D 150 -5.38 -13.04 33.61
N PRO D 151 -6.36 -13.29 34.48
CA PRO D 151 -7.24 -12.19 34.92
C PRO D 151 -6.52 -11.13 35.74
N SER D 152 -5.36 -11.43 36.32
CA SER D 152 -4.62 -10.48 37.12
C SER D 152 -3.13 -10.74 36.97
N ALA D 153 -2.32 -9.79 37.47
CA ALA D 153 -0.87 -9.96 37.45
C ALA D 153 -0.41 -11.06 38.38
N GLN D 154 -1.21 -11.40 39.40
CA GLN D 154 -0.89 -12.54 40.24
C GLN D 154 -0.96 -13.85 39.46
N HIS D 155 -1.87 -13.93 38.48
CA HIS D 155 -1.88 -15.08 37.58
C HIS D 155 -0.63 -15.13 36.71
N LEU D 156 -0.06 -13.97 36.39
CA LEU D 156 1.23 -13.95 35.70
C LEU D 156 2.36 -14.38 36.62
N VAL D 157 2.23 -14.10 37.92
CA VAL D 157 3.21 -14.60 38.88
C VAL D 157 3.12 -16.12 38.98
N GLN D 158 1.89 -16.66 39.03
CA GLN D 158 1.71 -18.10 39.08
C GLN D 158 2.13 -18.80 37.79
N ALA D 159 2.20 -18.07 36.69
CA ALA D 159 2.58 -18.63 35.40
C ALA D 159 4.07 -18.47 35.10
N GLY D 160 4.86 -17.95 36.04
CA GLY D 160 6.28 -17.81 35.85
C GLY D 160 6.70 -16.64 34.99
N PHE D 161 5.76 -15.82 34.53
CA PHE D 161 6.12 -14.64 33.75
C PHE D 161 6.68 -13.52 34.63
N MET D 162 6.21 -13.42 35.86
CA MET D 162 6.58 -12.34 36.75
C MET D 162 6.99 -12.93 38.10
N THR D 163 8.09 -12.42 38.65
CA THR D 163 8.46 -12.78 40.01
C THR D 163 7.70 -11.90 40.99
N PRO D 164 7.55 -12.36 42.24
CA PRO D 164 6.89 -11.52 43.24
C PRO D 164 7.60 -10.19 43.46
N ALA D 165 8.92 -10.14 43.33
CA ALA D 165 9.63 -8.87 43.41
C ALA D 165 9.22 -7.94 42.28
N GLU D 166 9.10 -8.47 41.06
CA GLU D 166 8.64 -7.67 39.94
C GLU D 166 7.19 -7.23 40.13
N HIS D 167 6.35 -8.10 40.70
CA HIS D 167 4.97 -7.72 40.97
C HIS D 167 4.90 -6.59 41.98
N LYS D 168 5.70 -6.65 43.04
CA LYS D 168 5.74 -5.57 44.02
C LYS D 168 6.27 -4.28 43.41
N GLN D 169 7.31 -4.38 42.57
CA GLN D 169 7.85 -3.20 41.91
C GLN D 169 6.83 -2.58 40.97
N LEU D 170 6.07 -3.41 40.25
CA LEU D 170 5.06 -2.90 39.33
C LEU D 170 3.88 -2.30 40.07
N GLU D 171 3.52 -2.84 41.24
CA GLU D 171 2.49 -2.24 42.06
C GLU D 171 2.97 -0.90 42.64
N LYS D 172 4.26 -0.81 42.96
CA LYS D 172 4.81 0.45 43.45
C LYS D 172 4.81 1.53 42.38
N LEU D 173 5.09 1.14 41.13
CA LEU D 173 5.16 2.08 40.01
C LEU D 173 3.81 2.32 39.35
N SER D 174 2.71 2.11 40.07
CA SER D 174 1.39 2.17 39.46
C SER D 174 1.03 3.60 39.08
N LEU D 175 0.49 3.74 37.88
CA LEU D 175 -0.04 4.97 37.32
C LEU D 175 -1.38 4.66 36.68
N PRO D 176 -2.22 5.67 36.43
CA PRO D 176 -3.53 5.42 35.84
C PRO D 176 -3.50 5.05 34.36
N HIS D 177 -2.34 4.75 33.81
CA HIS D 177 -2.21 4.26 32.44
C HIS D 177 -1.79 2.79 32.46
N ASN D 178 -1.77 2.19 31.28
CA ASN D 178 -1.32 0.81 31.14
C ASN D 178 0.18 0.73 31.43
N MET D 179 0.59 -0.34 32.11
CA MET D 179 1.97 -0.50 32.56
C MET D 179 2.74 -1.55 31.75
N PHE D 180 2.42 -1.70 30.47
CA PHE D 180 3.12 -2.68 29.65
C PHE D 180 4.51 -2.21 29.28
N TRP D 181 4.78 -0.91 29.34
CA TRP D 181 6.07 -0.34 28.97
C TRP D 181 7.15 -0.54 30.03
N VAL D 182 6.78 -0.94 31.24
CA VAL D 182 7.75 -1.02 32.33
C VAL D 182 8.86 -2.04 32.06
N PRO D 183 8.58 -3.26 31.57
CA PRO D 183 9.68 -4.20 31.33
C PRO D 183 10.69 -3.72 30.32
N TRP D 184 10.34 -2.78 29.44
CA TRP D 184 11.35 -2.24 28.52
C TRP D 184 12.37 -1.38 29.25
N VAL D 185 11.90 -0.54 30.18
CA VAL D 185 12.83 0.23 31.00
C VAL D 185 13.65 -0.70 31.89
N TRP D 186 13.00 -1.76 32.40
CA TRP D 186 13.74 -2.76 33.17
C TRP D 186 14.83 -3.41 32.32
N PHE D 187 14.51 -3.75 31.07
CA PHE D 187 15.49 -4.35 30.16
C PHE D 187 16.64 -3.40 29.90
N ALA D 188 16.34 -2.12 29.66
CA ALA D 188 17.40 -1.15 29.40
C ALA D 188 18.33 -1.02 30.60
N ASN D 189 17.76 -0.90 31.80
CA ASN D 189 18.60 -0.73 32.99
C ASN D 189 19.40 -2.00 33.30
N LEU D 190 18.79 -3.17 33.14
CA LEU D 190 19.50 -4.41 33.40
C LEU D 190 20.60 -4.65 32.38
N SER D 191 20.37 -4.29 31.12
CA SER D 191 21.40 -4.42 30.10
C SER D 191 22.54 -3.44 30.36
N MET D 192 22.23 -2.22 30.81
CA MET D 192 23.28 -1.29 31.18
C MET D 192 24.11 -1.83 32.35
N LYS D 193 23.44 -2.41 33.35
CA LYS D 193 24.17 -3.00 34.47
C LYS D 193 25.00 -4.20 34.02
N ALA D 194 24.50 -4.98 33.06
CA ALA D 194 25.27 -6.11 32.54
C ALA D 194 26.51 -5.63 31.79
N TRP D 195 26.38 -4.56 31.00
CA TRP D 195 27.55 -4.04 30.30
C TRP D 195 28.55 -3.43 31.27
N LEU D 196 28.07 -2.73 32.31
CA LEU D 196 29.00 -2.15 33.28
C LEU D 196 29.65 -3.21 34.15
N GLY D 197 29.00 -4.36 34.32
CA GLY D 197 29.55 -5.45 35.09
C GLY D 197 30.47 -6.38 34.35
N GLY D 198 30.70 -6.13 33.06
CA GLY D 198 31.57 -6.97 32.27
C GLY D 198 30.90 -8.14 31.59
N ARG D 199 29.62 -8.38 31.84
CA ARG D 199 28.92 -9.49 31.20
C ARG D 199 28.75 -9.24 29.71
N ILE D 200 28.55 -7.99 29.30
CA ILE D 200 28.54 -7.62 27.89
C ILE D 200 29.87 -6.95 27.58
N ARG D 201 30.59 -7.50 26.61
CA ARG D 201 31.98 -7.11 26.41
C ARG D 201 32.11 -5.75 25.72
N ASP D 202 31.22 -5.45 24.79
CA ASP D 202 31.30 -4.19 24.05
C ASP D 202 29.94 -3.50 24.03
N PRO D 203 29.93 -2.16 24.03
CA PRO D 203 28.64 -1.45 23.99
C PRO D 203 27.91 -1.55 22.66
N ILE D 204 28.57 -2.00 21.59
CA ILE D 204 27.86 -2.23 20.34
C ILE D 204 26.88 -3.39 20.48
N LEU D 205 27.25 -4.40 21.27
CA LEU D 205 26.33 -5.49 21.57
C LEU D 205 25.16 -4.98 22.40
N LEU D 206 25.43 -4.06 23.33
CA LEU D 206 24.37 -3.41 24.09
C LEU D 206 23.42 -2.67 23.17
N GLN D 207 23.97 -1.96 22.18
CA GLN D 207 23.13 -1.26 21.21
C GLN D 207 22.27 -2.22 20.41
N SER D 208 22.83 -3.34 19.98
CA SER D 208 22.04 -4.33 19.24
C SER D 208 20.91 -4.90 20.10
N LEU D 209 21.22 -5.24 21.35
CA LEU D 209 20.20 -5.75 22.25
C LEU D 209 19.07 -4.75 22.44
N LEU D 210 19.42 -3.49 22.68
CA LEU D 210 18.39 -2.48 22.89
C LEU D 210 17.66 -2.11 21.61
N ASN D 211 18.28 -2.28 20.45
CA ASN D 211 17.57 -2.08 19.19
C ASN D 211 16.52 -3.16 18.97
N GLU D 212 16.86 -4.42 19.25
CA GLU D 212 15.85 -5.48 19.16
C GLU D 212 14.74 -5.26 20.18
N MET D 213 15.10 -4.86 21.40
CA MET D 213 14.09 -4.60 22.42
C MET D 213 13.19 -3.45 22.01
N ASN D 214 13.75 -2.40 21.40
CA ASN D 214 12.93 -1.27 20.97
C ASN D 214 12.06 -1.63 19.77
N THR D 215 12.52 -2.52 18.90
CA THR D 215 11.63 -3.03 17.84
C THR D 215 10.44 -3.77 18.44
N LEU D 216 10.69 -4.59 19.47
CA LEU D 216 9.58 -5.23 20.16
C LEU D 216 8.67 -4.20 20.81
N ARG D 217 9.24 -3.12 21.35
CA ARG D 217 8.43 -2.06 21.93
C ARG D 217 7.54 -1.41 20.90
N THR D 218 8.08 -1.17 19.69
CA THR D 218 7.27 -0.57 18.63
C THR D 218 6.14 -1.51 18.21
N GLN D 219 6.43 -2.81 18.12
CA GLN D 219 5.37 -3.76 17.77
C GLN D 219 4.28 -3.79 18.84
N CYS D 220 4.66 -3.79 20.12
CA CYS D 220 3.66 -3.80 21.18
C CYS D 220 2.89 -2.49 21.23
N GLY D 221 3.55 -1.37 20.93
CA GLY D 221 2.84 -0.10 20.84
C GLY D 221 1.85 -0.07 19.70
N HIS D 222 2.19 -0.70 18.57
CA HIS D 222 1.23 -0.82 17.49
C HIS D 222 0.06 -1.71 17.87
N LEU D 223 0.32 -2.77 18.63
CA LEU D 223 -0.79 -3.60 19.12
C LEU D 223 -1.71 -2.80 20.03
N TYR D 224 -1.12 -2.03 20.95
CA TYR D 224 -1.92 -1.16 21.81
C TYR D 224 -2.68 -0.11 21.02
N ALA D 225 -2.07 0.41 19.95
CA ALA D 225 -2.74 1.38 19.09
C ALA D 225 -3.93 0.77 18.38
N TYR D 226 -3.79 -0.45 17.87
CA TYR D 226 -4.91 -1.09 17.18
C TYR D 226 -6.01 -1.49 18.16
N ASP D 227 -5.65 -1.85 19.40
CA ASP D 227 -6.68 -2.14 20.39
C ASP D 227 -7.42 -0.87 20.81
N TRP D 228 -6.69 0.24 21.00
CA TRP D 228 -7.29 1.48 21.46
C TRP D 228 -8.07 2.16 20.33
N ILE D 229 -7.37 2.49 19.24
CA ILE D 229 -7.97 3.18 18.11
C ILE D 229 -8.66 2.13 17.24
N SER D 230 -9.95 1.94 17.45
CA SER D 230 -10.73 1.00 16.66
C SER D 230 -11.12 1.65 15.33
N ILE D 231 -11.69 0.83 14.44
CA ILE D 231 -12.38 1.42 13.29
C ILE D 231 -13.49 2.31 13.81
N PRO D 232 -13.68 3.51 13.26
CA PRO D 232 -14.71 4.40 13.82
C PRO D 232 -16.08 3.73 13.85
N LEU D 233 -16.77 3.93 14.98
CA LEU D 233 -18.07 3.28 15.20
C LEU D 233 -19.08 3.68 14.14
N VAL D 234 -18.90 4.84 13.52
CA VAL D 234 -19.81 5.28 12.46
C VAL D 234 -19.78 4.33 11.29
N TYR D 235 -18.58 3.86 10.91
CA TYR D 235 -18.47 2.90 9.82
C TYR D 235 -19.20 1.61 10.13
N THR D 236 -19.00 1.08 11.35
CA THR D 236 -19.67 -0.15 11.74
C THR D 236 -21.18 0.02 11.73
N GLN D 237 -21.68 1.13 12.28
CA GLN D 237 -23.11 1.38 12.29
C GLN D 237 -23.66 1.50 10.88
N VAL D 238 -22.94 2.19 10.00
CA VAL D 238 -23.44 2.38 8.64
C VAL D 238 -23.50 1.05 7.90
N VAL D 239 -22.45 0.23 8.01
CA VAL D 239 -22.47 -1.04 7.28
C VAL D 239 -23.51 -2.00 7.87
N THR D 240 -23.67 -1.99 9.20
CA THR D 240 -24.68 -2.83 9.82
C THR D 240 -26.08 -2.42 9.39
N VAL D 241 -26.35 -1.12 9.38
CA VAL D 241 -27.65 -0.64 8.92
C VAL D 241 -27.85 -0.96 7.45
N ALA D 242 -26.79 -0.89 6.65
CA ALA D 242 -26.90 -1.22 5.23
C ALA D 242 -27.34 -2.67 5.05
N VAL D 243 -26.62 -3.61 5.68
CA VAL D 243 -26.96 -5.02 5.51
C VAL D 243 -28.34 -5.32 6.10
N TYR D 244 -28.61 -4.82 7.30
CA TYR D 244 -29.88 -5.11 7.97
C TYR D 244 -31.06 -4.53 7.22
N SER D 245 -30.93 -3.31 6.70
CA SER D 245 -32.01 -2.71 5.93
C SER D 245 -32.18 -3.41 4.60
N PHE D 246 -31.09 -3.82 3.96
CA PHE D 246 -31.18 -4.56 2.71
C PHE D 246 -32.01 -5.82 2.90
N PHE D 247 -31.72 -6.59 3.95
CA PHE D 247 -32.43 -7.86 4.09
C PHE D 247 -33.76 -7.74 4.83
N LEU D 248 -33.97 -6.66 5.60
CA LEU D 248 -35.32 -6.35 6.06
C LEU D 248 -36.22 -5.96 4.90
N THR D 249 -35.68 -5.26 3.90
CA THR D 249 -36.42 -5.01 2.67
C THR D 249 -36.67 -6.31 1.92
N CYS D 250 -35.66 -7.16 1.83
CA CYS D 250 -35.83 -8.46 1.17
C CYS D 250 -36.83 -9.36 1.88
N LEU D 251 -37.07 -9.12 3.17
CA LEU D 251 -38.11 -9.87 3.88
C LEU D 251 -39.49 -9.65 3.28
N VAL D 252 -39.71 -8.53 2.61
CA VAL D 252 -41.01 -8.18 2.04
C VAL D 252 -40.98 -8.21 0.51
N GLY D 253 -39.98 -7.56 -0.10
CA GLY D 253 -39.92 -7.44 -1.54
C GLY D 253 -39.56 -8.70 -2.26
N ARG D 254 -38.90 -9.65 -1.59
CA ARG D 254 -38.53 -10.92 -2.20
C ARG D 254 -39.55 -12.01 -1.94
N GLN D 255 -40.72 -11.66 -1.39
CA GLN D 255 -41.78 -12.63 -1.21
C GLN D 255 -42.36 -13.04 -2.57
N PHE D 256 -42.71 -14.32 -2.69
CA PHE D 256 -43.32 -14.83 -3.90
C PHE D 256 -44.79 -14.47 -3.91
N LEU D 257 -45.19 -13.59 -4.82
CA LEU D 257 -46.57 -13.14 -4.90
C LEU D 257 -47.45 -14.21 -5.57
N ASN D 258 -48.75 -13.96 -5.55
CA ASN D 258 -49.71 -14.91 -6.08
C ASN D 258 -49.60 -14.98 -7.60
N PRO D 259 -49.31 -16.17 -8.17
CA PRO D 259 -49.22 -16.26 -9.63
C PRO D 259 -50.55 -16.07 -10.35
N ALA D 260 -51.68 -16.18 -9.65
CA ALA D 260 -52.96 -15.92 -10.28
C ALA D 260 -53.10 -14.46 -10.70
N LYS D 261 -52.47 -13.55 -9.96
CA LYS D 261 -52.51 -12.14 -10.31
C LYS D 261 -51.70 -11.84 -11.56
N ALA D 262 -50.80 -12.73 -11.95
CA ALA D 262 -49.98 -12.59 -13.16
C ALA D 262 -49.17 -11.29 -13.14
N TYR D 263 -48.48 -11.06 -12.03
CA TYR D 263 -47.61 -9.90 -11.94
C TYR D 263 -46.35 -10.13 -12.77
N PRO D 264 -45.81 -9.08 -13.39
CA PRO D 264 -44.56 -9.22 -14.16
C PRO D 264 -43.40 -9.50 -13.22
N GLY D 265 -42.69 -10.60 -13.48
CA GLY D 265 -41.60 -11.04 -12.66
C GLY D 265 -41.98 -12.00 -11.55
N HIS D 266 -43.28 -12.22 -11.32
CA HIS D 266 -43.76 -13.15 -10.31
C HIS D 266 -44.64 -14.23 -10.92
N GLU D 267 -44.32 -14.65 -12.15
CA GLU D 267 -45.11 -15.67 -12.82
C GLU D 267 -44.96 -17.03 -12.15
N LEU D 268 -43.73 -17.40 -11.81
CA LEU D 268 -43.43 -18.69 -11.20
C LEU D 268 -43.36 -18.53 -9.69
N ASP D 269 -44.16 -19.32 -8.98
CA ASP D 269 -44.23 -19.26 -7.53
C ASP D 269 -43.47 -20.45 -6.94
N LEU D 270 -42.23 -20.19 -6.51
CA LEU D 270 -41.48 -21.17 -5.74
C LEU D 270 -41.74 -20.96 -4.25
N VAL D 271 -41.28 -21.90 -3.45
CA VAL D 271 -41.38 -21.79 -2.00
C VAL D 271 -40.11 -21.23 -1.39
N VAL D 272 -38.95 -21.68 -1.87
CA VAL D 272 -37.66 -21.29 -1.33
C VAL D 272 -37.08 -20.20 -2.22
N PRO D 273 -36.84 -19.00 -1.71
CA PRO D 273 -36.12 -17.98 -2.51
C PRO D 273 -34.63 -18.27 -2.58
N VAL D 274 -34.23 -19.11 -3.53
CA VAL D 274 -32.84 -19.55 -3.62
C VAL D 274 -31.90 -18.36 -3.83
N PHE D 275 -32.27 -17.44 -4.73
CA PHE D 275 -31.41 -16.30 -5.00
C PHE D 275 -31.33 -15.35 -3.81
N THR D 276 -32.45 -15.13 -3.12
CA THR D 276 -32.43 -14.28 -1.94
C THR D 276 -31.59 -14.91 -0.83
N PHE D 277 -31.68 -16.22 -0.65
CA PHE D 277 -30.87 -16.89 0.35
C PHE D 277 -29.39 -16.89 -0.03
N LEU D 278 -29.07 -16.98 -1.32
CA LEU D 278 -27.69 -16.84 -1.76
C LEU D 278 -27.17 -15.43 -1.49
N GLN D 279 -28.00 -14.42 -1.75
CA GLN D 279 -27.60 -13.05 -1.44
C GLN D 279 -27.38 -12.87 0.05
N PHE D 280 -28.26 -13.45 0.88
CA PHE D 280 -28.05 -13.43 2.32
C PHE D 280 -26.74 -14.09 2.68
N PHE D 281 -26.49 -15.27 2.12
CA PHE D 281 -25.22 -15.95 2.31
C PHE D 281 -24.06 -15.01 2.05
N PHE D 282 -23.97 -14.48 0.83
CA PHE D 282 -22.81 -13.68 0.44
C PHE D 282 -22.68 -12.42 1.28
N TYR D 283 -23.73 -11.61 1.35
CA TYR D 283 -23.61 -10.30 1.99
C TYR D 283 -23.50 -10.42 3.50
N VAL D 284 -24.37 -11.21 4.12
CA VAL D 284 -24.30 -11.37 5.57
C VAL D 284 -23.04 -12.12 5.97
N GLY D 285 -22.52 -13.00 5.12
CA GLY D 285 -21.23 -13.62 5.41
C GLY D 285 -20.08 -12.65 5.33
N TRP D 286 -20.14 -11.72 4.36
CA TRP D 286 -19.17 -10.63 4.34
C TRP D 286 -19.24 -9.81 5.61
N LEU D 287 -20.46 -9.50 6.06
CA LEU D 287 -20.62 -8.78 7.32
C LEU D 287 -20.09 -9.59 8.51
N LYS D 288 -20.30 -10.91 8.50
CA LYS D 288 -19.86 -11.74 9.61
C LYS D 288 -18.35 -11.90 9.64
N VAL D 289 -17.70 -11.95 8.48
CA VAL D 289 -16.24 -11.97 8.49
C VAL D 289 -15.69 -10.62 8.91
N ALA D 290 -16.40 -9.53 8.60
CA ALA D 290 -16.03 -8.24 9.17
C ALA D 290 -16.16 -8.26 10.69
N GLU D 291 -17.23 -8.89 11.21
CA GLU D 291 -17.42 -9.01 12.64
C GLU D 291 -16.39 -9.93 13.29
N GLN D 292 -15.86 -10.89 12.55
CA GLN D 292 -14.92 -11.86 13.10
C GLN D 292 -13.48 -11.36 13.07
N LEU D 293 -13.10 -10.62 12.03
CA LEU D 293 -11.75 -10.12 11.92
C LEU D 293 -11.58 -8.69 12.45
N ILE D 294 -12.64 -8.08 12.97
CA ILE D 294 -12.53 -6.73 13.50
C ILE D 294 -11.64 -6.73 14.74
N ASN D 295 -11.76 -7.76 15.58
CA ASN D 295 -10.88 -7.96 16.73
C ASN D 295 -10.33 -9.38 16.61
N PRO D 296 -9.16 -9.54 15.99
CA PRO D 296 -8.60 -10.87 15.78
C PRO D 296 -7.93 -11.48 17.01
N PHE D 297 -8.12 -10.89 18.19
CA PHE D 297 -7.55 -11.39 19.43
C PHE D 297 -8.61 -11.95 20.37
N GLY D 298 -9.82 -12.21 19.87
CA GLY D 298 -10.86 -12.79 20.69
C GLY D 298 -10.73 -14.28 20.83
N GLU D 299 -11.85 -15.00 20.69
CA GLU D 299 -11.86 -16.46 20.82
C GLU D 299 -12.65 -17.10 19.68
N ASP D 300 -12.63 -16.47 18.51
CA ASP D 300 -13.21 -17.08 17.32
C ASP D 300 -12.30 -18.19 16.79
N ASP D 301 -12.86 -19.03 15.92
CA ASP D 301 -12.07 -20.11 15.34
C ASP D 301 -10.93 -19.57 14.49
N ASP D 302 -11.17 -18.49 13.74
CA ASP D 302 -10.15 -17.89 12.88
C ASP D 302 -9.35 -16.80 13.57
N ASP D 303 -9.60 -16.54 14.86
CA ASP D 303 -8.80 -15.58 15.59
C ASP D 303 -7.43 -16.18 15.94
N PHE D 304 -6.49 -15.30 16.26
CA PHE D 304 -5.12 -15.73 16.49
C PHE D 304 -5.00 -16.58 17.75
N GLU D 305 -4.11 -17.57 17.70
CA GLU D 305 -3.85 -18.42 18.85
C GLU D 305 -2.79 -17.76 19.75
N THR D 306 -3.23 -16.68 20.40
CA THR D 306 -2.31 -15.84 21.16
C THR D 306 -1.78 -16.54 22.41
N ASN D 307 -2.58 -17.39 23.04
CA ASN D 307 -2.08 -18.15 24.17
C ASN D 307 -0.98 -19.12 23.74
N TRP D 308 -1.16 -19.77 22.59
CA TRP D 308 -0.11 -20.63 22.06
C TRP D 308 1.13 -19.83 21.73
N ILE D 309 0.97 -18.63 21.18
CA ILE D 309 2.12 -17.79 20.86
C ILE D 309 2.85 -17.39 22.14
N VAL D 310 2.10 -17.05 23.19
CA VAL D 310 2.71 -16.70 24.46
C VAL D 310 3.52 -17.87 25.02
N ASP D 311 2.91 -19.06 25.06
CA ASP D 311 3.60 -20.23 25.60
C ASP D 311 4.83 -20.57 24.77
N ARG D 312 4.69 -20.55 23.44
CA ARG D 312 5.81 -20.88 22.56
C ARG D 312 6.94 -19.88 22.71
N ASN D 313 6.62 -18.58 22.77
CA ASN D 313 7.66 -17.57 22.93
C ASN D 313 8.40 -17.76 24.25
N LEU D 314 7.66 -17.98 25.35
CA LEU D 314 8.31 -18.17 26.64
C LEU D 314 9.21 -19.40 26.62
N GLN D 315 8.68 -20.53 26.15
CA GLN D 315 9.44 -21.78 26.17
C GLN D 315 10.67 -21.69 25.27
N VAL D 316 10.50 -21.18 24.05
CA VAL D 316 11.59 -21.11 23.09
C VAL D 316 12.66 -20.13 23.56
N SER D 317 12.25 -18.98 24.11
CA SER D 317 13.22 -18.01 24.61
C SER D 317 14.01 -18.57 25.78
N LEU D 318 13.33 -19.23 26.74
CA LEU D 318 14.04 -19.78 27.87
C LEU D 318 14.96 -20.93 27.47
N LEU D 319 14.59 -21.68 26.43
CA LEU D 319 15.51 -22.69 25.92
C LEU D 319 16.71 -22.07 25.22
N ALA D 320 16.47 -21.00 24.46
CA ALA D 320 17.53 -20.42 23.64
C ALA D 320 18.57 -19.69 24.48
N VAL D 321 18.14 -18.97 25.52
CA VAL D 321 19.08 -18.16 26.29
C VAL D 321 19.79 -18.93 27.39
N ASP D 322 19.31 -20.11 27.75
CA ASP D 322 19.86 -20.84 28.89
C ASP D 322 20.56 -22.13 28.48
N GLU D 323 19.85 -23.04 27.81
CA GLU D 323 20.44 -24.32 27.44
C GLU D 323 21.30 -24.23 26.19
N MET D 324 21.05 -23.23 25.34
CA MET D 324 21.77 -23.10 24.08
C MET D 324 22.87 -22.05 24.12
N HIS D 325 23.13 -21.45 25.28
CA HIS D 325 24.20 -20.47 25.38
C HIS D 325 25.55 -21.17 25.34
N GLN D 326 26.35 -20.86 24.31
CA GLN D 326 27.66 -21.45 24.11
C GLN D 326 27.59 -22.98 24.12
N ASP D 327 26.48 -23.52 23.62
CA ASP D 327 26.27 -24.96 23.49
C ASP D 327 26.10 -25.23 22.00
N LEU D 328 27.22 -25.46 21.33
CA LEU D 328 27.20 -25.61 19.88
C LEU D 328 27.42 -27.07 19.49
N PRO D 329 26.82 -27.51 18.39
CA PRO D 329 27.19 -28.80 17.82
C PRO D 329 28.63 -28.79 17.35
N ARG D 330 29.26 -29.97 17.36
CA ARG D 330 30.66 -30.06 16.99
C ARG D 330 30.87 -29.61 15.56
N MET D 331 31.83 -28.71 15.37
CA MET D 331 32.10 -28.12 14.06
C MET D 331 32.95 -29.08 13.24
N GLU D 332 32.35 -29.72 12.25
CA GLU D 332 32.99 -30.74 11.44
C GLU D 332 32.79 -30.44 9.96
N PRO D 333 33.69 -30.91 9.10
CA PRO D 333 33.52 -30.68 7.67
C PRO D 333 32.21 -31.30 7.16
N ASP D 334 31.58 -30.60 6.23
CA ASP D 334 30.29 -31.01 5.69
C ASP D 334 30.50 -31.93 4.49
N MET D 335 29.41 -32.23 3.77
CA MET D 335 29.49 -33.17 2.66
C MET D 335 30.27 -32.58 1.48
N TYR D 336 30.13 -31.28 1.23
CA TYR D 336 30.77 -30.64 0.10
C TYR D 336 32.14 -30.05 0.45
N TRP D 337 32.78 -30.58 1.48
CA TRP D 337 34.11 -30.10 1.87
C TRP D 337 35.13 -30.53 0.83
N ASN D 338 35.70 -29.55 0.12
CA ASN D 338 36.71 -29.79 -0.91
C ASN D 338 36.20 -30.77 -1.97
N THR E 1 7.49 -21.73 -11.70
CA THR E 1 7.52 -20.38 -12.26
C THR E 1 7.62 -20.43 -13.77
N ILE E 2 6.65 -19.83 -14.45
CA ILE E 2 6.65 -19.72 -15.90
C ILE E 2 7.11 -18.31 -16.25
N THR E 3 8.25 -18.20 -16.92
CA THR E 3 8.84 -16.93 -17.26
C THR E 3 8.63 -16.62 -18.73
N TYR E 4 8.04 -15.47 -19.02
CA TYR E 4 7.85 -15.00 -20.38
C TYR E 4 8.20 -13.52 -20.49
N THR E 5 9.06 -13.03 -19.62
CA THR E 5 9.39 -11.60 -19.58
C THR E 5 10.08 -11.15 -20.86
N SER E 6 10.97 -11.99 -21.41
CA SER E 6 11.68 -11.61 -22.62
C SER E 6 10.75 -11.54 -23.83
N GLN E 7 9.64 -12.29 -23.79
CA GLN E 7 8.70 -12.29 -24.91
C GLN E 7 7.80 -11.06 -24.91
N VAL E 8 7.74 -10.32 -23.81
CA VAL E 8 6.89 -9.14 -23.71
C VAL E 8 7.74 -7.92 -23.38
N ALA E 9 9.00 -7.93 -23.84
CA ALA E 9 9.88 -6.79 -23.61
C ALA E 9 9.37 -5.54 -24.33
N ASN E 10 8.85 -5.71 -25.53
CA ASN E 10 8.35 -4.61 -26.34
C ASN E 10 6.87 -4.85 -26.64
N ALA E 11 6.10 -3.76 -26.63
CA ALA E 11 4.69 -3.83 -27.01
C ALA E 11 4.62 -3.84 -28.53
N ARG E 12 4.46 -5.02 -29.10
CA ARG E 12 4.40 -5.21 -30.54
C ARG E 12 2.99 -5.61 -30.95
N LEU E 13 2.80 -5.79 -32.26
CA LEU E 13 1.50 -6.16 -32.80
C LEU E 13 1.12 -7.55 -32.29
N GLY E 14 0.14 -7.61 -31.40
CA GLY E 14 -0.27 -8.87 -30.82
C GLY E 14 0.78 -9.49 -29.92
N SER E 15 1.36 -8.70 -29.02
CA SER E 15 2.37 -9.22 -28.12
C SER E 15 1.80 -10.26 -27.16
N PHE E 16 0.59 -10.01 -26.64
CA PHE E 16 -0.07 -10.97 -25.78
C PHE E 16 -0.76 -12.09 -26.56
N SER E 17 -0.81 -11.99 -27.89
CA SER E 17 -1.45 -13.05 -28.69
C SER E 17 -0.59 -14.31 -28.70
N ARG E 18 0.72 -14.17 -28.78
CA ARG E 18 1.60 -15.33 -28.81
C ARG E 18 1.60 -16.09 -27.49
N LEU E 19 1.18 -15.44 -26.41
CA LEU E 19 1.11 -16.10 -25.11
C LEU E 19 -0.12 -16.99 -24.96
N LEU E 20 -1.10 -16.87 -25.87
CA LEU E 20 -2.27 -17.73 -25.84
C LEU E 20 -1.99 -19.14 -26.33
N LEU E 21 -0.83 -19.38 -26.95
CA LEU E 21 -0.46 -20.69 -27.47
C LEU E 21 0.47 -21.45 -26.53
N CYS E 22 0.31 -21.26 -25.22
CA CYS E 22 1.13 -21.93 -24.22
C CYS E 22 0.29 -22.95 -23.47
N TRP E 23 0.96 -23.94 -22.90
CA TRP E 23 0.29 -24.97 -22.11
C TRP E 23 0.78 -25.04 -20.67
N ARG E 24 2.08 -24.95 -20.44
CA ARG E 24 2.59 -24.93 -19.07
C ARG E 24 2.27 -23.59 -18.43
N GLY E 25 1.60 -23.63 -17.28
CA GLY E 25 1.17 -22.42 -16.63
C GLY E 25 0.04 -21.71 -17.30
N SER E 26 -0.66 -22.37 -18.22
CA SER E 26 -1.75 -21.75 -18.96
C SER E 26 -3.05 -21.87 -18.18
N ILE E 27 -4.04 -21.08 -18.61
CA ILE E 27 -5.36 -21.13 -18.01
C ILE E 27 -6.17 -22.32 -18.52
N TYR E 28 -5.85 -22.82 -19.72
CA TYR E 28 -6.52 -24.01 -20.22
C TYR E 28 -6.16 -25.23 -19.37
N LYS E 29 -4.90 -25.33 -18.95
CA LYS E 29 -4.49 -26.45 -18.11
C LYS E 29 -5.20 -26.41 -16.76
N LEU E 30 -5.44 -25.22 -16.22
CA LEU E 30 -6.17 -25.07 -14.97
C LEU E 30 -7.68 -25.16 -15.14
N LEU E 31 -8.19 -25.05 -16.36
CA LEU E 31 -9.63 -24.95 -16.58
C LEU E 31 -10.25 -26.13 -17.30
N TYR E 32 -9.47 -27.03 -17.88
CA TYR E 32 -10.05 -28.01 -18.80
C TYR E 32 -10.97 -29.00 -18.08
N GLY E 33 -10.59 -29.46 -16.89
CA GLY E 33 -11.44 -30.41 -16.18
C GLY E 33 -12.77 -29.81 -15.77
N GLU E 34 -12.73 -28.62 -15.19
CA GLU E 34 -13.97 -27.95 -14.79
C GLU E 34 -14.81 -27.60 -16.02
N PHE E 35 -14.18 -27.19 -17.11
CA PHE E 35 -14.93 -26.86 -18.31
C PHE E 35 -15.58 -28.09 -18.92
N LEU E 36 -14.88 -29.23 -18.88
CA LEU E 36 -15.49 -30.47 -19.38
C LEU E 36 -16.66 -30.89 -18.51
N ILE E 37 -16.54 -30.76 -17.19
CA ILE E 37 -17.66 -31.09 -16.32
C ILE E 37 -18.84 -30.18 -16.59
N PHE E 38 -18.58 -28.87 -16.72
CA PHE E 38 -19.65 -27.91 -16.99
C PHE E 38 -20.30 -28.18 -18.35
N LEU E 39 -19.49 -28.48 -19.36
CA LEU E 39 -20.01 -28.80 -20.69
C LEU E 39 -20.90 -30.04 -20.65
N LEU E 40 -20.44 -31.09 -19.96
CA LEU E 40 -21.21 -32.32 -19.86
C LEU E 40 -22.53 -32.07 -19.15
N CYS E 41 -22.50 -31.34 -18.04
CA CYS E 41 -23.74 -31.07 -17.31
C CYS E 41 -24.70 -30.21 -18.15
N TYR E 42 -24.18 -29.20 -18.83
CA TYR E 42 -25.02 -28.33 -19.64
C TYR E 42 -25.69 -29.11 -20.77
N TYR E 43 -24.93 -29.97 -21.45
CA TYR E 43 -25.54 -30.70 -22.56
C TYR E 43 -26.42 -31.85 -22.10
N ILE E 44 -26.15 -32.43 -20.92
CA ILE E 44 -27.09 -33.39 -20.36
C ILE E 44 -28.41 -32.73 -20.04
N ILE E 45 -28.37 -31.54 -19.44
CA ILE E 45 -29.60 -30.81 -19.15
C ILE E 45 -30.32 -30.43 -20.44
N ARG E 46 -29.55 -30.03 -21.46
CA ARG E 46 -30.16 -29.69 -22.74
C ARG E 46 -30.85 -30.89 -23.38
N PHE E 47 -30.20 -32.06 -23.35
CA PHE E 47 -30.81 -33.26 -23.93
C PHE E 47 -32.02 -33.71 -23.13
N ILE E 48 -32.01 -33.52 -21.81
CA ILE E 48 -33.18 -33.81 -21.01
C ILE E 48 -34.34 -32.89 -21.38
N TYR E 49 -34.06 -31.60 -21.55
CA TYR E 49 -35.11 -30.63 -21.86
C TYR E 49 -35.68 -30.86 -23.26
N ARG E 50 -34.81 -31.06 -24.25
CA ARG E 50 -35.27 -31.13 -25.64
C ARG E 50 -35.93 -32.47 -25.96
N LEU E 51 -35.56 -33.54 -25.28
CA LEU E 51 -36.04 -34.88 -25.62
C LEU E 51 -36.86 -35.52 -24.52
N ALA E 52 -36.34 -35.57 -23.29
CA ALA E 52 -36.97 -36.39 -22.25
C ALA E 52 -38.23 -35.74 -21.68
N LEU E 53 -38.29 -34.42 -21.61
CA LEU E 53 -39.38 -33.75 -20.90
C LEU E 53 -40.66 -33.74 -21.72
N THR E 54 -41.78 -33.94 -21.03
CA THR E 54 -43.10 -33.74 -21.62
C THR E 54 -43.35 -32.24 -21.81
N GLU E 55 -44.31 -31.93 -22.68
CA GLU E 55 -44.53 -30.54 -23.10
C GLU E 55 -44.84 -29.63 -21.91
N GLU E 56 -45.67 -30.10 -20.98
CA GLU E 56 -45.95 -29.29 -19.79
C GLU E 56 -44.70 -29.11 -18.94
N GLN E 57 -43.90 -30.17 -18.81
CA GLN E 57 -42.63 -30.06 -18.09
C GLN E 57 -41.64 -29.17 -18.85
N GLN E 58 -41.74 -29.15 -20.18
CA GLN E 58 -40.93 -28.22 -20.96
C GLN E 58 -41.34 -26.78 -20.69
N LEU E 59 -42.64 -26.51 -20.57
CA LEU E 59 -43.09 -25.17 -20.22
C LEU E 59 -42.62 -24.78 -18.83
N MET E 60 -42.69 -25.71 -17.88
CA MET E 60 -42.19 -25.45 -16.53
C MET E 60 -40.69 -25.17 -16.55
N PHE E 61 -39.94 -25.94 -17.34
CA PHE E 61 -38.50 -25.73 -17.44
C PHE E 61 -38.19 -24.39 -18.11
N GLU E 62 -38.98 -23.99 -19.09
CA GLU E 62 -38.77 -22.69 -19.72
C GLU E 62 -39.02 -21.55 -18.74
N LYS E 63 -40.09 -21.66 -17.94
CA LYS E 63 -40.34 -20.65 -16.91
C LYS E 63 -39.21 -20.63 -15.88
N LEU E 64 -38.72 -21.80 -15.48
CA LEU E 64 -37.61 -21.87 -14.54
C LEU E 64 -36.34 -21.26 -15.14
N THR E 65 -36.09 -21.52 -16.43
CA THR E 65 -34.93 -20.96 -17.10
C THR E 65 -35.00 -19.44 -17.16
N LEU E 66 -36.17 -18.90 -17.50
CA LEU E 66 -36.33 -17.45 -17.50
C LEU E 66 -36.15 -16.87 -16.10
N TYR E 67 -36.69 -17.56 -15.09
CA TYR E 67 -36.54 -17.10 -13.70
C TYR E 67 -35.07 -17.07 -13.29
N CYS E 68 -34.32 -18.11 -13.65
CA CYS E 68 -32.90 -18.16 -13.28
C CYS E 68 -32.07 -17.17 -14.07
N ASP E 69 -32.41 -16.94 -15.34
CA ASP E 69 -31.64 -16.01 -16.16
C ASP E 69 -31.93 -14.57 -15.80
N SER E 70 -33.12 -14.27 -15.31
CA SER E 70 -33.45 -12.91 -14.90
C SER E 70 -32.80 -12.51 -13.58
N TYR E 71 -32.43 -13.49 -12.74
CA TYR E 71 -31.86 -13.21 -11.42
C TYR E 71 -30.43 -13.71 -11.30
N ILE E 72 -29.74 -13.90 -12.42
CA ILE E 72 -28.33 -14.29 -12.37
C ILE E 72 -27.47 -13.14 -11.85
N GLN E 73 -27.91 -11.89 -12.04
CA GLN E 73 -27.16 -10.72 -11.62
C GLN E 73 -27.24 -10.48 -10.12
N LEU E 74 -28.11 -11.19 -9.40
CA LEU E 74 -28.18 -11.04 -7.95
C LEU E 74 -26.93 -11.57 -7.26
N ILE E 75 -26.17 -12.44 -7.92
CA ILE E 75 -24.96 -13.03 -7.35
C ILE E 75 -23.81 -12.07 -7.60
N PRO E 76 -23.18 -11.51 -6.57
CA PRO E 76 -22.03 -10.61 -6.76
C PRO E 76 -20.72 -11.37 -6.91
N ILE E 77 -20.59 -12.08 -8.03
CA ILE E 77 -19.40 -12.87 -8.26
C ILE E 77 -18.18 -11.98 -8.49
N SER E 78 -18.38 -10.87 -9.22
CA SER E 78 -17.27 -9.97 -9.50
C SER E 78 -16.74 -9.30 -8.23
N PHE E 79 -17.63 -8.94 -7.31
CA PHE E 79 -17.25 -8.24 -6.10
C PHE E 79 -16.33 -9.10 -5.22
N VAL E 80 -16.84 -10.25 -4.77
CA VAL E 80 -16.05 -11.12 -3.91
C VAL E 80 -14.85 -11.69 -4.67
N LEU E 81 -15.01 -11.94 -5.97
CA LEU E 81 -13.90 -12.47 -6.75
C LEU E 81 -12.75 -11.47 -6.83
N GLY E 82 -13.06 -10.20 -7.06
CA GLY E 82 -12.03 -9.18 -7.10
C GLY E 82 -11.35 -8.98 -5.76
N PHE E 83 -12.14 -8.93 -4.69
CA PHE E 83 -11.53 -8.79 -3.36
C PHE E 83 -10.60 -9.96 -3.06
N TYR E 84 -11.08 -11.18 -3.31
CA TYR E 84 -10.30 -12.36 -3.00
C TYR E 84 -9.02 -12.43 -3.82
N VAL E 85 -9.12 -12.14 -5.12
CA VAL E 85 -7.95 -12.23 -5.98
C VAL E 85 -6.94 -11.14 -5.66
N THR E 86 -7.41 -9.93 -5.33
CA THR E 86 -6.49 -8.88 -4.92
C THR E 86 -5.74 -9.28 -3.65
N LEU E 87 -6.47 -9.82 -2.67
CA LEU E 87 -5.80 -10.27 -1.44
C LEU E 87 -4.81 -11.39 -1.73
N VAL E 88 -5.20 -12.33 -2.59
CA VAL E 88 -4.32 -13.46 -2.92
C VAL E 88 -3.04 -12.96 -3.59
N VAL E 89 -3.15 -12.03 -4.52
CA VAL E 89 -1.97 -11.54 -5.23
C VAL E 89 -1.07 -10.74 -4.29
N THR E 90 -1.67 -9.91 -3.44
CA THR E 90 -0.86 -9.16 -2.47
C THR E 90 -0.10 -10.11 -1.55
N ARG E 91 -0.79 -11.13 -1.01
CA ARG E 91 -0.12 -12.10 -0.16
C ARG E 91 0.91 -12.92 -0.92
N TRP E 92 0.66 -13.17 -2.21
CA TRP E 92 1.59 -13.96 -3.02
C TRP E 92 2.91 -13.22 -3.22
N TRP E 93 2.83 -11.93 -3.59
CA TRP E 93 4.08 -11.19 -3.75
C TRP E 93 4.74 -10.91 -2.41
N ASN E 94 3.96 -10.78 -1.33
CA ASN E 94 4.57 -10.66 -0.02
C ASN E 94 5.28 -11.95 0.40
N GLN E 95 4.72 -13.11 0.04
CA GLN E 95 5.37 -14.37 0.34
C GLN E 95 6.65 -14.53 -0.46
N TYR E 96 6.67 -14.06 -1.71
CA TYR E 96 7.92 -14.12 -2.45
C TYR E 96 8.95 -13.14 -1.90
N GLU E 97 8.52 -11.95 -1.49
CA GLU E 97 9.45 -10.95 -0.98
C GLU E 97 10.12 -11.37 0.31
N ASN E 98 9.55 -12.33 1.03
CA ASN E 98 10.12 -12.81 2.28
C ASN E 98 10.86 -14.13 2.12
N LEU E 99 11.13 -14.55 0.89
CA LEU E 99 12.01 -15.68 0.67
C LEU E 99 13.44 -15.27 0.99
N PRO E 100 14.14 -15.96 1.88
CA PRO E 100 15.47 -15.50 2.30
C PRO E 100 16.52 -15.75 1.25
N TRP E 101 17.35 -14.72 1.03
CA TRP E 101 18.52 -14.82 0.16
C TRP E 101 19.75 -14.52 1.02
N PRO E 102 20.73 -15.42 1.08
CA PRO E 102 21.86 -15.22 2.00
C PRO E 102 23.00 -14.42 1.41
N ASP E 103 22.76 -13.67 0.33
CA ASP E 103 23.85 -13.06 -0.42
C ASP E 103 24.54 -11.96 0.40
N ARG E 104 23.77 -11.08 1.04
CA ARG E 104 24.38 -10.06 1.90
C ARG E 104 25.15 -10.72 3.05
N LEU E 105 24.53 -11.72 3.68
CA LEU E 105 25.17 -12.40 4.81
C LEU E 105 26.41 -13.15 4.35
N MET E 106 26.36 -13.80 3.20
CA MET E 106 27.52 -14.55 2.73
C MET E 106 28.65 -13.61 2.32
N SER E 107 28.33 -12.43 1.80
CA SER E 107 29.36 -11.44 1.55
C SER E 107 30.02 -11.00 2.86
N LEU E 108 29.21 -10.77 3.89
CA LEU E 108 29.77 -10.38 5.18
C LEU E 108 30.58 -11.50 5.81
N VAL E 109 30.18 -12.76 5.59
CA VAL E 109 30.95 -13.89 6.13
C VAL E 109 32.27 -14.02 5.38
N SER E 110 32.25 -13.89 4.06
CA SER E 110 33.47 -13.97 3.27
C SER E 110 34.42 -12.83 3.60
N GLY E 111 33.89 -11.66 3.97
CA GLY E 111 34.75 -10.55 4.33
C GLY E 111 35.26 -10.55 5.76
N PHE E 112 34.34 -10.61 6.72
CA PHE E 112 34.69 -10.34 8.12
C PHE E 112 35.45 -11.50 8.75
N VAL E 113 35.03 -12.73 8.50
CA VAL E 113 35.62 -13.89 9.17
C VAL E 113 36.93 -14.23 8.48
N GLU E 114 38.04 -14.00 9.18
CA GLU E 114 39.37 -14.12 8.60
C GLU E 114 39.94 -15.52 8.80
N GLY E 115 40.99 -15.81 8.04
CA GLY E 115 41.69 -17.07 8.14
C GLY E 115 41.59 -17.92 6.89
N LYS E 116 42.71 -18.06 6.18
CA LYS E 116 42.77 -18.93 5.00
C LYS E 116 43.15 -20.36 5.35
N ASP E 117 43.33 -20.67 6.63
CA ASP E 117 43.60 -22.03 7.06
C ASP E 117 42.32 -22.85 7.08
N GLU E 118 42.43 -24.10 7.53
CA GLU E 118 41.26 -24.98 7.53
C GLU E 118 40.25 -24.58 8.60
N GLN E 119 40.70 -23.95 9.68
CA GLN E 119 39.78 -23.57 10.75
C GLN E 119 38.88 -22.42 10.31
N GLY E 120 39.45 -21.41 9.65
CA GLY E 120 38.64 -20.33 9.13
C GLY E 120 37.68 -20.79 8.03
N ARG E 121 38.15 -21.68 7.15
CA ARG E 121 37.27 -22.28 6.16
C ARG E 121 36.10 -22.98 6.83
N LEU E 122 36.40 -23.81 7.84
CA LEU E 122 35.35 -24.54 8.55
C LEU E 122 34.38 -23.58 9.20
N LEU E 123 34.89 -22.52 9.82
CA LEU E 123 34.04 -21.56 10.52
C LEU E 123 33.10 -20.85 9.54
N ARG E 124 33.62 -20.37 8.41
CA ARG E 124 32.79 -19.68 7.44
C ARG E 124 31.75 -20.60 6.83
N ARG E 125 32.16 -21.82 6.46
CA ARG E 125 31.21 -22.77 5.90
C ARG E 125 30.13 -23.14 6.90
N THR E 126 30.50 -23.31 8.18
CA THR E 126 29.51 -23.63 9.20
C THR E 126 28.53 -22.49 9.42
N LEU E 127 29.01 -21.24 9.41
CA LEU E 127 28.10 -20.12 9.60
C LEU E 127 27.11 -20.00 8.43
N ILE E 128 27.63 -20.04 7.19
CA ILE E 128 26.72 -19.87 6.07
C ILE E 128 25.83 -21.10 5.89
N ARG E 129 26.29 -22.27 6.33
CA ARG E 129 25.42 -23.44 6.30
C ARG E 129 24.39 -23.42 7.43
N TYR E 130 24.69 -22.75 8.54
CA TYR E 130 23.64 -22.47 9.53
C TYR E 130 22.54 -21.61 8.91
N ALA E 131 22.94 -20.58 8.18
CA ALA E 131 21.95 -19.74 7.50
C ALA E 131 21.12 -20.56 6.52
N ASN E 132 21.78 -21.34 5.67
CA ASN E 132 21.07 -22.15 4.69
C ASN E 132 20.22 -23.23 5.34
N LEU E 133 20.68 -23.77 6.48
CA LEU E 133 19.92 -24.79 7.20
C LEU E 133 18.65 -24.20 7.79
N GLY E 134 18.73 -22.99 8.35
CA GLY E 134 17.52 -22.34 8.82
C GLY E 134 16.55 -22.06 7.69
N ASN E 135 17.07 -21.58 6.55
CA ASN E 135 16.21 -21.34 5.40
C ASN E 135 15.53 -22.62 4.92
N VAL E 136 16.28 -23.72 4.83
CA VAL E 136 15.70 -24.96 4.33
C VAL E 136 14.77 -25.57 5.38
N LEU E 137 15.01 -25.30 6.67
CA LEU E 137 14.11 -25.80 7.70
C LEU E 137 12.77 -25.09 7.64
N ILE E 138 12.77 -23.79 7.33
CA ILE E 138 11.47 -23.13 7.19
C ILE E 138 10.81 -23.49 5.86
N LEU E 139 11.59 -23.71 4.80
CA LEU E 139 11.01 -24.09 3.52
C LEU E 139 10.49 -25.51 3.52
N ARG E 140 11.04 -26.39 4.36
CA ARG E 140 10.49 -27.73 4.52
C ARG E 140 9.10 -27.67 5.15
N SER E 141 8.83 -26.66 5.96
CA SER E 141 7.55 -26.51 6.62
C SER E 141 6.53 -25.74 5.78
N VAL E 142 6.98 -24.78 4.98
CA VAL E 142 6.04 -23.96 4.20
C VAL E 142 5.83 -24.46 2.79
N SER E 143 6.65 -25.38 2.29
CA SER E 143 6.59 -25.83 0.91
C SER E 143 6.42 -27.34 0.86
N THR E 144 5.47 -27.79 0.04
CA THR E 144 5.27 -29.23 -0.14
C THR E 144 6.32 -29.85 -1.06
N ALA E 145 6.87 -29.08 -1.99
CA ALA E 145 7.91 -29.61 -2.86
C ALA E 145 9.21 -29.85 -2.07
N VAL E 146 9.59 -28.91 -1.22
CA VAL E 146 10.78 -29.09 -0.40
C VAL E 146 10.55 -30.22 0.61
N TYR E 147 9.34 -30.35 1.13
CA TYR E 147 9.04 -31.44 2.04
C TYR E 147 9.07 -32.79 1.34
N LYS E 148 8.64 -32.83 0.07
CA LYS E 148 8.75 -34.07 -0.70
C LYS E 148 10.21 -34.40 -1.03
N ARG E 149 11.04 -33.38 -1.19
CA ARG E 149 12.47 -33.63 -1.38
C ARG E 149 13.12 -34.08 -0.08
N PHE E 150 12.72 -33.50 1.05
CA PHE E 150 13.27 -33.81 2.36
C PHE E 150 12.14 -34.22 3.30
N PRO E 151 11.70 -35.47 3.25
CA PRO E 151 10.64 -35.91 4.17
C PRO E 151 11.05 -35.91 5.64
N SER E 152 12.36 -35.92 5.93
CA SER E 152 12.83 -35.95 7.30
C SER E 152 14.14 -35.17 7.39
N ALA E 153 14.58 -34.91 8.63
CA ALA E 153 15.86 -34.24 8.84
C ALA E 153 17.03 -35.13 8.46
N GLN E 154 16.84 -36.45 8.45
CA GLN E 154 17.88 -37.34 7.94
C GLN E 154 18.12 -37.13 6.46
N HIS E 155 17.07 -36.80 5.70
CA HIS E 155 17.26 -36.42 4.30
C HIS E 155 18.04 -35.13 4.18
N LEU E 156 17.93 -34.23 5.15
CA LEU E 156 18.77 -33.04 5.18
C LEU E 156 20.21 -33.39 5.52
N VAL E 157 20.41 -34.43 6.33
CA VAL E 157 21.76 -34.90 6.60
C VAL E 157 22.38 -35.50 5.34
N GLN E 158 21.59 -36.29 4.60
CA GLN E 158 22.08 -36.87 3.35
C GLN E 158 22.30 -35.83 2.27
N ALA E 159 21.69 -34.66 2.39
CA ALA E 159 21.82 -33.60 1.40
C ALA E 159 22.91 -32.58 1.77
N GLY E 160 23.66 -32.82 2.85
CA GLY E 160 24.72 -31.94 3.24
C GLY E 160 24.30 -30.66 3.94
N PHE E 161 23.00 -30.48 4.18
CA PHE E 161 22.54 -29.30 4.91
C PHE E 161 22.82 -29.40 6.39
N MET E 162 22.78 -30.61 6.94
CA MET E 162 22.92 -30.84 8.38
C MET E 162 23.96 -31.92 8.61
N THR E 163 24.85 -31.69 9.57
CA THR E 163 25.76 -32.74 9.99
C THR E 163 25.07 -33.64 11.00
N PRO E 164 25.55 -34.88 11.15
CA PRO E 164 24.96 -35.76 12.19
C PRO E 164 25.06 -35.19 13.59
N ALA E 165 26.11 -34.43 13.89
CA ALA E 165 26.18 -33.76 15.19
C ALA E 165 25.06 -32.74 15.35
N GLU E 166 24.80 -31.96 14.29
CA GLU E 166 23.69 -31.01 14.34
C GLU E 166 22.34 -31.72 14.44
N HIS E 167 22.20 -32.86 13.76
CA HIS E 167 20.97 -33.64 13.85
C HIS E 167 20.75 -34.15 15.27
N LYS E 168 21.80 -34.66 15.91
CA LYS E 168 21.69 -35.10 17.30
C LYS E 168 21.38 -33.95 18.23
N GLN E 169 22.01 -32.79 18.02
CA GLN E 169 21.75 -31.63 18.85
C GLN E 169 20.31 -31.15 18.68
N LEU E 170 19.80 -31.17 17.45
CA LEU E 170 18.42 -30.76 17.19
C LEU E 170 17.42 -31.75 17.76
N GLU E 171 17.74 -33.04 17.74
CA GLU E 171 16.88 -34.02 18.39
C GLU E 171 16.89 -33.85 19.91
N LYS E 172 18.04 -33.46 20.46
CA LYS E 172 18.12 -33.22 21.90
C LYS E 172 17.31 -32.00 22.31
N LEU E 173 17.30 -30.96 21.47
CA LEU E 173 16.59 -29.72 21.76
C LEU E 173 15.13 -29.75 21.32
N SER E 174 14.54 -30.93 21.20
CA SER E 174 13.20 -31.05 20.63
C SER E 174 12.16 -30.46 21.57
N LEU E 175 11.25 -29.69 21.00
CA LEU E 175 10.09 -29.11 21.65
C LEU E 175 8.88 -29.32 20.75
N PRO E 176 7.67 -29.20 21.28
CA PRO E 176 6.48 -29.43 20.45
C PRO E 176 6.18 -28.32 19.46
N HIS E 177 7.10 -27.39 19.23
CA HIS E 177 6.97 -26.37 18.21
C HIS E 177 7.96 -26.63 17.09
N ASN E 178 7.84 -25.84 16.03
CA ASN E 178 8.77 -25.93 14.92
C ASN E 178 10.17 -25.47 15.35
N MET E 179 11.19 -26.17 14.87
CA MET E 179 12.57 -25.93 15.29
C MET E 179 13.40 -25.24 14.22
N PHE E 180 12.78 -24.38 13.40
CA PHE E 180 13.52 -23.68 12.37
C PHE E 180 14.38 -22.55 12.94
N TRP E 181 14.06 -22.07 14.14
CA TRP E 181 14.76 -20.97 14.78
C TRP E 181 16.11 -21.38 15.37
N VAL E 182 16.37 -22.68 15.52
CA VAL E 182 17.59 -23.14 16.20
C VAL E 182 18.86 -22.70 15.48
N PRO E 183 18.99 -22.81 14.15
CA PRO E 183 20.24 -22.39 13.51
C PRO E 183 20.56 -20.91 13.71
N TRP E 184 19.57 -20.07 14.00
CA TRP E 184 19.87 -18.67 14.29
C TRP E 184 20.60 -18.50 15.62
N VAL E 185 20.15 -19.22 16.65
CA VAL E 185 20.87 -19.22 17.92
C VAL E 185 22.25 -19.85 17.74
N TRP E 186 22.33 -20.91 16.93
CA TRP E 186 23.65 -21.48 16.62
C TRP E 186 24.56 -20.47 15.95
N PHE E 187 24.02 -19.70 14.99
CA PHE E 187 24.80 -18.68 14.31
C PHE E 187 25.27 -17.61 15.28
N ALA E 188 24.39 -17.17 16.18
CA ALA E 188 24.78 -16.14 17.14
C ALA E 188 25.90 -16.64 18.05
N ASN E 189 25.77 -17.87 18.57
CA ASN E 189 26.79 -18.38 19.48
C ASN E 189 28.11 -18.64 18.75
N LEU E 190 28.05 -19.17 17.53
CA LEU E 190 29.27 -19.43 16.78
C LEU E 190 29.95 -18.13 16.37
N SER E 191 29.19 -17.10 16.03
CA SER E 191 29.78 -15.81 15.71
C SER E 191 30.41 -15.17 16.94
N MET E 192 29.77 -15.31 18.10
CA MET E 192 30.37 -14.82 19.34
C MET E 192 31.68 -15.55 19.63
N LYS E 193 31.70 -16.88 19.44
CA LYS E 193 32.94 -17.63 19.64
C LYS E 193 34.00 -17.22 18.64
N ALA E 194 33.60 -16.92 17.39
CA ALA E 194 34.56 -16.47 16.39
C ALA E 194 35.16 -15.12 16.76
N TRP E 195 34.33 -14.21 17.25
CA TRP E 195 34.85 -12.91 17.67
C TRP E 195 35.75 -13.03 18.89
N LEU E 196 35.39 -13.89 19.84
CA LEU E 196 36.23 -14.06 21.03
C LEU E 196 37.53 -14.80 20.69
N GLY E 197 37.53 -15.61 19.64
CA GLY E 197 38.72 -16.33 19.21
C GLY E 197 39.65 -15.55 18.30
N GLY E 198 39.31 -14.31 17.97
CA GLY E 198 40.14 -13.49 17.12
C GLY E 198 39.86 -13.62 15.63
N ARG E 199 38.97 -14.53 15.23
CA ARG E 199 38.65 -14.67 13.81
C ARG E 199 37.91 -13.46 13.28
N ILE E 200 37.08 -12.83 14.10
CA ILE E 200 36.44 -11.57 13.76
C ILE E 200 37.17 -10.47 14.51
N ARG E 201 37.69 -9.48 13.77
CA ARG E 201 38.62 -8.53 14.36
C ARG E 201 37.92 -7.49 15.22
N ASP E 202 36.73 -7.05 14.82
CA ASP E 202 36.01 -6.02 15.56
C ASP E 202 34.57 -6.44 15.80
N PRO E 203 33.98 -6.04 16.93
CA PRO E 203 32.58 -6.40 17.19
C PRO E 203 31.57 -5.68 16.30
N ILE E 204 31.97 -4.64 15.58
CA ILE E 204 31.06 -4.01 14.63
C ILE E 204 30.78 -4.96 13.46
N LEU E 205 31.79 -5.74 13.06
CA LEU E 205 31.58 -6.77 12.05
C LEU E 205 30.65 -7.87 12.57
N LEU E 206 30.79 -8.21 13.86
CA LEU E 206 29.87 -9.14 14.49
C LEU E 206 28.45 -8.61 14.46
N GLN E 207 28.29 -7.31 14.73
CA GLN E 207 26.96 -6.70 14.67
C GLN E 207 26.38 -6.76 13.27
N SER E 208 27.20 -6.48 12.24
CA SER E 208 26.71 -6.56 10.87
C SER E 208 26.29 -7.98 10.50
N LEU E 209 27.10 -8.97 10.88
CA LEU E 209 26.77 -10.35 10.60
C LEU E 209 25.45 -10.74 11.26
N LEU E 210 25.27 -10.38 12.53
CA LEU E 210 24.04 -10.74 13.22
C LEU E 210 22.85 -9.93 12.74
N ASN E 211 23.07 -8.71 12.22
CA ASN E 211 21.97 -7.97 11.62
C ASN E 211 21.48 -8.63 10.35
N GLU E 212 22.40 -9.08 9.49
CA GLU E 212 21.98 -9.82 8.31
C GLU E 212 21.28 -11.12 8.68
N MET E 213 21.82 -11.83 9.68
CA MET E 213 21.19 -13.07 10.13
C MET E 213 19.80 -12.81 10.69
N ASN E 214 19.62 -11.71 11.43
CA ASN E 214 18.30 -11.40 11.97
C ASN E 214 17.33 -10.95 10.90
N THR E 215 17.82 -10.29 9.84
CA THR E 215 16.94 -10.00 8.70
C THR E 215 16.46 -11.29 8.05
N LEU E 216 17.36 -12.26 7.90
CA LEU E 216 16.93 -13.57 7.40
C LEU E 216 15.93 -14.22 8.34
N ARG E 217 16.12 -14.06 9.65
CA ARG E 217 15.19 -14.60 10.62
C ARG E 217 13.81 -13.96 10.47
N THR E 218 13.76 -12.65 10.25
CA THR E 218 12.48 -11.98 10.05
C THR E 218 11.79 -12.47 8.78
N GLN E 219 12.56 -12.66 7.70
CA GLN E 219 11.97 -13.18 6.47
C GLN E 219 11.41 -14.58 6.67
N CYS E 220 12.16 -15.45 7.36
CA CYS E 220 11.67 -16.81 7.60
C CYS E 220 10.48 -16.81 8.54
N GLY E 221 10.44 -15.90 9.52
CA GLY E 221 9.28 -15.78 10.37
C GLY E 221 8.06 -15.31 9.61
N HIS E 222 8.24 -14.41 8.64
CA HIS E 222 7.13 -14.01 7.79
C HIS E 222 6.65 -15.17 6.92
N LEU E 223 7.58 -16.00 6.44
CA LEU E 223 7.17 -17.19 5.69
C LEU E 223 6.35 -18.13 6.57
N TYR E 224 6.81 -18.36 7.79
CA TYR E 224 6.06 -19.19 8.73
C TYR E 224 4.70 -18.57 9.05
N ALA E 225 4.64 -17.24 9.15
CA ALA E 225 3.39 -16.55 9.41
C ALA E 225 2.40 -16.74 8.26
N TYR E 226 2.88 -16.63 7.02
CA TYR E 226 1.99 -16.81 5.87
C TYR E 226 1.56 -18.25 5.71
N ASP E 227 2.41 -19.21 6.09
CA ASP E 227 2.00 -20.61 6.05
C ASP E 227 0.97 -20.91 7.14
N TRP E 228 1.17 -20.38 8.33
CA TRP E 228 0.28 -20.65 9.45
C TRP E 228 -1.03 -19.88 9.30
N ILE E 229 -0.95 -18.56 9.25
CA ILE E 229 -2.12 -17.70 9.16
C ILE E 229 -2.53 -17.64 7.68
N SER E 230 -3.47 -18.50 7.30
CA SER E 230 -3.98 -18.50 5.94
C SER E 230 -5.02 -17.41 5.76
N ILE E 231 -5.43 -17.20 4.52
CA ILE E 231 -6.65 -16.40 4.30
C ILE E 231 -7.79 -17.09 5.02
N PRO E 232 -8.66 -16.36 5.74
CA PRO E 232 -9.72 -17.03 6.49
C PRO E 232 -10.57 -17.93 5.60
N LEU E 233 -10.86 -19.13 6.11
CA LEU E 233 -11.61 -20.12 5.34
C LEU E 233 -12.98 -19.62 4.93
N VAL E 234 -13.53 -18.67 5.67
CA VAL E 234 -14.83 -18.10 5.33
C VAL E 234 -14.78 -17.41 3.97
N TYR E 235 -13.70 -16.68 3.70
CA TYR E 235 -13.54 -16.02 2.40
C TYR E 235 -13.50 -17.03 1.26
N THR E 236 -12.71 -18.09 1.45
CA THR E 236 -12.61 -19.12 0.41
C THR E 236 -13.96 -19.79 0.18
N GLN E 237 -14.67 -20.13 1.25
CA GLN E 237 -15.98 -20.76 1.10
C GLN E 237 -16.96 -19.82 0.41
N VAL E 238 -16.94 -18.54 0.76
CA VAL E 238 -17.89 -17.59 0.16
C VAL E 238 -17.61 -17.43 -1.33
N VAL E 239 -16.34 -17.26 -1.71
CA VAL E 239 -16.05 -17.08 -3.13
C VAL E 239 -16.30 -18.36 -3.92
N THR E 240 -16.01 -19.52 -3.33
CA THR E 240 -16.30 -20.78 -4.01
C THR E 240 -17.79 -20.97 -4.22
N VAL E 241 -18.59 -20.69 -3.19
CA VAL E 241 -20.04 -20.79 -3.33
C VAL E 241 -20.55 -19.78 -4.33
N ALA E 242 -19.95 -18.58 -4.38
CA ALA E 242 -20.37 -17.58 -5.35
C ALA E 242 -20.17 -18.09 -6.78
N VAL E 243 -18.96 -18.55 -7.10
CA VAL E 243 -18.70 -19.01 -8.46
C VAL E 243 -19.53 -20.25 -8.79
N TYR E 244 -19.58 -21.21 -7.86
CA TYR E 244 -20.30 -22.46 -8.12
C TYR E 244 -21.79 -22.23 -8.27
N SER E 245 -22.38 -21.35 -7.45
CA SER E 245 -23.79 -21.06 -7.57
C SER E 245 -24.08 -20.27 -8.83
N PHE E 246 -23.19 -19.35 -9.20
CA PHE E 246 -23.36 -18.60 -10.44
C PHE E 246 -23.45 -19.53 -11.63
N PHE E 247 -22.53 -20.50 -11.72
CA PHE E 247 -22.54 -21.35 -12.90
C PHE E 247 -23.46 -22.56 -12.79
N LEU E 248 -23.85 -22.95 -11.57
CA LEU E 248 -24.96 -23.89 -11.44
C LEU E 248 -26.27 -23.25 -11.87
N THR E 249 -26.45 -21.95 -11.60
CA THR E 249 -27.58 -21.22 -12.15
C THR E 249 -27.48 -21.13 -13.67
N CYS E 250 -26.29 -20.83 -14.18
CA CYS E 250 -26.09 -20.77 -15.63
C CYS E 250 -26.31 -22.12 -16.31
N LEU E 251 -26.20 -23.22 -15.57
CA LEU E 251 -26.51 -24.53 -16.13
C LEU E 251 -27.97 -24.63 -16.57
N VAL E 252 -28.85 -23.83 -15.99
CA VAL E 252 -30.28 -23.89 -16.29
C VAL E 252 -30.74 -22.62 -17.02
N GLY E 253 -30.38 -21.45 -16.50
CA GLY E 253 -30.86 -20.19 -17.05
C GLY E 253 -30.25 -19.82 -18.38
N ARG E 254 -29.07 -20.34 -18.70
CA ARG E 254 -28.41 -20.07 -19.96
C ARG E 254 -28.72 -21.11 -21.03
N GLN E 255 -29.66 -22.01 -20.77
CA GLN E 255 -30.08 -22.97 -21.77
C GLN E 255 -30.83 -22.26 -22.91
N PHE E 256 -30.62 -22.73 -24.12
CA PHE E 256 -31.31 -22.18 -25.29
C PHE E 256 -32.71 -22.77 -25.35
N LEU E 257 -33.72 -21.93 -25.14
CA LEU E 257 -35.10 -22.39 -25.14
C LEU E 257 -35.60 -22.60 -26.57
N ASN E 258 -36.79 -23.16 -26.68
CA ASN E 258 -37.37 -23.48 -27.98
C ASN E 258 -37.74 -22.21 -28.72
N PRO E 259 -37.18 -21.97 -29.91
CA PRO E 259 -37.54 -20.75 -30.66
C PRO E 259 -38.97 -20.73 -31.16
N ALA E 260 -39.64 -21.89 -31.22
CA ALA E 260 -41.04 -21.91 -31.62
C ALA E 260 -41.92 -21.19 -30.61
N LYS E 261 -41.55 -21.21 -29.33
CA LYS E 261 -42.30 -20.50 -28.30
C LYS E 261 -42.16 -18.98 -28.43
N ALA E 262 -41.15 -18.51 -29.15
CA ALA E 262 -40.92 -17.08 -29.38
C ALA E 262 -40.79 -16.30 -28.07
N TYR E 263 -39.95 -16.81 -27.18
CA TYR E 263 -39.68 -16.11 -25.94
C TYR E 263 -38.79 -14.89 -26.20
N PRO E 264 -39.00 -13.80 -25.47
CA PRO E 264 -38.14 -12.61 -25.62
C PRO E 264 -36.74 -12.91 -25.14
N GLY E 265 -35.75 -12.70 -26.02
CA GLY E 265 -34.37 -13.00 -25.73
C GLY E 265 -33.92 -14.38 -26.12
N HIS E 266 -34.84 -15.26 -26.52
CA HIS E 266 -34.51 -16.61 -26.96
C HIS E 266 -34.99 -16.86 -28.39
N GLU E 267 -34.94 -15.83 -29.24
CA GLU E 267 -35.39 -15.98 -30.60
C GLU E 267 -34.45 -16.88 -31.41
N LEU E 268 -33.15 -16.68 -31.25
CA LEU E 268 -32.14 -17.43 -31.99
C LEU E 268 -31.65 -18.60 -31.14
N ASP E 269 -31.75 -19.81 -31.67
CA ASP E 269 -31.36 -21.02 -30.96
C ASP E 269 -30.02 -21.49 -31.50
N LEU E 270 -28.95 -21.18 -30.77
CA LEU E 270 -27.64 -21.75 -31.05
C LEU E 270 -27.46 -23.03 -30.25
N VAL E 271 -26.41 -23.76 -30.55
CA VAL E 271 -26.06 -24.96 -29.81
C VAL E 271 -25.03 -24.68 -28.73
N VAL E 272 -24.02 -23.88 -29.05
CA VAL E 272 -22.93 -23.58 -28.13
C VAL E 272 -23.20 -22.22 -27.48
N PRO E 273 -23.35 -22.16 -26.16
CA PRO E 273 -23.44 -20.85 -25.49
C PRO E 273 -22.09 -20.17 -25.40
N VAL E 274 -21.71 -19.45 -26.45
CA VAL E 274 -20.38 -18.84 -26.52
C VAL E 274 -20.17 -17.86 -25.37
N PHE E 275 -21.18 -17.01 -25.10
CA PHE E 275 -21.03 -16.02 -24.05
C PHE E 275 -20.98 -16.66 -22.67
N THR E 276 -21.79 -17.69 -22.44
CA THR E 276 -21.75 -18.39 -21.16
C THR E 276 -20.41 -19.09 -20.96
N PHE E 277 -19.86 -19.69 -22.02
CA PHE E 277 -18.57 -20.34 -21.92
C PHE E 277 -17.45 -19.32 -21.71
N LEU E 278 -17.56 -18.13 -22.32
CA LEU E 278 -16.60 -17.06 -22.05
C LEU E 278 -16.68 -16.59 -20.61
N GLN E 279 -17.90 -16.47 -20.08
CA GLN E 279 -18.06 -16.11 -18.67
C GLN E 279 -17.46 -17.17 -17.76
N PHE E 280 -17.67 -18.45 -18.10
CA PHE E 280 -17.04 -19.52 -17.34
C PHE E 280 -15.53 -19.39 -17.41
N PHE E 281 -15.00 -19.19 -18.61
CA PHE E 281 -13.57 -18.95 -18.78
C PHE E 281 -13.08 -17.87 -17.82
N PHE E 282 -13.64 -16.67 -17.92
CA PHE E 282 -13.13 -15.55 -17.13
C PHE E 282 -13.29 -15.79 -15.63
N TYR E 283 -14.51 -16.10 -15.17
CA TYR E 283 -14.77 -16.15 -13.73
C TYR E 283 -14.12 -17.38 -13.09
N VAL E 284 -14.30 -18.56 -13.70
CA VAL E 284 -13.70 -19.75 -13.14
C VAL E 284 -12.19 -19.71 -13.27
N GLY E 285 -11.65 -19.03 -14.29
CA GLY E 285 -10.20 -18.86 -14.36
C GLY E 285 -9.69 -17.93 -13.27
N TRP E 286 -10.45 -16.88 -12.96
CA TRP E 286 -10.11 -16.05 -11.80
C TRP E 286 -10.11 -16.89 -10.53
N LEU E 287 -11.11 -17.75 -10.36
CA LEU E 287 -11.15 -18.64 -9.21
C LEU E 287 -9.96 -19.59 -9.20
N LYS E 288 -9.58 -20.10 -10.37
CA LYS E 288 -8.48 -21.06 -10.45
C LYS E 288 -7.13 -20.41 -10.18
N VAL E 289 -6.95 -19.15 -10.61
CA VAL E 289 -5.71 -18.47 -10.26
C VAL E 289 -5.69 -18.14 -8.78
N ALA E 290 -6.86 -17.88 -8.18
CA ALA E 290 -6.92 -17.78 -6.73
C ALA E 290 -6.52 -19.10 -6.07
N GLU E 291 -6.97 -20.21 -6.63
CA GLU E 291 -6.61 -21.53 -6.12
C GLU E 291 -5.14 -21.86 -6.32
N GLN E 292 -4.52 -21.28 -7.36
CA GLN E 292 -3.13 -21.60 -7.68
C GLN E 292 -2.14 -20.72 -6.92
N LEU E 293 -2.48 -19.46 -6.68
CA LEU E 293 -1.60 -18.56 -5.96
C LEU E 293 -1.90 -18.47 -4.46
N ILE E 294 -2.88 -19.22 -3.97
CA ILE E 294 -3.19 -19.18 -2.55
C ILE E 294 -2.04 -19.77 -1.74
N ASN E 295 -1.42 -20.84 -2.25
CA ASN E 295 -0.22 -21.42 -1.67
C ASN E 295 0.82 -21.50 -2.78
N PRO E 296 1.66 -20.48 -2.92
CA PRO E 296 2.64 -20.45 -4.00
C PRO E 296 3.87 -21.32 -3.77
N PHE E 297 3.84 -22.20 -2.77
CA PHE E 297 4.94 -23.10 -2.48
C PHE E 297 4.60 -24.55 -2.77
N GLY E 298 3.53 -24.81 -3.53
CA GLY E 298 3.18 -26.16 -3.89
C GLY E 298 3.98 -26.68 -5.07
N GLU E 299 3.30 -27.32 -6.02
CA GLU E 299 3.95 -27.88 -7.20
C GLU E 299 3.19 -27.52 -8.47
N ASP E 300 2.56 -26.36 -8.49
CA ASP E 300 1.95 -25.85 -9.71
C ASP E 300 3.01 -25.33 -10.66
N ASP E 301 2.62 -25.13 -11.92
CA ASP E 301 3.56 -24.61 -12.91
C ASP E 301 4.00 -23.20 -12.56
N ASP E 302 3.09 -22.36 -12.06
CA ASP E 302 3.41 -20.99 -11.70
C ASP E 302 3.83 -20.84 -10.25
N ASP E 303 3.94 -21.92 -9.49
CA ASP E 303 4.43 -21.85 -8.13
C ASP E 303 5.96 -21.65 -8.13
N PHE E 304 6.48 -21.20 -7.00
CA PHE E 304 7.88 -20.87 -6.91
C PHE E 304 8.76 -22.11 -7.02
N GLU E 305 9.92 -21.95 -7.65
CA GLU E 305 10.89 -23.04 -7.77
C GLU E 305 11.79 -23.06 -6.52
N THR E 306 11.17 -23.47 -5.41
CA THR E 306 11.84 -23.38 -4.12
C THR E 306 12.99 -24.38 -3.99
N ASN E 307 12.89 -25.55 -4.62
CA ASN E 307 14.02 -26.47 -4.61
C ASN E 307 15.22 -25.88 -5.36
N TRP E 308 14.96 -25.23 -6.49
CA TRP E 308 16.04 -24.56 -7.20
C TRP E 308 16.64 -23.45 -6.37
N ILE E 309 15.80 -22.69 -5.65
CA ILE E 309 16.30 -21.62 -4.80
C ILE E 309 17.16 -22.19 -3.68
N VAL E 310 16.73 -23.31 -3.09
CA VAL E 310 17.51 -23.96 -2.04
C VAL E 310 18.88 -24.39 -2.56
N ASP E 311 18.88 -25.08 -3.70
CA ASP E 311 20.15 -25.55 -4.27
C ASP E 311 21.05 -24.40 -4.65
N ARG E 312 20.49 -23.35 -5.27
CA ARG E 312 21.29 -22.21 -5.68
C ARG E 312 21.85 -21.47 -4.48
N ASN E 313 21.05 -21.28 -3.44
CA ASN E 313 21.55 -20.60 -2.24
C ASN E 313 22.67 -21.39 -1.60
N LEU E 314 22.51 -22.71 -1.47
CA LEU E 314 23.56 -23.51 -0.86
C LEU E 314 24.84 -23.45 -1.69
N GLN E 315 24.73 -23.67 -2.99
CA GLN E 315 25.91 -23.70 -3.86
C GLN E 315 26.61 -22.35 -3.89
N VAL E 316 25.85 -21.27 -4.07
CA VAL E 316 26.42 -19.94 -4.18
C VAL E 316 27.05 -19.51 -2.86
N SER E 317 26.39 -19.80 -1.74
CA SER E 317 26.95 -19.44 -0.44
C SER E 317 28.24 -20.20 -0.17
N LEU E 318 28.28 -21.50 -0.46
CA LEU E 318 29.48 -22.27 -0.20
C LEU E 318 30.61 -21.86 -1.14
N LEU E 319 30.29 -21.41 -2.35
CA LEU E 319 31.33 -20.88 -3.22
C LEU E 319 31.83 -19.53 -2.71
N ALA E 320 30.92 -18.68 -2.22
CA ALA E 320 31.30 -17.32 -1.85
C ALA E 320 32.13 -17.29 -0.58
N VAL E 321 31.80 -18.13 0.41
CA VAL E 321 32.50 -18.05 1.69
C VAL E 321 33.79 -18.85 1.74
N ASP E 322 34.01 -19.76 0.78
CA ASP E 322 35.16 -20.65 0.83
C ASP E 322 36.17 -20.37 -0.28
N GLU E 323 35.74 -20.45 -1.54
CA GLU E 323 36.66 -20.26 -2.64
C GLU E 323 36.94 -18.78 -2.94
N MET E 324 36.03 -17.90 -2.55
CA MET E 324 36.16 -16.48 -2.85
C MET E 324 36.65 -15.67 -1.66
N HIS E 325 36.98 -16.30 -0.55
CA HIS E 325 37.49 -15.57 0.60
C HIS E 325 38.92 -15.11 0.33
N GLN E 326 39.12 -13.79 0.32
CA GLN E 326 40.41 -13.17 0.04
C GLN E 326 41.01 -13.69 -1.26
N ASP E 327 40.15 -13.98 -2.24
CA ASP E 327 40.55 -14.42 -3.57
C ASP E 327 40.04 -13.36 -4.54
N LEU E 328 40.86 -12.34 -4.77
CA LEU E 328 40.42 -11.22 -5.58
C LEU E 328 41.11 -11.24 -6.94
N PRO E 329 40.44 -10.75 -7.98
CA PRO E 329 41.12 -10.52 -9.25
C PRO E 329 42.16 -9.43 -9.10
N ARG E 330 43.20 -9.51 -9.93
CA ARG E 330 44.30 -8.56 -9.84
C ARG E 330 43.81 -7.14 -10.06
N MET E 331 44.17 -6.24 -9.15
CA MET E 331 43.71 -4.86 -9.19
C MET E 331 44.57 -4.08 -10.17
N GLU E 332 44.01 -3.75 -11.32
CA GLU E 332 44.72 -3.10 -12.41
C GLU E 332 43.94 -1.89 -12.89
N PRO E 333 44.61 -0.89 -13.46
CA PRO E 333 43.91 0.27 -13.99
C PRO E 333 42.91 -0.12 -15.08
N ASP E 334 41.76 0.55 -15.09
CA ASP E 334 40.68 0.25 -16.01
C ASP E 334 40.86 1.04 -17.30
N MET E 335 39.84 1.02 -18.16
CA MET E 335 39.94 1.69 -19.45
C MET E 335 39.96 3.20 -19.30
N TYR E 336 39.20 3.74 -18.36
CA TYR E 336 39.09 5.18 -18.18
C TYR E 336 40.10 5.73 -17.18
N TRP E 337 41.21 5.04 -16.98
CA TRP E 337 42.24 5.49 -16.05
C TRP E 337 42.95 6.71 -16.65
N ASN E 338 42.77 7.86 -16.01
CA ASN E 338 43.38 9.12 -16.44
C ASN E 338 43.03 9.45 -17.90
CA CA F . 8.22 -2.74 -22.45
CA CA G . 0.70 21.53 -10.72
CA CA H . -12.21 15.83 13.41
CA CA I . -12.66 -11.96 16.57
CA CA J . -0.03 -23.38 -5.58
#